data_2ICG
# 
_entry.id   2ICG 
# 
_audit_conform.dict_name       mmcif_pdbx.dic 
_audit_conform.dict_version    5.398 
_audit_conform.dict_location   http://mmcif.pdb.org/dictionaries/ascii/mmcif_pdbx.dic 
# 
loop_
_database_2.database_id 
_database_2.database_code 
_database_2.pdbx_database_accession 
_database_2.pdbx_DOI 
PDB   2ICG         pdb_00002icg 10.2210/pdb2icg/pdb 
RCSB  RCSB039409   ?            ?                   
WWPDB D_1000039409 ?            ?                   
# 
loop_
_pdbx_audit_revision_history.ordinal 
_pdbx_audit_revision_history.data_content_type 
_pdbx_audit_revision_history.major_revision 
_pdbx_audit_revision_history.minor_revision 
_pdbx_audit_revision_history.revision_date 
1 'Structure model' 1 0 2006-09-26 
2 'Structure model' 1 1 2008-05-01 
3 'Structure model' 1 2 2011-07-13 
4 'Structure model' 1 3 2017-10-18 
5 'Structure model' 1 4 2017-10-25 
6 'Structure model' 1 5 2023-01-25 
7 'Structure model' 1 6 2024-11-13 
# 
_pdbx_audit_revision_details.ordinal             1 
_pdbx_audit_revision_details.revision_ordinal    1 
_pdbx_audit_revision_details.data_content_type   'Structure model' 
_pdbx_audit_revision_details.provider            repository 
_pdbx_audit_revision_details.type                'Initial release' 
_pdbx_audit_revision_details.description         ? 
_pdbx_audit_revision_details.details             ? 
# 
loop_
_pdbx_audit_revision_group.ordinal 
_pdbx_audit_revision_group.revision_ordinal 
_pdbx_audit_revision_group.data_content_type 
_pdbx_audit_revision_group.group 
1 2 'Structure model' 'Version format compliance'  
2 3 'Structure model' Advisory                     
3 3 'Structure model' 'Version format compliance'  
4 4 'Structure model' 'Refinement description'     
5 5 'Structure model' 'Author supporting evidence' 
6 6 'Structure model' 'Database references'        
7 6 'Structure model' 'Derived calculations'       
8 7 'Structure model' 'Data collection'            
9 7 'Structure model' 'Structure summary'          
# 
loop_
_pdbx_audit_revision_category.ordinal 
_pdbx_audit_revision_category.revision_ordinal 
_pdbx_audit_revision_category.data_content_type 
_pdbx_audit_revision_category.category 
1  4 'Structure model' software                           
2  5 'Structure model' pdbx_struct_assembly_auth_evidence 
3  6 'Structure model' database_2                         
4  6 'Structure model' struct_conn                        
5  6 'Structure model' struct_ref_seq_dif                 
6  6 'Structure model' struct_site                        
7  7 'Structure model' chem_comp_atom                     
8  7 'Structure model' chem_comp_bond                     
9  7 'Structure model' pdbx_entry_details                 
10 7 'Structure model' pdbx_modification_feature          
# 
loop_
_pdbx_audit_revision_item.ordinal 
_pdbx_audit_revision_item.revision_ordinal 
_pdbx_audit_revision_item.data_content_type 
_pdbx_audit_revision_item.item 
1 4 'Structure model' '_software.classification'            
2 4 'Structure model' '_software.name'                      
3 6 'Structure model' '_database_2.pdbx_DOI'                
4 6 'Structure model' '_database_2.pdbx_database_accession' 
5 6 'Structure model' '_struct_conn.pdbx_leaving_atom_flag' 
6 6 'Structure model' '_struct_ref_seq_dif.details'         
7 6 'Structure model' '_struct_site.pdbx_auth_asym_id'      
8 6 'Structure model' '_struct_site.pdbx_auth_comp_id'      
9 6 'Structure model' '_struct_site.pdbx_auth_seq_id'       
# 
_pdbx_database_status.SG_entry                        Y 
_pdbx_database_status.entry_id                        2ICG 
_pdbx_database_status.deposit_site                    RCSB 
_pdbx_database_status.process_site                    RCSB 
_pdbx_database_status.recvd_initial_deposition_date   2006-09-12 
_pdbx_database_status.status_code                     REL 
_pdbx_database_status.status_code_sf                  REL 
_pdbx_database_status.status_code_mr                  ? 
_pdbx_database_status.pdb_format_compatible           Y 
_pdbx_database_status.status_code_cs                  ? 
_pdbx_database_status.methods_development_category    ? 
_pdbx_database_status.status_code_nmr_data            ? 
# 
_pdbx_database_related.db_name        TargetDB 
_pdbx_database_related.db_id          368054 
_pdbx_database_related.details        . 
_pdbx_database_related.content_type   unspecified 
# 
_audit_author.name           'Joint Center for Structural Genomics (JCSG)' 
_audit_author.pdbx_ordinal   1 
# 
_citation.id                        primary 
_citation.title                     
'Crystal structure of hypothetical protein (NP_472245.1) from Listeria Innocua at 1.65 A resolution' 
_citation.journal_abbrev            'To be published' 
_citation.journal_volume            ? 
_citation.page_first                ? 
_citation.page_last                 ? 
_citation.year                      ? 
_citation.journal_id_ASTM           ? 
_citation.country                   ? 
_citation.journal_id_ISSN           ? 
_citation.journal_id_CSD            0353 
_citation.book_publisher            ? 
_citation.pdbx_database_id_PubMed   ? 
_citation.pdbx_database_id_DOI      ? 
# 
_citation_author.citation_id        primary 
_citation_author.name               'Joint Center for Structural Genomics (JCSG)' 
_citation_author.ordinal            1 
_citation_author.identifier_ORCID   ? 
# 
loop_
_entity.id 
_entity.type 
_entity.src_method 
_entity.pdbx_description 
_entity.formula_weight 
_entity.pdbx_number_of_molecules 
_entity.pdbx_ec 
_entity.pdbx_mutation 
_entity.pdbx_fragment 
_entity.details 
1 polymer     man 'Lin2918 protein' 17628.346 1   ? ? ? ? 
2 non-polymer syn 'CHLORIDE ION'    35.453    1   ? ? ? ? 
3 non-polymer syn 'SULFATE ION'     96.063    1   ? ? ? ? 
4 water       nat water             18.015    172 ? ? ? ? 
# 
_entity_poly.entity_id                      1 
_entity_poly.type                           'polypeptide(L)' 
_entity_poly.nstd_linkage                   no 
_entity_poly.nstd_monomer                   yes 
_entity_poly.pdbx_seq_one_letter_code       
;G(MSE)ASSFLEEVDRLITLSGITFHASGTGTPELIKIYQDALGNEFPETYKLFLEKYGTLTFNGVSFYGISKRGLSAAS
IPDVKFATEQARTFGDINKE(MSE)I(MSE)IKNSGYGSIFSIDTSIIGSEGEPVIVETNLSFKDNTEKKVVANSFGEFL
LEEIELSLTDLG
;
_entity_poly.pdbx_seq_one_letter_code_can   
;GMASSFLEEVDRLITLSGITFHASGTGTPELIKIYQDALGNEFPETYKLFLEKYGTLTFNGVSFYGISKRGLSAASIPDV
KFATEQARTFGDINKEMIMIKNSGYGSIFSIDTSIIGSEGEPVIVETNLSFKDNTEKKVVANSFGEFLLEEIELSLTDLG
;
_entity_poly.pdbx_strand_id                 A 
_entity_poly.pdbx_target_identifier         368054 
# 
loop_
_pdbx_entity_nonpoly.entity_id 
_pdbx_entity_nonpoly.name 
_pdbx_entity_nonpoly.comp_id 
2 'CHLORIDE ION' CL  
3 'SULFATE ION'  SO4 
4 water          HOH 
# 
loop_
_entity_poly_seq.entity_id 
_entity_poly_seq.num 
_entity_poly_seq.mon_id 
_entity_poly_seq.hetero 
1 1   GLY n 
1 2   MSE n 
1 3   ALA n 
1 4   SER n 
1 5   SER n 
1 6   PHE n 
1 7   LEU n 
1 8   GLU n 
1 9   GLU n 
1 10  VAL n 
1 11  ASP n 
1 12  ARG n 
1 13  LEU n 
1 14  ILE n 
1 15  THR n 
1 16  LEU n 
1 17  SER n 
1 18  GLY n 
1 19  ILE n 
1 20  THR n 
1 21  PHE n 
1 22  HIS n 
1 23  ALA n 
1 24  SER n 
1 25  GLY n 
1 26  THR n 
1 27  GLY n 
1 28  THR n 
1 29  PRO n 
1 30  GLU n 
1 31  LEU n 
1 32  ILE n 
1 33  LYS n 
1 34  ILE n 
1 35  TYR n 
1 36  GLN n 
1 37  ASP n 
1 38  ALA n 
1 39  LEU n 
1 40  GLY n 
1 41  ASN n 
1 42  GLU n 
1 43  PHE n 
1 44  PRO n 
1 45  GLU n 
1 46  THR n 
1 47  TYR n 
1 48  LYS n 
1 49  LEU n 
1 50  PHE n 
1 51  LEU n 
1 52  GLU n 
1 53  LYS n 
1 54  TYR n 
1 55  GLY n 
1 56  THR n 
1 57  LEU n 
1 58  THR n 
1 59  PHE n 
1 60  ASN n 
1 61  GLY n 
1 62  VAL n 
1 63  SER n 
1 64  PHE n 
1 65  TYR n 
1 66  GLY n 
1 67  ILE n 
1 68  SER n 
1 69  LYS n 
1 70  ARG n 
1 71  GLY n 
1 72  LEU n 
1 73  SER n 
1 74  ALA n 
1 75  ALA n 
1 76  SER n 
1 77  ILE n 
1 78  PRO n 
1 79  ASP n 
1 80  VAL n 
1 81  LYS n 
1 82  PHE n 
1 83  ALA n 
1 84  THR n 
1 85  GLU n 
1 86  GLN n 
1 87  ALA n 
1 88  ARG n 
1 89  THR n 
1 90  PHE n 
1 91  GLY n 
1 92  ASP n 
1 93  ILE n 
1 94  ASN n 
1 95  LYS n 
1 96  GLU n 
1 97  MSE n 
1 98  ILE n 
1 99  MSE n 
1 100 ILE n 
1 101 LYS n 
1 102 ASN n 
1 103 SER n 
1 104 GLY n 
1 105 TYR n 
1 106 GLY n 
1 107 SER n 
1 108 ILE n 
1 109 PHE n 
1 110 SER n 
1 111 ILE n 
1 112 ASP n 
1 113 THR n 
1 114 SER n 
1 115 ILE n 
1 116 ILE n 
1 117 GLY n 
1 118 SER n 
1 119 GLU n 
1 120 GLY n 
1 121 GLU n 
1 122 PRO n 
1 123 VAL n 
1 124 ILE n 
1 125 VAL n 
1 126 GLU n 
1 127 THR n 
1 128 ASN n 
1 129 LEU n 
1 130 SER n 
1 131 PHE n 
1 132 LYS n 
1 133 ASP n 
1 134 ASN n 
1 135 THR n 
1 136 GLU n 
1 137 LYS n 
1 138 LYS n 
1 139 VAL n 
1 140 VAL n 
1 141 ALA n 
1 142 ASN n 
1 143 SER n 
1 144 PHE n 
1 145 GLY n 
1 146 GLU n 
1 147 PHE n 
1 148 LEU n 
1 149 LEU n 
1 150 GLU n 
1 151 GLU n 
1 152 ILE n 
1 153 GLU n 
1 154 LEU n 
1 155 SER n 
1 156 LEU n 
1 157 THR n 
1 158 ASP n 
1 159 LEU n 
1 160 GLY n 
# 
_entity_src_gen.entity_id                          1 
_entity_src_gen.pdbx_src_id                        1 
_entity_src_gen.pdbx_alt_source_flag               sample 
_entity_src_gen.pdbx_seq_type                      ? 
_entity_src_gen.pdbx_beg_seq_num                   ? 
_entity_src_gen.pdbx_end_seq_num                   ? 
_entity_src_gen.gene_src_common_name               ? 
_entity_src_gen.gene_src_genus                     Listeria 
_entity_src_gen.pdbx_gene_src_gene                 NP_472245.1 
_entity_src_gen.gene_src_species                   ? 
_entity_src_gen.gene_src_strain                    ? 
_entity_src_gen.gene_src_tissue                    ? 
_entity_src_gen.gene_src_tissue_fraction           ? 
_entity_src_gen.gene_src_details                   ? 
_entity_src_gen.pdbx_gene_src_fragment             ? 
_entity_src_gen.pdbx_gene_src_scientific_name      'Listeria innocua' 
_entity_src_gen.pdbx_gene_src_ncbi_taxonomy_id     1642 
_entity_src_gen.pdbx_gene_src_variant              ? 
_entity_src_gen.pdbx_gene_src_cell_line            ? 
_entity_src_gen.pdbx_gene_src_atcc                 ? 
_entity_src_gen.pdbx_gene_src_organ                ? 
_entity_src_gen.pdbx_gene_src_organelle            ? 
_entity_src_gen.pdbx_gene_src_cell                 ? 
_entity_src_gen.pdbx_gene_src_cellular_location    ? 
_entity_src_gen.host_org_common_name               ? 
_entity_src_gen.pdbx_host_org_scientific_name      'Escherichia coli' 
_entity_src_gen.pdbx_host_org_ncbi_taxonomy_id     562 
_entity_src_gen.host_org_genus                     Escherichia 
_entity_src_gen.pdbx_host_org_gene                 ? 
_entity_src_gen.pdbx_host_org_organ                ? 
_entity_src_gen.host_org_species                   ? 
_entity_src_gen.pdbx_host_org_tissue               ? 
_entity_src_gen.pdbx_host_org_tissue_fraction      ? 
_entity_src_gen.pdbx_host_org_strain               ? 
_entity_src_gen.pdbx_host_org_variant              ? 
_entity_src_gen.pdbx_host_org_cell_line            ? 
_entity_src_gen.pdbx_host_org_atcc                 ? 
_entity_src_gen.pdbx_host_org_culture_collection   ? 
_entity_src_gen.pdbx_host_org_cell                 ? 
_entity_src_gen.pdbx_host_org_organelle            ? 
_entity_src_gen.pdbx_host_org_cellular_location    ? 
_entity_src_gen.pdbx_host_org_vector_type          Plasmid 
_entity_src_gen.pdbx_host_org_vector               ? 
_entity_src_gen.host_org_details                   ? 
_entity_src_gen.expression_system_id               ? 
_entity_src_gen.plasmid_name                       ? 
_entity_src_gen.plasmid_details                    ? 
_entity_src_gen.pdbx_description                   ? 
# 
loop_
_chem_comp.id 
_chem_comp.type 
_chem_comp.mon_nstd_flag 
_chem_comp.name 
_chem_comp.pdbx_synonyms 
_chem_comp.formula 
_chem_comp.formula_weight 
ALA 'L-peptide linking' y ALANINE          ? 'C3 H7 N O2'     89.093  
ARG 'L-peptide linking' y ARGININE         ? 'C6 H15 N4 O2 1' 175.209 
ASN 'L-peptide linking' y ASPARAGINE       ? 'C4 H8 N2 O3'    132.118 
ASP 'L-peptide linking' y 'ASPARTIC ACID'  ? 'C4 H7 N O4'     133.103 
CL  non-polymer         . 'CHLORIDE ION'   ? 'Cl -1'          35.453  
GLN 'L-peptide linking' y GLUTAMINE        ? 'C5 H10 N2 O3'   146.144 
GLU 'L-peptide linking' y 'GLUTAMIC ACID'  ? 'C5 H9 N O4'     147.129 
GLY 'peptide linking'   y GLYCINE          ? 'C2 H5 N O2'     75.067  
HIS 'L-peptide linking' y HISTIDINE        ? 'C6 H10 N3 O2 1' 156.162 
HOH non-polymer         . WATER            ? 'H2 O'           18.015  
ILE 'L-peptide linking' y ISOLEUCINE       ? 'C6 H13 N O2'    131.173 
LEU 'L-peptide linking' y LEUCINE          ? 'C6 H13 N O2'    131.173 
LYS 'L-peptide linking' y LYSINE           ? 'C6 H15 N2 O2 1' 147.195 
MET 'L-peptide linking' y METHIONINE       ? 'C5 H11 N O2 S'  149.211 
MSE 'L-peptide linking' n SELENOMETHIONINE ? 'C5 H11 N O2 Se' 196.106 
PHE 'L-peptide linking' y PHENYLALANINE    ? 'C9 H11 N O2'    165.189 
PRO 'L-peptide linking' y PROLINE          ? 'C5 H9 N O2'     115.130 
SER 'L-peptide linking' y SERINE           ? 'C3 H7 N O3'     105.093 
SO4 non-polymer         . 'SULFATE ION'    ? 'O4 S -2'        96.063  
THR 'L-peptide linking' y THREONINE        ? 'C4 H9 N O3'     119.119 
TYR 'L-peptide linking' y TYROSINE         ? 'C9 H11 N O3'    181.189 
VAL 'L-peptide linking' y VALINE           ? 'C5 H11 N O2'    117.146 
# 
loop_
_pdbx_poly_seq_scheme.asym_id 
_pdbx_poly_seq_scheme.entity_id 
_pdbx_poly_seq_scheme.seq_id 
_pdbx_poly_seq_scheme.mon_id 
_pdbx_poly_seq_scheme.ndb_seq_num 
_pdbx_poly_seq_scheme.pdb_seq_num 
_pdbx_poly_seq_scheme.auth_seq_num 
_pdbx_poly_seq_scheme.pdb_mon_id 
_pdbx_poly_seq_scheme.auth_mon_id 
_pdbx_poly_seq_scheme.pdb_strand_id 
_pdbx_poly_seq_scheme.pdb_ins_code 
_pdbx_poly_seq_scheme.hetero 
A 1 1   GLY 1   0   0   GLY GLY A . n 
A 1 2   MSE 2   1   1   MSE MSE A . n 
A 1 3   ALA 3   2   2   ALA ALA A . n 
A 1 4   SER 4   3   3   SER SER A . n 
A 1 5   SER 5   4   4   SER SER A . n 
A 1 6   PHE 6   5   5   PHE PHE A . n 
A 1 7   LEU 7   6   6   LEU LEU A . n 
A 1 8   GLU 8   7   7   GLU GLU A . n 
A 1 9   GLU 9   8   8   GLU GLU A . n 
A 1 10  VAL 10  9   9   VAL VAL A . n 
A 1 11  ASP 11  10  10  ASP ASP A . n 
A 1 12  ARG 12  11  11  ARG ARG A . n 
A 1 13  LEU 13  12  12  LEU LEU A . n 
A 1 14  ILE 14  13  13  ILE ILE A . n 
A 1 15  THR 15  14  14  THR THR A . n 
A 1 16  LEU 16  15  15  LEU LEU A . n 
A 1 17  SER 17  16  16  SER SER A . n 
A 1 18  GLY 18  17  17  GLY GLY A . n 
A 1 19  ILE 19  18  18  ILE ILE A . n 
A 1 20  THR 20  19  19  THR THR A . n 
A 1 21  PHE 21  20  20  PHE PHE A . n 
A 1 22  HIS 22  21  21  HIS HIS A . n 
A 1 23  ALA 23  22  22  ALA ALA A . n 
A 1 24  SER 24  23  23  SER SER A . n 
A 1 25  GLY 25  24  24  GLY GLY A . n 
A 1 26  THR 26  25  25  THR THR A . n 
A 1 27  GLY 27  26  26  GLY GLY A . n 
A 1 28  THR 28  27  27  THR THR A . n 
A 1 29  PRO 29  28  28  PRO PRO A . n 
A 1 30  GLU 30  29  29  GLU GLU A . n 
A 1 31  LEU 31  30  30  LEU LEU A . n 
A 1 32  ILE 32  31  31  ILE ILE A . n 
A 1 33  LYS 33  32  32  LYS LYS A . n 
A 1 34  ILE 34  33  33  ILE ILE A . n 
A 1 35  TYR 35  34  34  TYR TYR A . n 
A 1 36  GLN 36  35  35  GLN GLN A . n 
A 1 37  ASP 37  36  36  ASP ASP A . n 
A 1 38  ALA 38  37  37  ALA ALA A . n 
A 1 39  LEU 39  38  38  LEU LEU A . n 
A 1 40  GLY 40  39  39  GLY GLY A . n 
A 1 41  ASN 41  40  40  ASN ASN A . n 
A 1 42  GLU 42  41  41  GLU GLU A . n 
A 1 43  PHE 43  42  42  PHE PHE A . n 
A 1 44  PRO 44  43  43  PRO PRO A . n 
A 1 45  GLU 45  44  44  GLU GLU A . n 
A 1 46  THR 46  45  45  THR THR A . n 
A 1 47  TYR 47  46  46  TYR TYR A . n 
A 1 48  LYS 48  47  47  LYS LYS A . n 
A 1 49  LEU 49  48  48  LEU LEU A . n 
A 1 50  PHE 50  49  49  PHE PHE A . n 
A 1 51  LEU 51  50  50  LEU LEU A . n 
A 1 52  GLU 52  51  51  GLU GLU A . n 
A 1 53  LYS 53  52  52  LYS LYS A . n 
A 1 54  TYR 54  53  53  TYR TYR A . n 
A 1 55  GLY 55  54  54  GLY GLY A . n 
A 1 56  THR 56  55  55  THR THR A . n 
A 1 57  LEU 57  56  56  LEU LEU A . n 
A 1 58  THR 58  57  57  THR THR A . n 
A 1 59  PHE 59  58  58  PHE PHE A . n 
A 1 60  ASN 60  59  59  ASN ASN A . n 
A 1 61  GLY 61  60  60  GLY GLY A . n 
A 1 62  VAL 62  61  61  VAL VAL A . n 
A 1 63  SER 63  62  62  SER SER A . n 
A 1 64  PHE 64  63  63  PHE PHE A . n 
A 1 65  TYR 65  64  64  TYR TYR A . n 
A 1 66  GLY 66  65  65  GLY GLY A . n 
A 1 67  ILE 67  66  66  ILE ILE A . n 
A 1 68  SER 68  67  67  SER SER A . n 
A 1 69  LYS 69  68  68  LYS LYS A . n 
A 1 70  ARG 70  69  69  ARG ARG A . n 
A 1 71  GLY 71  70  70  GLY GLY A . n 
A 1 72  LEU 72  71  71  LEU LEU A . n 
A 1 73  SER 73  72  72  SER SER A . n 
A 1 74  ALA 74  73  73  ALA ALA A . n 
A 1 75  ALA 75  74  74  ALA ALA A . n 
A 1 76  SER 76  75  75  SER SER A . n 
A 1 77  ILE 77  76  76  ILE ILE A . n 
A 1 78  PRO 78  77  77  PRO PRO A . n 
A 1 79  ASP 79  78  78  ASP ASP A . n 
A 1 80  VAL 80  79  79  VAL VAL A . n 
A 1 81  LYS 81  80  80  LYS LYS A . n 
A 1 82  PHE 82  81  81  PHE PHE A . n 
A 1 83  ALA 83  82  82  ALA ALA A . n 
A 1 84  THR 84  83  83  THR THR A . n 
A 1 85  GLU 85  84  84  GLU GLU A . n 
A 1 86  GLN 86  85  85  GLN GLN A . n 
A 1 87  ALA 87  86  86  ALA ALA A . n 
A 1 88  ARG 88  87  87  ARG ARG A . n 
A 1 89  THR 89  88  88  THR THR A . n 
A 1 90  PHE 90  89  89  PHE PHE A . n 
A 1 91  GLY 91  90  90  GLY GLY A . n 
A 1 92  ASP 92  91  91  ASP ASP A . n 
A 1 93  ILE 93  92  92  ILE ILE A . n 
A 1 94  ASN 94  93  93  ASN ASN A . n 
A 1 95  LYS 95  94  94  LYS LYS A . n 
A 1 96  GLU 96  95  95  GLU GLU A . n 
A 1 97  MSE 97  96  96  MSE MSE A . n 
A 1 98  ILE 98  97  97  ILE ILE A . n 
A 1 99  MSE 99  98  98  MSE MSE A . n 
A 1 100 ILE 100 99  99  ILE ILE A . n 
A 1 101 LYS 101 100 100 LYS LYS A . n 
A 1 102 ASN 102 101 101 ASN ASN A . n 
A 1 103 SER 103 102 102 SER SER A . n 
A 1 104 GLY 104 103 103 GLY GLY A . n 
A 1 105 TYR 105 104 104 TYR TYR A . n 
A 1 106 GLY 106 105 105 GLY GLY A . n 
A 1 107 SER 107 106 106 SER SER A . n 
A 1 108 ILE 108 107 107 ILE ILE A . n 
A 1 109 PHE 109 108 108 PHE PHE A . n 
A 1 110 SER 110 109 109 SER SER A . n 
A 1 111 ILE 111 110 110 ILE ILE A . n 
A 1 112 ASP 112 111 111 ASP ASP A . n 
A 1 113 THR 113 112 112 THR THR A . n 
A 1 114 SER 114 113 113 SER SER A . n 
A 1 115 ILE 115 114 114 ILE ILE A . n 
A 1 116 ILE 116 115 115 ILE ILE A . n 
A 1 117 GLY 117 116 116 GLY GLY A . n 
A 1 118 SER 118 117 117 SER SER A . n 
A 1 119 GLU 119 118 118 GLU GLU A . n 
A 1 120 GLY 120 119 119 GLY GLY A . n 
A 1 121 GLU 121 120 120 GLU GLU A . n 
A 1 122 PRO 122 121 121 PRO PRO A . n 
A 1 123 VAL 123 122 122 VAL VAL A . n 
A 1 124 ILE 124 123 123 ILE ILE A . n 
A 1 125 VAL 125 124 124 VAL VAL A . n 
A 1 126 GLU 126 125 125 GLU GLU A . n 
A 1 127 THR 127 126 126 THR THR A . n 
A 1 128 ASN 128 127 127 ASN ASN A . n 
A 1 129 LEU 129 128 128 LEU LEU A . n 
A 1 130 SER 130 129 129 SER SER A . n 
A 1 131 PHE 131 130 130 PHE PHE A . n 
A 1 132 LYS 132 131 131 LYS LYS A . n 
A 1 133 ASP 133 132 132 ASP ASP A . n 
A 1 134 ASN 134 133 133 ASN ASN A . n 
A 1 135 THR 135 134 134 THR THR A . n 
A 1 136 GLU 136 135 135 GLU GLU A . n 
A 1 137 LYS 137 136 136 LYS LYS A . n 
A 1 138 LYS 138 137 137 LYS LYS A . n 
A 1 139 VAL 139 138 138 VAL VAL A . n 
A 1 140 VAL 140 139 139 VAL VAL A . n 
A 1 141 ALA 141 140 140 ALA ALA A . n 
A 1 142 ASN 142 141 141 ASN ASN A . n 
A 1 143 SER 143 142 142 SER SER A . n 
A 1 144 PHE 144 143 143 PHE PHE A . n 
A 1 145 GLY 145 144 144 GLY GLY A . n 
A 1 146 GLU 146 145 145 GLU GLU A . n 
A 1 147 PHE 147 146 146 PHE PHE A . n 
A 1 148 LEU 148 147 147 LEU LEU A . n 
A 1 149 LEU 149 148 148 LEU LEU A . n 
A 1 150 GLU 150 149 149 GLU GLU A . n 
A 1 151 GLU 151 150 150 GLU GLU A . n 
A 1 152 ILE 152 151 151 ILE ILE A . n 
A 1 153 GLU 153 152 152 GLU GLU A . n 
A 1 154 LEU 154 153 153 LEU LEU A . n 
A 1 155 SER 155 154 154 SER SER A . n 
A 1 156 LEU 156 155 155 LEU LEU A . n 
A 1 157 THR 157 156 156 THR THR A . n 
A 1 158 ASP 158 157 157 ASP ASP A . n 
A 1 159 LEU 159 158 158 LEU LEU A . n 
A 1 160 GLY 160 159 ?   ?   ?   A . n 
# 
loop_
_pdbx_nonpoly_scheme.asym_id 
_pdbx_nonpoly_scheme.entity_id 
_pdbx_nonpoly_scheme.mon_id 
_pdbx_nonpoly_scheme.ndb_seq_num 
_pdbx_nonpoly_scheme.pdb_seq_num 
_pdbx_nonpoly_scheme.auth_seq_num 
_pdbx_nonpoly_scheme.pdb_mon_id 
_pdbx_nonpoly_scheme.auth_mon_id 
_pdbx_nonpoly_scheme.pdb_strand_id 
_pdbx_nonpoly_scheme.pdb_ins_code 
B 2 CL  1   160 1   CL  CL  A . 
C 3 SO4 1   161 2   SO4 SO4 A . 
D 4 HOH 1   162 3   HOH HOH A . 
D 4 HOH 2   163 4   HOH HOH A . 
D 4 HOH 3   164 5   HOH HOH A . 
D 4 HOH 4   165 6   HOH HOH A . 
D 4 HOH 5   166 7   HOH HOH A . 
D 4 HOH 6   167 8   HOH HOH A . 
D 4 HOH 7   168 9   HOH HOH A . 
D 4 HOH 8   169 10  HOH HOH A . 
D 4 HOH 9   170 11  HOH HOH A . 
D 4 HOH 10  171 12  HOH HOH A . 
D 4 HOH 11  172 13  HOH HOH A . 
D 4 HOH 12  173 14  HOH HOH A . 
D 4 HOH 13  174 15  HOH HOH A . 
D 4 HOH 14  175 16  HOH HOH A . 
D 4 HOH 15  176 17  HOH HOH A . 
D 4 HOH 16  177 18  HOH HOH A . 
D 4 HOH 17  178 19  HOH HOH A . 
D 4 HOH 18  179 20  HOH HOH A . 
D 4 HOH 19  180 21  HOH HOH A . 
D 4 HOH 20  181 22  HOH HOH A . 
D 4 HOH 21  182 23  HOH HOH A . 
D 4 HOH 22  183 24  HOH HOH A . 
D 4 HOH 23  184 25  HOH HOH A . 
D 4 HOH 24  185 26  HOH HOH A . 
D 4 HOH 25  186 27  HOH HOH A . 
D 4 HOH 26  187 28  HOH HOH A . 
D 4 HOH 27  188 29  HOH HOH A . 
D 4 HOH 28  189 30  HOH HOH A . 
D 4 HOH 29  190 31  HOH HOH A . 
D 4 HOH 30  191 32  HOH HOH A . 
D 4 HOH 31  192 33  HOH HOH A . 
D 4 HOH 32  193 34  HOH HOH A . 
D 4 HOH 33  194 35  HOH HOH A . 
D 4 HOH 34  195 36  HOH HOH A . 
D 4 HOH 35  196 37  HOH HOH A . 
D 4 HOH 36  197 38  HOH HOH A . 
D 4 HOH 37  198 39  HOH HOH A . 
D 4 HOH 38  199 40  HOH HOH A . 
D 4 HOH 39  200 41  HOH HOH A . 
D 4 HOH 40  201 42  HOH HOH A . 
D 4 HOH 41  202 43  HOH HOH A . 
D 4 HOH 42  203 44  HOH HOH A . 
D 4 HOH 43  204 45  HOH HOH A . 
D 4 HOH 44  205 46  HOH HOH A . 
D 4 HOH 45  206 47  HOH HOH A . 
D 4 HOH 46  207 48  HOH HOH A . 
D 4 HOH 47  208 49  HOH HOH A . 
D 4 HOH 48  209 50  HOH HOH A . 
D 4 HOH 49  210 51  HOH HOH A . 
D 4 HOH 50  211 52  HOH HOH A . 
D 4 HOH 51  212 53  HOH HOH A . 
D 4 HOH 52  213 54  HOH HOH A . 
D 4 HOH 53  214 55  HOH HOH A . 
D 4 HOH 54  215 56  HOH HOH A . 
D 4 HOH 55  216 57  HOH HOH A . 
D 4 HOH 56  217 58  HOH HOH A . 
D 4 HOH 57  218 59  HOH HOH A . 
D 4 HOH 58  219 60  HOH HOH A . 
D 4 HOH 59  220 61  HOH HOH A . 
D 4 HOH 60  221 62  HOH HOH A . 
D 4 HOH 61  222 63  HOH HOH A . 
D 4 HOH 62  223 64  HOH HOH A . 
D 4 HOH 63  224 65  HOH HOH A . 
D 4 HOH 64  225 66  HOH HOH A . 
D 4 HOH 65  226 67  HOH HOH A . 
D 4 HOH 66  227 68  HOH HOH A . 
D 4 HOH 67  228 69  HOH HOH A . 
D 4 HOH 68  229 70  HOH HOH A . 
D 4 HOH 69  230 71  HOH HOH A . 
D 4 HOH 70  231 72  HOH HOH A . 
D 4 HOH 71  232 73  HOH HOH A . 
D 4 HOH 72  233 74  HOH HOH A . 
D 4 HOH 73  234 75  HOH HOH A . 
D 4 HOH 74  235 76  HOH HOH A . 
D 4 HOH 75  236 77  HOH HOH A . 
D 4 HOH 76  237 78  HOH HOH A . 
D 4 HOH 77  238 79  HOH HOH A . 
D 4 HOH 78  239 80  HOH HOH A . 
D 4 HOH 79  240 81  HOH HOH A . 
D 4 HOH 80  241 82  HOH HOH A . 
D 4 HOH 81  242 83  HOH HOH A . 
D 4 HOH 82  243 84  HOH HOH A . 
D 4 HOH 83  244 85  HOH HOH A . 
D 4 HOH 84  245 86  HOH HOH A . 
D 4 HOH 85  246 87  HOH HOH A . 
D 4 HOH 86  247 88  HOH HOH A . 
D 4 HOH 87  248 89  HOH HOH A . 
D 4 HOH 88  249 90  HOH HOH A . 
D 4 HOH 89  250 91  HOH HOH A . 
D 4 HOH 90  251 92  HOH HOH A . 
D 4 HOH 91  252 93  HOH HOH A . 
D 4 HOH 92  253 94  HOH HOH A . 
D 4 HOH 93  254 95  HOH HOH A . 
D 4 HOH 94  255 96  HOH HOH A . 
D 4 HOH 95  256 97  HOH HOH A . 
D 4 HOH 96  257 98  HOH HOH A . 
D 4 HOH 97  258 99  HOH HOH A . 
D 4 HOH 98  259 100 HOH HOH A . 
D 4 HOH 99  260 101 HOH HOH A . 
D 4 HOH 100 261 102 HOH HOH A . 
D 4 HOH 101 262 103 HOH HOH A . 
D 4 HOH 102 263 104 HOH HOH A . 
D 4 HOH 103 264 105 HOH HOH A . 
D 4 HOH 104 265 106 HOH HOH A . 
D 4 HOH 105 266 107 HOH HOH A . 
D 4 HOH 106 267 108 HOH HOH A . 
D 4 HOH 107 268 109 HOH HOH A . 
D 4 HOH 108 269 110 HOH HOH A . 
D 4 HOH 109 270 111 HOH HOH A . 
D 4 HOH 110 271 112 HOH HOH A . 
D 4 HOH 111 272 113 HOH HOH A . 
D 4 HOH 112 273 114 HOH HOH A . 
D 4 HOH 113 274 115 HOH HOH A . 
D 4 HOH 114 275 116 HOH HOH A . 
D 4 HOH 115 276 117 HOH HOH A . 
D 4 HOH 116 277 118 HOH HOH A . 
D 4 HOH 117 278 119 HOH HOH A . 
D 4 HOH 118 279 120 HOH HOH A . 
D 4 HOH 119 280 121 HOH HOH A . 
D 4 HOH 120 281 122 HOH HOH A . 
D 4 HOH 121 282 123 HOH HOH A . 
D 4 HOH 122 283 124 HOH HOH A . 
D 4 HOH 123 284 125 HOH HOH A . 
D 4 HOH 124 285 126 HOH HOH A . 
D 4 HOH 125 286 127 HOH HOH A . 
D 4 HOH 126 287 128 HOH HOH A . 
D 4 HOH 127 288 129 HOH HOH A . 
D 4 HOH 128 289 130 HOH HOH A . 
D 4 HOH 129 290 131 HOH HOH A . 
D 4 HOH 130 291 132 HOH HOH A . 
D 4 HOH 131 292 133 HOH HOH A . 
D 4 HOH 132 293 134 HOH HOH A . 
D 4 HOH 133 294 135 HOH HOH A . 
D 4 HOH 134 295 136 HOH HOH A . 
D 4 HOH 135 296 137 HOH HOH A . 
D 4 HOH 136 297 138 HOH HOH A . 
D 4 HOH 137 298 139 HOH HOH A . 
D 4 HOH 138 299 140 HOH HOH A . 
D 4 HOH 139 300 141 HOH HOH A . 
D 4 HOH 140 301 142 HOH HOH A . 
D 4 HOH 141 302 143 HOH HOH A . 
D 4 HOH 142 303 144 HOH HOH A . 
D 4 HOH 143 304 145 HOH HOH A . 
D 4 HOH 144 305 146 HOH HOH A . 
D 4 HOH 145 306 147 HOH HOH A . 
D 4 HOH 146 307 148 HOH HOH A . 
D 4 HOH 147 308 149 HOH HOH A . 
D 4 HOH 148 309 150 HOH HOH A . 
D 4 HOH 149 310 151 HOH HOH A . 
D 4 HOH 150 311 152 HOH HOH A . 
D 4 HOH 151 312 153 HOH HOH A . 
D 4 HOH 152 313 154 HOH HOH A . 
D 4 HOH 153 314 155 HOH HOH A . 
D 4 HOH 154 315 156 HOH HOH A . 
D 4 HOH 155 316 157 HOH HOH A . 
D 4 HOH 156 317 158 HOH HOH A . 
D 4 HOH 157 318 159 HOH HOH A . 
D 4 HOH 158 319 160 HOH HOH A . 
D 4 HOH 159 320 161 HOH HOH A . 
D 4 HOH 160 321 162 HOH HOH A . 
D 4 HOH 161 322 163 HOH HOH A . 
D 4 HOH 162 323 164 HOH HOH A . 
D 4 HOH 163 324 165 HOH HOH A . 
D 4 HOH 164 325 167 HOH HOH A . 
D 4 HOH 165 326 168 HOH HOH A . 
D 4 HOH 166 327 169 HOH HOH A . 
D 4 HOH 167 328 170 HOH HOH A . 
D 4 HOH 168 329 171 HOH HOH A . 
D 4 HOH 169 330 172 HOH HOH A . 
D 4 HOH 170 331 173 HOH HOH A . 
D 4 HOH 171 332 174 HOH HOH A . 
D 4 HOH 172 333 175 HOH HOH A . 
# 
loop_
_pdbx_unobs_or_zero_occ_atoms.id 
_pdbx_unobs_or_zero_occ_atoms.PDB_model_num 
_pdbx_unobs_or_zero_occ_atoms.polymer_flag 
_pdbx_unobs_or_zero_occ_atoms.occupancy_flag 
_pdbx_unobs_or_zero_occ_atoms.auth_asym_id 
_pdbx_unobs_or_zero_occ_atoms.auth_comp_id 
_pdbx_unobs_or_zero_occ_atoms.auth_seq_id 
_pdbx_unobs_or_zero_occ_atoms.PDB_ins_code 
_pdbx_unobs_or_zero_occ_atoms.auth_atom_id 
_pdbx_unobs_or_zero_occ_atoms.label_alt_id 
_pdbx_unobs_or_zero_occ_atoms.label_asym_id 
_pdbx_unobs_or_zero_occ_atoms.label_comp_id 
_pdbx_unobs_or_zero_occ_atoms.label_seq_id 
_pdbx_unobs_or_zero_occ_atoms.label_atom_id 
1 1 Y 1 A GLU 41  ? CD  ? A GLU 42  CD  
2 1 Y 1 A GLU 41  ? OE1 ? A GLU 42  OE1 
3 1 Y 1 A GLU 41  ? OE2 ? A GLU 42  OE2 
4 1 Y 1 A LYS 94  ? NZ  ? A LYS 95  NZ  
5 1 Y 1 A LYS 131 ? CD  ? A LYS 132 CD  
6 1 Y 1 A LYS 131 ? CE  ? A LYS 132 CE  
7 1 Y 1 A LYS 131 ? NZ  ? A LYS 132 NZ  
# 
loop_
_software.name 
_software.version 
_software.date 
_software.type 
_software.contact_author 
_software.contact_author_email 
_software.classification 
_software.location 
_software.language 
_software.citation_id 
_software.pdbx_ordinal 
MolProbity  3beta29  ?                package 'D.C. & J.S. Richardson lab' molprobity@kinemage.biochem.duke.edu 'model building'  
http://kinemage.biochem.duke.edu/molprobity/                       ?          ? 1 
SHELX       .        ?                package 'George Sheldrick'           gsheldr@shelx.uni-ac.gwdg.de         phasing           
http://shelx.uni-ac.gwdg.de/SHELX/                                 Fortran_77 ? 2 
REFMAC      5.2.0019 ?                program 'Murshudov, G.N.'            ccp4@dl.ac.uk                        refinement        
http://www.ccp4.ac.uk/main.html                                    Fortran_77 ? 3 
XSCALE      .        ?                package 'Wolfgang Kabsch'            ?                                    'data scaling'    
http://www.mpimf-heidelberg.mpg.de/~kabsch/xds/xscale_program.html ?          ? 4 
PDB_EXTRACT 2.000    'April. 3, 2006' package PDB                          sw-help@rcsb.rutgers.edu             'data extraction' 
http://pdb.rutgers.edu/software/                                   C++        ? 5 
XDS         .        ?                ?       ?                            ?                                    'data reduction'  
?                                                                  ?          ? 6 
SHELXD      .        ?                ?       ?                            ?                                    phasing           
?                                                                  ?          ? 7 
SOLVE       .        ?                ?       ?                            ?                                    phasing           
?                                                                  ?          ? 8 
# 
_cell.entry_id           2ICG 
_cell.length_a           100.030 
_cell.length_b           100.030 
_cell.length_c           62.740 
_cell.angle_alpha        90.000 
_cell.angle_beta         90.000 
_cell.angle_gamma        120.000 
_cell.pdbx_unique_axis   ? 
_cell.Z_PDB              12 
_cell.length_a_esd       ? 
_cell.length_b_esd       ? 
_cell.length_c_esd       ? 
_cell.angle_alpha_esd    ? 
_cell.angle_beta_esd     ? 
_cell.angle_gamma_esd    ? 
# 
_symmetry.entry_id                         2ICG 
_symmetry.Int_Tables_number                182 
_symmetry.space_group_name_H-M             'P 63 2 2' 
_symmetry.pdbx_full_space_group_name_H-M   ? 
_symmetry.cell_setting                     ? 
_symmetry.space_group_name_Hall            ? 
# 
_exptl.crystals_number   1 
_exptl.method            'X-RAY DIFFRACTION' 
_exptl.entry_id          2ICG 
# 
_exptl_crystal.id                    1 
_exptl_crystal.density_percent_sol   52.13 
_exptl_crystal.density_Matthews      2.57 
_exptl_crystal.description           ? 
_exptl_crystal.density_meas          ? 
_exptl_crystal.F_000                 ? 
_exptl_crystal.preparation           ? 
# 
_exptl_crystal_grow.crystal_id      1 
_exptl_crystal_grow.method          ? 
_exptl_crystal_grow.pH              9.0 
_exptl_crystal_grow.temp            277 
_exptl_crystal_grow.pdbx_details    
'1.6M (NH4)2SO4, 0.1M Bicine, pH 9.0, VAPOR DIFFUSION, SITTING DROP, NANODROP, temperature 277K' 
_exptl_crystal_grow.temp_details    ? 
_exptl_crystal_grow.pdbx_pH_range   . 
# 
_diffrn.id                     1 
_diffrn.ambient_temp           100 
_diffrn.ambient_temp_details   ? 
_diffrn.crystal_id             1 
# 
_diffrn_detector.diffrn_id              1 
_diffrn_detector.detector               CCD 
_diffrn_detector.type                   'MARMOSAIC 300 mm CCD' 
_diffrn_detector.details                'Adjustable focusing mirrors in K-B geometry' 
_diffrn_detector.pdbx_collection_date   2006-08-11 
# 
_diffrn_radiation.diffrn_id                        1 
_diffrn_radiation.pdbx_monochromatic_or_laue_m_l   M 
_diffrn_radiation.monochromator                    'Si(111) Double Crystal Monochrometer' 
_diffrn_radiation.pdbx_diffrn_protocol             MAD 
_diffrn_radiation.wavelength_id                    1 
_diffrn_radiation.pdbx_scattering_type             x-ray 
# 
loop_
_diffrn_radiation_wavelength.id 
_diffrn_radiation_wavelength.wavelength 
_diffrn_radiation_wavelength.wt 
1 0.94926 1.0 
2 0.97925 1.0 
# 
_diffrn_source.diffrn_id                   1 
_diffrn_source.source                      SYNCHROTRON 
_diffrn_source.pdbx_synchrotron_beamline   23-ID-D 
_diffrn_source.type                        'APS BEAMLINE 23-ID-D' 
_diffrn_source.pdbx_wavelength_list        0.94926,0.97925 
_diffrn_source.pdbx_wavelength             ? 
_diffrn_source.pdbx_synchrotron_site       APS 
# 
_reflns.entry_id                     2ICG 
_reflns.d_resolution_high            1.650 
_reflns.d_resolution_low             29.501 
_reflns.number_obs                   22770 
_reflns.pdbx_Rmerge_I_obs            0.094 
_reflns.pdbx_netI_over_sigmaI        9.89 
_reflns.percent_possible_obs         99.6 
_reflns.B_iso_Wilson_estimate        30.934 
_reflns.observed_criterion_sigma_F   ? 
_reflns.observed_criterion_sigma_I   ? 
_reflns.number_all                   ? 
_reflns.pdbx_Rsym_value              ? 
_reflns.pdbx_redundancy              ? 
_reflns.R_free_details               ? 
_reflns.limit_h_max                  ? 
_reflns.limit_h_min                  ? 
_reflns.limit_k_max                  ? 
_reflns.limit_k_min                  ? 
_reflns.limit_l_max                  ? 
_reflns.limit_l_min                  ? 
_reflns.observed_criterion_F_max     ? 
_reflns.observed_criterion_F_min     ? 
_reflns.pdbx_chi_squared             ? 
_reflns.pdbx_scaling_rejects         ? 
_reflns.pdbx_ordinal                 1 
_reflns.pdbx_diffrn_id               1 
# 
loop_
_reflns_shell.d_res_high 
_reflns_shell.d_res_low 
_reflns_shell.number_measured_obs 
_reflns_shell.number_measured_all 
_reflns_shell.number_unique_obs 
_reflns_shell.Rmerge_I_obs 
_reflns_shell.meanI_over_sigI_obs 
_reflns_shell.pdbx_Rsym_value 
_reflns_shell.pdbx_chi_squared 
_reflns_shell.pdbx_redundancy 
_reflns_shell.percent_possible_obs 
_reflns_shell.number_unique_all 
_reflns_shell.percent_possible_all 
_reflns_shell.pdbx_ordinal 
_reflns_shell.pdbx_diffrn_id 
1.65 1.71 20000 ? ? 0.01117 1.35 ? ? ? ? 3602 97.80 1 1 
1.71 1.78 21192 ? ? 0.764   2.2  ? ? ? ? 3793 87.90 2 1 
1.78 1.86 21261 ? ? 0.585   2.9  ? ? ? ? 3789 91.00 3 1 
1.86 1.96 22151 ? ? 0.398   4.3  ? ? ? ? 3956 91.40 4 1 
1.96 2.08 22149 ? ? 0.26    6.3  ? ? ? ? 3952 96.40 5 1 
2.08 2.24 22811 ? ? 0.184   8.8  ? ? ? ? 4066 96.40 6 1 
2.24 2.46 22790 ? ? 0.123   12.0 ? ? ? ? 4061 97.80 7 1 
2.46 2.82 23941 ? ? 0.092   15.5 ? ? ? ? 4264 99.20 8 1 
2.82 ?    23432 ? ? 0.073   21.4 ? ? ? ? 4226 99.60 9 1 
# 
_refine.entry_id                                 2ICG 
_refine.ls_d_res_high                            1.650 
_refine.ls_d_res_low                             29.501 
_refine.pdbx_ls_sigma_F                          0.00 
_refine.ls_percent_reflns_obs                    99.740 
_refine.ls_number_reflns_obs                     22751 
_refine.pdbx_ls_cross_valid_method               THROUGHOUT 
_refine.pdbx_R_Free_selection_details            RANDOM 
_refine.details                                  
;(1) HYDROGENS HAVE BEEN ADDED IN THE RIDING POSITIONS.
 (3) A MET-INHIBITION PROTOCOL WAS USED FOR SELENOMETHIONINE
 INCORPORATION DURING PROTEIN EXPRESSION. THE OCCUPANCY
 OF THE SE ATOMS IN THE MSE RESIDUES WAS REDUCED TO 0.75
 TO ACCOUNT FOR THE REDUCED SCATTERING POWER DUE TO PARTIAL
 S-MET INCORPORATION.
 (4) ATOM RECORD CONTAINS RESIDUAL B FACTORS ONLY.
 (6) THERE ARE UNMODELED DENSITIES IN BETWEEN GLU49 AND GLU150.
;
_refine.ls_R_factor_all                          ? 
_refine.ls_R_factor_R_work                       0.198 
_refine.ls_R_factor_R_free                       0.235 
_refine.ls_percent_reflns_R_free                 5.100 
_refine.ls_number_reflns_R_free                  1165 
_refine.B_iso_mean                               23.603 
_refine.aniso_B[1][1]                            -1.690 
_refine.aniso_B[2][2]                            -1.690 
_refine.aniso_B[3][3]                            2.540 
_refine.aniso_B[1][2]                            -0.850 
_refine.aniso_B[1][3]                            0.000 
_refine.aniso_B[2][3]                            0.000 
_refine.correlation_coeff_Fo_to_Fc               0.961 
_refine.correlation_coeff_Fo_to_Fc_free          0.942 
_refine.pdbx_overall_ESU_R                       0.100 
_refine.pdbx_overall_ESU_R_Free                  0.101 
_refine.overall_SU_ML                            0.097 
_refine.overall_SU_B                             6.053 
_refine.solvent_model_details                    MASK 
_refine.pdbx_solvent_vdw_probe_radii             1.200 
_refine.pdbx_solvent_ion_probe_radii             0.800 
_refine.pdbx_solvent_shrinkage_radii             0.800 
_refine.pdbx_method_to_determine_struct          MAD 
_refine.pdbx_stereochemistry_target_values       'MAXIMUM LIKELIHOOD WITH PHASES' 
_refine.pdbx_ls_sigma_I                          ? 
_refine.ls_number_reflns_all                     ? 
_refine.ls_R_factor_obs                          0.2 
_refine.ls_redundancy_reflns_obs                 ? 
_refine.pdbx_data_cutoff_high_absF               ? 
_refine.pdbx_data_cutoff_low_absF                ? 
_refine.ls_number_parameters                     ? 
_refine.ls_number_restraints                     ? 
_refine.ls_R_factor_R_free_error                 ? 
_refine.ls_R_factor_R_free_error_details         ? 
_refine.pdbx_starting_model                      ? 
_refine.pdbx_stereochem_target_val_spec_case     ? 
_refine.solvent_model_param_bsol                 ? 
_refine.solvent_model_param_ksol                 ? 
_refine.occupancy_max                            ? 
_refine.occupancy_min                            ? 
_refine.pdbx_isotropic_thermal_model             ? 
_refine.B_iso_min                                ? 
_refine.B_iso_max                                ? 
_refine.overall_SU_R_Cruickshank_DPI             ? 
_refine.overall_SU_R_free                        ? 
_refine.pdbx_data_cutoff_high_rms_absF           ? 
_refine.ls_wR_factor_R_free                      ? 
_refine.ls_wR_factor_R_work                      ? 
_refine.overall_FOM_free_R_set                   ? 
_refine.overall_FOM_work_R_set                   ? 
_refine.pdbx_refine_id                           'X-RAY DIFFRACTION' 
_refine.pdbx_TLS_residual_ADP_flag               'LIKELY RESIDUAL' 
_refine.pdbx_diffrn_id                           1 
_refine.pdbx_overall_phase_error                 ? 
_refine.pdbx_overall_SU_R_free_Cruickshank_DPI   ? 
_refine.pdbx_overall_SU_R_Blow_DPI               ? 
_refine.pdbx_overall_SU_R_free_Blow_DPI          ? 
# 
_refine_hist.pdbx_refine_id                   'X-RAY DIFFRACTION' 
_refine_hist.cycle_id                         LAST 
_refine_hist.pdbx_number_atoms_protein        1220 
_refine_hist.pdbx_number_atoms_nucleic_acid   0 
_refine_hist.pdbx_number_atoms_ligand         6 
_refine_hist.number_atoms_solvent             172 
_refine_hist.number_atoms_total               1398 
_refine_hist.d_res_high                       1.650 
_refine_hist.d_res_low                        29.501 
# 
loop_
_refine_ls_restr.type 
_refine_ls_restr.number 
_refine_ls_restr.dev_ideal 
_refine_ls_restr.dev_ideal_target 
_refine_ls_restr.weight 
_refine_ls_restr.pdbx_refine_id 
_refine_ls_restr.pdbx_restraint_function 
r_bond_refined_d         1277 0.018  0.022  ? 'X-RAY DIFFRACTION' ? 
r_bond_other_d           848  0.001  0.020  ? 'X-RAY DIFFRACTION' ? 
r_angle_refined_deg      1731 1.526  1.977  ? 'X-RAY DIFFRACTION' ? 
r_angle_other_deg        2092 0.947  3.000  ? 'X-RAY DIFFRACTION' ? 
r_dihedral_angle_1_deg   167  5.686  5.000  ? 'X-RAY DIFFRACTION' ? 
r_dihedral_angle_2_deg   54   39.967 25.556 ? 'X-RAY DIFFRACTION' ? 
r_dihedral_angle_3_deg   224  13.334 15.000 ? 'X-RAY DIFFRACTION' ? 
r_dihedral_angle_4_deg   3    16.049 15.000 ? 'X-RAY DIFFRACTION' ? 
r_chiral_restr           199  0.090  0.200  ? 'X-RAY DIFFRACTION' ? 
r_gen_planes_refined     1433 0.006  0.020  ? 'X-RAY DIFFRACTION' ? 
r_gen_planes_other       254  0.001  0.020  ? 'X-RAY DIFFRACTION' ? 
r_nbd_refined            244  0.206  0.200  ? 'X-RAY DIFFRACTION' ? 
r_nbd_other              829  0.191  0.200  ? 'X-RAY DIFFRACTION' ? 
r_nbtor_refined          637  0.184  0.200  ? 'X-RAY DIFFRACTION' ? 
r_nbtor_other            634  0.089  0.200  ? 'X-RAY DIFFRACTION' ? 
r_xyhbond_nbd_refined    140  0.161  0.200  ? 'X-RAY DIFFRACTION' ? 
r_symmetry_vdw_refined   10   0.213  0.200  ? 'X-RAY DIFFRACTION' ? 
r_symmetry_vdw_other     17   0.226  0.200  ? 'X-RAY DIFFRACTION' ? 
r_symmetry_hbond_refined 13   0.290  0.200  ? 'X-RAY DIFFRACTION' ? 
r_mcbond_it              885  2.383  3.000  ? 'X-RAY DIFFRACTION' ? 
r_mcbond_other           335  0.611  3.000  ? 'X-RAY DIFFRACTION' ? 
r_mcangle_it             1302 3.080  5.000  ? 'X-RAY DIFFRACTION' ? 
r_scbond_it              513  5.078  8.000  ? 'X-RAY DIFFRACTION' ? 
r_scangle_it             426  6.784  11.000 ? 'X-RAY DIFFRACTION' ? 
# 
_refine_ls_shell.d_res_high                       1.650 
_refine_ls_shell.d_res_low                        1.692 
_refine_ls_shell.pdbx_total_number_of_bins_used   20 
_refine_ls_shell.percent_reflns_obs               98.910 
_refine_ls_shell.number_reflns_R_work             1544 
_refine_ls_shell.R_factor_all                     ? 
_refine_ls_shell.R_factor_R_work                  0.314 
_refine_ls_shell.R_factor_R_free                  0.349 
_refine_ls_shell.percent_reflns_R_free            ? 
_refine_ls_shell.number_reflns_R_free             89 
_refine_ls_shell.R_factor_R_free_error            ? 
_refine_ls_shell.number_reflns_all                ? 
_refine_ls_shell.number_reflns_obs                1633 
_refine_ls_shell.redundancy_reflns_obs            ? 
_refine_ls_shell.pdbx_refine_id                   'X-RAY DIFFRACTION' 
# 
_struct.entry_id                  2ICG 
_struct.title                     
'Crystal structure of a protein of unknown function (NP_472245.1) from Listeria innocua at 1.65 A resolution' 
_struct.pdbx_model_details        ? 
_struct.pdbx_CASP_flag            ? 
_struct.pdbx_model_type_details   ? 
# 
_struct_keywords.text            
;NP_472245.1, hypothetical protein, Structural Genomics, PSI-2, Protein Structure Initiative, Joint Center for Structural Genomics, JCSG, Structural Genomics-Unknown function COMPLEX
;
_struct_keywords.pdbx_keywords   'Structural Genomics/Unknown function' 
_struct_keywords.entry_id        2ICG 
# 
loop_
_struct_asym.id 
_struct_asym.pdbx_blank_PDB_chainid_flag 
_struct_asym.pdbx_modified 
_struct_asym.entity_id 
_struct_asym.details 
A N N 1 ? 
B N N 2 ? 
C N N 3 ? 
D N N 4 ? 
# 
_struct_ref.id                         1 
_struct_ref.db_name                    UNP 
_struct_ref.db_code                    Q926X2_LISIN 
_struct_ref.pdbx_db_accession          Q926X2 
_struct_ref.entity_id                  1 
_struct_ref.pdbx_align_begin           1 
_struct_ref.pdbx_db_isoform            ? 
_struct_ref.pdbx_seq_one_letter_code   ? 
# 
_struct_ref_seq.align_id                      1 
_struct_ref_seq.ref_id                        1 
_struct_ref_seq.pdbx_PDB_id_code              2ICG 
_struct_ref_seq.pdbx_strand_id                A 
_struct_ref_seq.seq_align_beg                 2 
_struct_ref_seq.pdbx_seq_align_beg_ins_code   ? 
_struct_ref_seq.seq_align_end                 160 
_struct_ref_seq.pdbx_seq_align_end_ins_code   ? 
_struct_ref_seq.pdbx_db_accession             Q926X2 
_struct_ref_seq.db_align_beg                  1 
_struct_ref_seq.pdbx_db_align_beg_ins_code    ? 
_struct_ref_seq.db_align_end                  159 
_struct_ref_seq.pdbx_db_align_end_ins_code    ? 
_struct_ref_seq.pdbx_auth_seq_align_beg       1 
_struct_ref_seq.pdbx_auth_seq_align_end       159 
# 
loop_
_struct_ref_seq_dif.align_id 
_struct_ref_seq_dif.pdbx_pdb_id_code 
_struct_ref_seq_dif.mon_id 
_struct_ref_seq_dif.pdbx_pdb_strand_id 
_struct_ref_seq_dif.seq_num 
_struct_ref_seq_dif.pdbx_pdb_ins_code 
_struct_ref_seq_dif.pdbx_seq_db_name 
_struct_ref_seq_dif.pdbx_seq_db_accession_code 
_struct_ref_seq_dif.db_mon_id 
_struct_ref_seq_dif.pdbx_seq_db_seq_num 
_struct_ref_seq_dif.details 
_struct_ref_seq_dif.pdbx_auth_seq_num 
_struct_ref_seq_dif.pdbx_ordinal 
1 2ICG GLY A 1  ? UNP Q926X2 ?   ?  'expression tag'   0  1 
1 2ICG MSE A 2  ? UNP Q926X2 MET 1  'modified residue' 1  2 
1 2ICG MSE A 97 ? UNP Q926X2 MET 96 'modified residue' 96 3 
1 2ICG MSE A 99 ? UNP Q926X2 MET 98 'modified residue' 98 4 
# 
_pdbx_struct_assembly.id                   1 
_pdbx_struct_assembly.details              author_defined_assembly 
_pdbx_struct_assembly.method_details       ? 
_pdbx_struct_assembly.oligomeric_details   monomeric 
_pdbx_struct_assembly.oligomeric_count     1 
# 
_pdbx_struct_assembly_gen.assembly_id       1 
_pdbx_struct_assembly_gen.oper_expression   1 
_pdbx_struct_assembly_gen.asym_id_list      A,B,C,D 
# 
_pdbx_struct_assembly_auth_evidence.id                     1 
_pdbx_struct_assembly_auth_evidence.assembly_id            1 
_pdbx_struct_assembly_auth_evidence.experimental_support   'gel filtration' 
_pdbx_struct_assembly_auth_evidence.details                ? 
# 
_pdbx_struct_oper_list.id                   1 
_pdbx_struct_oper_list.type                 'identity operation' 
_pdbx_struct_oper_list.name                 1_555 
_pdbx_struct_oper_list.symmetry_operation   x,y,z 
_pdbx_struct_oper_list.matrix[1][1]         1.0000000000 
_pdbx_struct_oper_list.matrix[1][2]         0.0000000000 
_pdbx_struct_oper_list.matrix[1][3]         0.0000000000 
_pdbx_struct_oper_list.vector[1]            0.0000000000 
_pdbx_struct_oper_list.matrix[2][1]         0.0000000000 
_pdbx_struct_oper_list.matrix[2][2]         1.0000000000 
_pdbx_struct_oper_list.matrix[2][3]         0.0000000000 
_pdbx_struct_oper_list.vector[2]            0.0000000000 
_pdbx_struct_oper_list.matrix[3][1]         0.0000000000 
_pdbx_struct_oper_list.matrix[3][2]         0.0000000000 
_pdbx_struct_oper_list.matrix[3][3]         1.0000000000 
_pdbx_struct_oper_list.vector[3]            0.0000000000 
# 
_struct_biol.id                    1 
_struct_biol.details               
;SIZE EXCLUSION CHROMATOGRAPHY SUPPORTS THE ASSIGNMENT
OF A MONOMER AS A BIOLOGICALLY SIGNIFICANT
OLIGOMERIZATION STATE.
;
_struct_biol.pdbx_parent_biol_id   ? 
# 
loop_
_struct_conf.conf_type_id 
_struct_conf.id 
_struct_conf.pdbx_PDB_helix_id 
_struct_conf.beg_label_comp_id 
_struct_conf.beg_label_asym_id 
_struct_conf.beg_label_seq_id 
_struct_conf.pdbx_beg_PDB_ins_code 
_struct_conf.end_label_comp_id 
_struct_conf.end_label_asym_id 
_struct_conf.end_label_seq_id 
_struct_conf.pdbx_end_PDB_ins_code 
_struct_conf.beg_auth_comp_id 
_struct_conf.beg_auth_asym_id 
_struct_conf.beg_auth_seq_id 
_struct_conf.end_auth_comp_id 
_struct_conf.end_auth_asym_id 
_struct_conf.end_auth_seq_id 
_struct_conf.pdbx_PDB_helix_class 
_struct_conf.details 
_struct_conf.pdbx_PDB_helix_length 
HELX_P HELX_P1 1 GLY A 1   ? SER A 17  ? GLY A 0   SER A 16  1 ? 17 
HELX_P HELX_P2 2 THR A 28  ? GLY A 40  ? THR A 27  GLY A 39  1 ? 13 
HELX_P HELX_P3 3 PRO A 44  ? TYR A 54  ? PRO A 43  TYR A 53  1 ? 11 
HELX_P HELX_P4 4 ARG A 70  ? ALA A 74  ? ARG A 69  ALA A 73  5 ? 5  
HELX_P HELX_P5 5 ASP A 79  ? PHE A 90  ? ASP A 78  PHE A 89  1 ? 12 
HELX_P HELX_P6 6 SER A 130 ? THR A 135 ? SER A 129 THR A 134 1 ? 6  
HELX_P HELX_P7 7 SER A 143 ? ASP A 158 ? SER A 142 ASP A 157 1 ? 16 
# 
_struct_conf_type.id          HELX_P 
_struct_conf_type.criteria    ? 
_struct_conf_type.reference   ? 
# 
loop_
_struct_conn.id 
_struct_conn.conn_type_id 
_struct_conn.pdbx_leaving_atom_flag 
_struct_conn.pdbx_PDB_id 
_struct_conn.ptnr1_label_asym_id 
_struct_conn.ptnr1_label_comp_id 
_struct_conn.ptnr1_label_seq_id 
_struct_conn.ptnr1_label_atom_id 
_struct_conn.pdbx_ptnr1_label_alt_id 
_struct_conn.pdbx_ptnr1_PDB_ins_code 
_struct_conn.pdbx_ptnr1_standard_comp_id 
_struct_conn.ptnr1_symmetry 
_struct_conn.ptnr2_label_asym_id 
_struct_conn.ptnr2_label_comp_id 
_struct_conn.ptnr2_label_seq_id 
_struct_conn.ptnr2_label_atom_id 
_struct_conn.pdbx_ptnr2_label_alt_id 
_struct_conn.pdbx_ptnr2_PDB_ins_code 
_struct_conn.ptnr1_auth_asym_id 
_struct_conn.ptnr1_auth_comp_id 
_struct_conn.ptnr1_auth_seq_id 
_struct_conn.ptnr2_auth_asym_id 
_struct_conn.ptnr2_auth_comp_id 
_struct_conn.ptnr2_auth_seq_id 
_struct_conn.ptnr2_symmetry 
_struct_conn.pdbx_ptnr3_label_atom_id 
_struct_conn.pdbx_ptnr3_label_seq_id 
_struct_conn.pdbx_ptnr3_label_comp_id 
_struct_conn.pdbx_ptnr3_label_asym_id 
_struct_conn.pdbx_ptnr3_label_alt_id 
_struct_conn.pdbx_ptnr3_PDB_ins_code 
_struct_conn.details 
_struct_conn.pdbx_dist_value 
_struct_conn.pdbx_value_order 
_struct_conn.pdbx_role 
covale1 covale both ? A GLY 1  C ? ? ? 1_555 A MSE 2   N ? ? A GLY 0  A MSE 1  1_555 ? ? ? ? ? ? ? 1.326 ? ? 
covale2 covale both ? A MSE 2  C ? ? ? 1_555 A ALA 3   N ? ? A MSE 1  A ALA 2  1_555 ? ? ? ? ? ? ? 1.335 ? ? 
covale3 covale both ? A GLU 96 C ? ? ? 1_555 A MSE 97  N ? ? A GLU 95 A MSE 96 1_555 ? ? ? ? ? ? ? 1.333 ? ? 
covale4 covale both ? A MSE 97 C ? ? ? 1_555 A ILE 98  N ? ? A MSE 96 A ILE 97 1_555 ? ? ? ? ? ? ? 1.336 ? ? 
covale5 covale both ? A ILE 98 C ? ? ? 1_555 A MSE 99  N ? ? A ILE 97 A MSE 98 1_555 ? ? ? ? ? ? ? 1.318 ? ? 
covale6 covale both ? A MSE 99 C ? ? ? 1_555 A ILE 100 N ? ? A MSE 98 A ILE 99 1_555 ? ? ? ? ? ? ? 1.335 ? ? 
# 
_struct_conn_type.id          covale 
_struct_conn_type.criteria    ? 
_struct_conn_type.reference   ? 
# 
loop_
_pdbx_modification_feature.ordinal 
_pdbx_modification_feature.label_comp_id 
_pdbx_modification_feature.label_asym_id 
_pdbx_modification_feature.label_seq_id 
_pdbx_modification_feature.label_alt_id 
_pdbx_modification_feature.modified_residue_label_comp_id 
_pdbx_modification_feature.modified_residue_label_asym_id 
_pdbx_modification_feature.modified_residue_label_seq_id 
_pdbx_modification_feature.modified_residue_label_alt_id 
_pdbx_modification_feature.auth_comp_id 
_pdbx_modification_feature.auth_asym_id 
_pdbx_modification_feature.auth_seq_id 
_pdbx_modification_feature.PDB_ins_code 
_pdbx_modification_feature.symmetry 
_pdbx_modification_feature.modified_residue_auth_comp_id 
_pdbx_modification_feature.modified_residue_auth_asym_id 
_pdbx_modification_feature.modified_residue_auth_seq_id 
_pdbx_modification_feature.modified_residue_PDB_ins_code 
_pdbx_modification_feature.modified_residue_symmetry 
_pdbx_modification_feature.comp_id_linking_atom 
_pdbx_modification_feature.modified_residue_id_linking_atom 
_pdbx_modification_feature.modified_residue_id 
_pdbx_modification_feature.ref_pcm_id 
_pdbx_modification_feature.ref_comp_id 
_pdbx_modification_feature.type 
_pdbx_modification_feature.category 
1 MSE A 2  ? . . . . MSE A 1  ? 1_555 . . . . . . . MET 1 MSE Selenomethionine 'Named protein modification' 
2 MSE A 97 ? . . . . MSE A 96 ? 1_555 . . . . . . . MET 1 MSE Selenomethionine 'Named protein modification' 
3 MSE A 99 ? . . . . MSE A 98 ? 1_555 . . . . . . . MET 1 MSE Selenomethionine 'Named protein modification' 
# 
_struct_mon_prot_cis.pdbx_id                1 
_struct_mon_prot_cis.label_comp_id          ILE 
_struct_mon_prot_cis.label_seq_id           77 
_struct_mon_prot_cis.label_asym_id          A 
_struct_mon_prot_cis.label_alt_id           . 
_struct_mon_prot_cis.pdbx_PDB_ins_code      ? 
_struct_mon_prot_cis.auth_comp_id           ILE 
_struct_mon_prot_cis.auth_seq_id            76 
_struct_mon_prot_cis.auth_asym_id           A 
_struct_mon_prot_cis.pdbx_label_comp_id_2   PRO 
_struct_mon_prot_cis.pdbx_label_seq_id_2    78 
_struct_mon_prot_cis.pdbx_label_asym_id_2   A 
_struct_mon_prot_cis.pdbx_PDB_ins_code_2    ? 
_struct_mon_prot_cis.pdbx_auth_comp_id_2    PRO 
_struct_mon_prot_cis.pdbx_auth_seq_id_2     77 
_struct_mon_prot_cis.pdbx_auth_asym_id_2    A 
_struct_mon_prot_cis.pdbx_PDB_model_num     1 
_struct_mon_prot_cis.pdbx_omega_angle       11.82 
# 
loop_
_struct_sheet.id 
_struct_sheet.type 
_struct_sheet.number_strands 
_struct_sheet.details 
A ? 2 ? 
B ? 4 ? 
# 
loop_
_struct_sheet_order.sheet_id 
_struct_sheet_order.range_id_1 
_struct_sheet_order.range_id_2 
_struct_sheet_order.offset 
_struct_sheet_order.sense 
A 1 2 ? anti-parallel 
B 1 2 ? anti-parallel 
B 2 3 ? anti-parallel 
B 3 4 ? anti-parallel 
# 
loop_
_struct_sheet_range.sheet_id 
_struct_sheet_range.id 
_struct_sheet_range.beg_label_comp_id 
_struct_sheet_range.beg_label_asym_id 
_struct_sheet_range.beg_label_seq_id 
_struct_sheet_range.pdbx_beg_PDB_ins_code 
_struct_sheet_range.end_label_comp_id 
_struct_sheet_range.end_label_asym_id 
_struct_sheet_range.end_label_seq_id 
_struct_sheet_range.pdbx_end_PDB_ins_code 
_struct_sheet_range.beg_auth_comp_id 
_struct_sheet_range.beg_auth_asym_id 
_struct_sheet_range.beg_auth_seq_id 
_struct_sheet_range.end_auth_comp_id 
_struct_sheet_range.end_auth_asym_id 
_struct_sheet_range.end_auth_seq_id 
A 1 LEU A 57  ? PHE A 59  ? LEU A 56  PHE A 58  
A 2 VAL A 62  ? PHE A 64  ? VAL A 61  PHE A 63  
B 1 MSE A 97  ? ASN A 102 ? MSE A 96  ASN A 101 
B 2 ILE A 108 ? ILE A 116 ? ILE A 107 ILE A 115 
B 3 PRO A 122 ? THR A 127 ? PRO A 121 THR A 126 
B 4 LYS A 138 ? ALA A 141 ? LYS A 137 ALA A 140 
# 
loop_
_pdbx_struct_sheet_hbond.sheet_id 
_pdbx_struct_sheet_hbond.range_id_1 
_pdbx_struct_sheet_hbond.range_id_2 
_pdbx_struct_sheet_hbond.range_1_label_atom_id 
_pdbx_struct_sheet_hbond.range_1_label_comp_id 
_pdbx_struct_sheet_hbond.range_1_label_asym_id 
_pdbx_struct_sheet_hbond.range_1_label_seq_id 
_pdbx_struct_sheet_hbond.range_1_PDB_ins_code 
_pdbx_struct_sheet_hbond.range_1_auth_atom_id 
_pdbx_struct_sheet_hbond.range_1_auth_comp_id 
_pdbx_struct_sheet_hbond.range_1_auth_asym_id 
_pdbx_struct_sheet_hbond.range_1_auth_seq_id 
_pdbx_struct_sheet_hbond.range_2_label_atom_id 
_pdbx_struct_sheet_hbond.range_2_label_comp_id 
_pdbx_struct_sheet_hbond.range_2_label_asym_id 
_pdbx_struct_sheet_hbond.range_2_label_seq_id 
_pdbx_struct_sheet_hbond.range_2_PDB_ins_code 
_pdbx_struct_sheet_hbond.range_2_auth_atom_id 
_pdbx_struct_sheet_hbond.range_2_auth_comp_id 
_pdbx_struct_sheet_hbond.range_2_auth_asym_id 
_pdbx_struct_sheet_hbond.range_2_auth_seq_id 
A 1 2 N LEU A 57  ? N LEU A 56  O PHE A 64  ? O PHE A 63  
B 1 2 N LYS A 101 ? N LYS A 100 O PHE A 109 ? O PHE A 108 
B 2 3 N SER A 110 ? N SER A 109 O VAL A 125 ? O VAL A 124 
B 3 4 N GLU A 126 ? N GLU A 125 O LYS A 138 ? O LYS A 137 
# 
loop_
_struct_site.id 
_struct_site.pdbx_evidence_code 
_struct_site.pdbx_auth_asym_id 
_struct_site.pdbx_auth_comp_id 
_struct_site.pdbx_auth_seq_id 
_struct_site.pdbx_auth_ins_code 
_struct_site.pdbx_num_residues 
_struct_site.details 
AC1 Software A CL  160 ? 3 'BINDING SITE FOR RESIDUE CL A 160'  
AC2 Software A SO4 161 ? 4 'BINDING SITE FOR RESIDUE SO4 A 161' 
# 
loop_
_struct_site_gen.id 
_struct_site_gen.site_id 
_struct_site_gen.pdbx_num_res 
_struct_site_gen.label_comp_id 
_struct_site_gen.label_asym_id 
_struct_site_gen.label_seq_id 
_struct_site_gen.pdbx_auth_ins_code 
_struct_site_gen.auth_comp_id 
_struct_site_gen.auth_asym_id 
_struct_site_gen.auth_seq_id 
_struct_site_gen.label_atom_id 
_struct_site_gen.label_alt_id 
_struct_site_gen.symmetry 
_struct_site_gen.details 
1 AC1 3 SER A 24 ? SER A 23 . ? 1_555 ? 
2 AC1 3 SER A 68 ? SER A 67 . ? 1_555 ? 
3 AC1 3 LYS A 69 ? LYS A 68 . ? 1_555 ? 
4 AC2 4 ARG A 70 ? ARG A 69 . ? 1_555 ? 
5 AC2 4 ALA A 74 ? ALA A 73 . ? 1_555 ? 
6 AC2 4 ALA A 75 ? ALA A 74 . ? 1_555 ? 
7 AC2 4 SER A 76 ? SER A 75 . ? 1_555 ? 
# 
_pdbx_entry_details.entry_id                   2ICG 
_pdbx_entry_details.compound_details           ? 
_pdbx_entry_details.source_details             ? 
_pdbx_entry_details.nonpolymer_details         ? 
_pdbx_entry_details.sequence_details           ? 
_pdbx_entry_details.has_ligand_of_interest     ? 
_pdbx_entry_details.has_protein_modification   Y 
# 
_pdbx_validate_torsion.id              1 
_pdbx_validate_torsion.PDB_model_num   1 
_pdbx_validate_torsion.auth_comp_id    ASN 
_pdbx_validate_torsion.auth_asym_id    A 
_pdbx_validate_torsion.auth_seq_id     127 
_pdbx_validate_torsion.PDB_ins_code    ? 
_pdbx_validate_torsion.label_alt_id    ? 
_pdbx_validate_torsion.phi             -129.00 
_pdbx_validate_torsion.psi             -167.45 
# 
_pdbx_SG_project.project_name          'PSI, Protein Structure Initiative' 
_pdbx_SG_project.full_name_of_center   'Joint Center for Structural Genomics' 
_pdbx_SG_project.id                    1 
_pdbx_SG_project.initial_of_center     JCSG 
# 
loop_
_pdbx_struct_mod_residue.id 
_pdbx_struct_mod_residue.label_asym_id 
_pdbx_struct_mod_residue.label_comp_id 
_pdbx_struct_mod_residue.label_seq_id 
_pdbx_struct_mod_residue.auth_asym_id 
_pdbx_struct_mod_residue.auth_comp_id 
_pdbx_struct_mod_residue.auth_seq_id 
_pdbx_struct_mod_residue.PDB_ins_code 
_pdbx_struct_mod_residue.parent_comp_id 
_pdbx_struct_mod_residue.details 
1 A MSE 2  A MSE 1  ? MET SELENOMETHIONINE 
2 A MSE 97 A MSE 96 ? MET SELENOMETHIONINE 
3 A MSE 99 A MSE 98 ? MET SELENOMETHIONINE 
# 
loop_
_pdbx_struct_special_symmetry.id 
_pdbx_struct_special_symmetry.PDB_model_num 
_pdbx_struct_special_symmetry.auth_asym_id 
_pdbx_struct_special_symmetry.auth_comp_id 
_pdbx_struct_special_symmetry.auth_seq_id 
_pdbx_struct_special_symmetry.PDB_ins_code 
_pdbx_struct_special_symmetry.label_asym_id 
_pdbx_struct_special_symmetry.label_comp_id 
_pdbx_struct_special_symmetry.label_seq_id 
1 1 A HOH 171 ? D HOH . 
2 1 A HOH 199 ? D HOH . 
3 1 A HOH 200 ? D HOH . 
4 1 A HOH 227 ? D HOH . 
# 
_pdbx_refine_tls.id               1 
_pdbx_refine_tls.details          ? 
_pdbx_refine_tls.method           refined 
_pdbx_refine_tls.origin_x         0.1246 
_pdbx_refine_tls.origin_y         -0.1627 
_pdbx_refine_tls.origin_z         -0.1363 
_pdbx_refine_tls.T[1][1]          -0.0857 
_pdbx_refine_tls.T[2][2]          -0.0520 
_pdbx_refine_tls.T[3][3]          -0.0864 
_pdbx_refine_tls.T[1][2]          -0.0319 
_pdbx_refine_tls.T[1][3]          0.0258 
_pdbx_refine_tls.T[2][3]          0.0147 
_pdbx_refine_tls.L[1][1]          1.1635 
_pdbx_refine_tls.L[2][2]          2.4571 
_pdbx_refine_tls.L[3][3]          1.6672 
_pdbx_refine_tls.L[1][2]          -0.4314 
_pdbx_refine_tls.L[1][3]          0.9563 
_pdbx_refine_tls.L[2][3]          -1.0993 
_pdbx_refine_tls.S[1][1]          0.0706 
_pdbx_refine_tls.S[2][2]          -0.1395 
_pdbx_refine_tls.S[3][3]          0.0689 
_pdbx_refine_tls.S[1][2]          0.0234 
_pdbx_refine_tls.S[1][3]          -0.0616 
_pdbx_refine_tls.S[2][3]          0.0251 
_pdbx_refine_tls.S[2][1]          -0.0874 
_pdbx_refine_tls.S[3][1]          0.1682 
_pdbx_refine_tls.S[3][2]          0.3096 
_pdbx_refine_tls.pdbx_refine_id   'X-RAY DIFFRACTION' 
# 
_pdbx_refine_tls_group.id                  1 
_pdbx_refine_tls_group.refine_tls_id       1 
_pdbx_refine_tls_group.beg_label_asym_id   A 
_pdbx_refine_tls_group.beg_label_seq_id    1 
_pdbx_refine_tls_group.end_label_asym_id   A 
_pdbx_refine_tls_group.end_label_seq_id    159 
_pdbx_refine_tls_group.selection           ALL 
_pdbx_refine_tls_group.beg_auth_asym_id    A 
_pdbx_refine_tls_group.beg_auth_seq_id     0 
_pdbx_refine_tls_group.end_auth_asym_id    A 
_pdbx_refine_tls_group.end_auth_seq_id     158 
_pdbx_refine_tls_group.pdbx_refine_id      'X-RAY DIFFRACTION' 
_pdbx_refine_tls_group.selection_details   ? 
# 
_phasing.method   MAD 
# 
_pdbx_database_remark.id     300 
_pdbx_database_remark.text   
;
BIOMOLECULE: 1
THIS ENTRY CONTAINS THE CRYSTALLOGRAPHIC ASYMMETRIC UNIT
WHICH CONSISTS OF 1 CHAIN(S). SEE REMARK 350 FOR
INFORMATION ON GENERATING THE BIOLOGICAL MOLECULE(S).
SIZE EXCLUSION CHROMATOGRAPHY SUPPORTS THE ASSIGNMENT
OF A MONOMER AS A BIOLOGICALLY SIGNIFICANT
OLIGOMERIZATION STATE.
;
# 
_pdbx_unobs_or_zero_occ_residues.id               1 
_pdbx_unobs_or_zero_occ_residues.PDB_model_num    1 
_pdbx_unobs_or_zero_occ_residues.polymer_flag     Y 
_pdbx_unobs_or_zero_occ_residues.occupancy_flag   1 
_pdbx_unobs_or_zero_occ_residues.auth_asym_id     A 
_pdbx_unobs_or_zero_occ_residues.auth_comp_id     GLY 
_pdbx_unobs_or_zero_occ_residues.auth_seq_id      159 
_pdbx_unobs_or_zero_occ_residues.PDB_ins_code     ? 
_pdbx_unobs_or_zero_occ_residues.label_asym_id    A 
_pdbx_unobs_or_zero_occ_residues.label_comp_id    GLY 
_pdbx_unobs_or_zero_occ_residues.label_seq_id     160 
# 
loop_
_chem_comp_atom.comp_id 
_chem_comp_atom.atom_id 
_chem_comp_atom.type_symbol 
_chem_comp_atom.pdbx_aromatic_flag 
_chem_comp_atom.pdbx_stereo_config 
_chem_comp_atom.pdbx_ordinal 
ALA N    N  N N 1   
ALA CA   C  N S 2   
ALA C    C  N N 3   
ALA O    O  N N 4   
ALA CB   C  N N 5   
ALA OXT  O  N N 6   
ALA H    H  N N 7   
ALA H2   H  N N 8   
ALA HA   H  N N 9   
ALA HB1  H  N N 10  
ALA HB2  H  N N 11  
ALA HB3  H  N N 12  
ALA HXT  H  N N 13  
ARG N    N  N N 14  
ARG CA   C  N S 15  
ARG C    C  N N 16  
ARG O    O  N N 17  
ARG CB   C  N N 18  
ARG CG   C  N N 19  
ARG CD   C  N N 20  
ARG NE   N  N N 21  
ARG CZ   C  N N 22  
ARG NH1  N  N N 23  
ARG NH2  N  N N 24  
ARG OXT  O  N N 25  
ARG H    H  N N 26  
ARG H2   H  N N 27  
ARG HA   H  N N 28  
ARG HB2  H  N N 29  
ARG HB3  H  N N 30  
ARG HG2  H  N N 31  
ARG HG3  H  N N 32  
ARG HD2  H  N N 33  
ARG HD3  H  N N 34  
ARG HE   H  N N 35  
ARG HH11 H  N N 36  
ARG HH12 H  N N 37  
ARG HH21 H  N N 38  
ARG HH22 H  N N 39  
ARG HXT  H  N N 40  
ASN N    N  N N 41  
ASN CA   C  N S 42  
ASN C    C  N N 43  
ASN O    O  N N 44  
ASN CB   C  N N 45  
ASN CG   C  N N 46  
ASN OD1  O  N N 47  
ASN ND2  N  N N 48  
ASN OXT  O  N N 49  
ASN H    H  N N 50  
ASN H2   H  N N 51  
ASN HA   H  N N 52  
ASN HB2  H  N N 53  
ASN HB3  H  N N 54  
ASN HD21 H  N N 55  
ASN HD22 H  N N 56  
ASN HXT  H  N N 57  
ASP N    N  N N 58  
ASP CA   C  N S 59  
ASP C    C  N N 60  
ASP O    O  N N 61  
ASP CB   C  N N 62  
ASP CG   C  N N 63  
ASP OD1  O  N N 64  
ASP OD2  O  N N 65  
ASP OXT  O  N N 66  
ASP H    H  N N 67  
ASP H2   H  N N 68  
ASP HA   H  N N 69  
ASP HB2  H  N N 70  
ASP HB3  H  N N 71  
ASP HD2  H  N N 72  
ASP HXT  H  N N 73  
CL  CL   CL N N 74  
GLN N    N  N N 75  
GLN CA   C  N S 76  
GLN C    C  N N 77  
GLN O    O  N N 78  
GLN CB   C  N N 79  
GLN CG   C  N N 80  
GLN CD   C  N N 81  
GLN OE1  O  N N 82  
GLN NE2  N  N N 83  
GLN OXT  O  N N 84  
GLN H    H  N N 85  
GLN H2   H  N N 86  
GLN HA   H  N N 87  
GLN HB2  H  N N 88  
GLN HB3  H  N N 89  
GLN HG2  H  N N 90  
GLN HG3  H  N N 91  
GLN HE21 H  N N 92  
GLN HE22 H  N N 93  
GLN HXT  H  N N 94  
GLU N    N  N N 95  
GLU CA   C  N S 96  
GLU C    C  N N 97  
GLU O    O  N N 98  
GLU CB   C  N N 99  
GLU CG   C  N N 100 
GLU CD   C  N N 101 
GLU OE1  O  N N 102 
GLU OE2  O  N N 103 
GLU OXT  O  N N 104 
GLU H    H  N N 105 
GLU H2   H  N N 106 
GLU HA   H  N N 107 
GLU HB2  H  N N 108 
GLU HB3  H  N N 109 
GLU HG2  H  N N 110 
GLU HG3  H  N N 111 
GLU HE2  H  N N 112 
GLU HXT  H  N N 113 
GLY N    N  N N 114 
GLY CA   C  N N 115 
GLY C    C  N N 116 
GLY O    O  N N 117 
GLY OXT  O  N N 118 
GLY H    H  N N 119 
GLY H2   H  N N 120 
GLY HA2  H  N N 121 
GLY HA3  H  N N 122 
GLY HXT  H  N N 123 
HIS N    N  N N 124 
HIS CA   C  N S 125 
HIS C    C  N N 126 
HIS O    O  N N 127 
HIS CB   C  N N 128 
HIS CG   C  Y N 129 
HIS ND1  N  Y N 130 
HIS CD2  C  Y N 131 
HIS CE1  C  Y N 132 
HIS NE2  N  Y N 133 
HIS OXT  O  N N 134 
HIS H    H  N N 135 
HIS H2   H  N N 136 
HIS HA   H  N N 137 
HIS HB2  H  N N 138 
HIS HB3  H  N N 139 
HIS HD1  H  N N 140 
HIS HD2  H  N N 141 
HIS HE1  H  N N 142 
HIS HE2  H  N N 143 
HIS HXT  H  N N 144 
HOH O    O  N N 145 
HOH H1   H  N N 146 
HOH H2   H  N N 147 
ILE N    N  N N 148 
ILE CA   C  N S 149 
ILE C    C  N N 150 
ILE O    O  N N 151 
ILE CB   C  N S 152 
ILE CG1  C  N N 153 
ILE CG2  C  N N 154 
ILE CD1  C  N N 155 
ILE OXT  O  N N 156 
ILE H    H  N N 157 
ILE H2   H  N N 158 
ILE HA   H  N N 159 
ILE HB   H  N N 160 
ILE HG12 H  N N 161 
ILE HG13 H  N N 162 
ILE HG21 H  N N 163 
ILE HG22 H  N N 164 
ILE HG23 H  N N 165 
ILE HD11 H  N N 166 
ILE HD12 H  N N 167 
ILE HD13 H  N N 168 
ILE HXT  H  N N 169 
LEU N    N  N N 170 
LEU CA   C  N S 171 
LEU C    C  N N 172 
LEU O    O  N N 173 
LEU CB   C  N N 174 
LEU CG   C  N N 175 
LEU CD1  C  N N 176 
LEU CD2  C  N N 177 
LEU OXT  O  N N 178 
LEU H    H  N N 179 
LEU H2   H  N N 180 
LEU HA   H  N N 181 
LEU HB2  H  N N 182 
LEU HB3  H  N N 183 
LEU HG   H  N N 184 
LEU HD11 H  N N 185 
LEU HD12 H  N N 186 
LEU HD13 H  N N 187 
LEU HD21 H  N N 188 
LEU HD22 H  N N 189 
LEU HD23 H  N N 190 
LEU HXT  H  N N 191 
LYS N    N  N N 192 
LYS CA   C  N S 193 
LYS C    C  N N 194 
LYS O    O  N N 195 
LYS CB   C  N N 196 
LYS CG   C  N N 197 
LYS CD   C  N N 198 
LYS CE   C  N N 199 
LYS NZ   N  N N 200 
LYS OXT  O  N N 201 
LYS H    H  N N 202 
LYS H2   H  N N 203 
LYS HA   H  N N 204 
LYS HB2  H  N N 205 
LYS HB3  H  N N 206 
LYS HG2  H  N N 207 
LYS HG3  H  N N 208 
LYS HD2  H  N N 209 
LYS HD3  H  N N 210 
LYS HE2  H  N N 211 
LYS HE3  H  N N 212 
LYS HZ1  H  N N 213 
LYS HZ2  H  N N 214 
LYS HZ3  H  N N 215 
LYS HXT  H  N N 216 
MET N    N  N N 217 
MET CA   C  N S 218 
MET C    C  N N 219 
MET O    O  N N 220 
MET CB   C  N N 221 
MET CG   C  N N 222 
MET SD   S  N N 223 
MET CE   C  N N 224 
MET OXT  O  N N 225 
MET H    H  N N 226 
MET H2   H  N N 227 
MET HA   H  N N 228 
MET HB2  H  N N 229 
MET HB3  H  N N 230 
MET HG2  H  N N 231 
MET HG3  H  N N 232 
MET HE1  H  N N 233 
MET HE2  H  N N 234 
MET HE3  H  N N 235 
MET HXT  H  N N 236 
MSE N    N  N N 237 
MSE CA   C  N S 238 
MSE C    C  N N 239 
MSE O    O  N N 240 
MSE OXT  O  N N 241 
MSE CB   C  N N 242 
MSE CG   C  N N 243 
MSE SE   SE N N 244 
MSE CE   C  N N 245 
MSE H    H  N N 246 
MSE H2   H  N N 247 
MSE HA   H  N N 248 
MSE HXT  H  N N 249 
MSE HB2  H  N N 250 
MSE HB3  H  N N 251 
MSE HG2  H  N N 252 
MSE HG3  H  N N 253 
MSE HE1  H  N N 254 
MSE HE2  H  N N 255 
MSE HE3  H  N N 256 
PHE N    N  N N 257 
PHE CA   C  N S 258 
PHE C    C  N N 259 
PHE O    O  N N 260 
PHE CB   C  N N 261 
PHE CG   C  Y N 262 
PHE CD1  C  Y N 263 
PHE CD2  C  Y N 264 
PHE CE1  C  Y N 265 
PHE CE2  C  Y N 266 
PHE CZ   C  Y N 267 
PHE OXT  O  N N 268 
PHE H    H  N N 269 
PHE H2   H  N N 270 
PHE HA   H  N N 271 
PHE HB2  H  N N 272 
PHE HB3  H  N N 273 
PHE HD1  H  N N 274 
PHE HD2  H  N N 275 
PHE HE1  H  N N 276 
PHE HE2  H  N N 277 
PHE HZ   H  N N 278 
PHE HXT  H  N N 279 
PRO N    N  N N 280 
PRO CA   C  N S 281 
PRO C    C  N N 282 
PRO O    O  N N 283 
PRO CB   C  N N 284 
PRO CG   C  N N 285 
PRO CD   C  N N 286 
PRO OXT  O  N N 287 
PRO H    H  N N 288 
PRO HA   H  N N 289 
PRO HB2  H  N N 290 
PRO HB3  H  N N 291 
PRO HG2  H  N N 292 
PRO HG3  H  N N 293 
PRO HD2  H  N N 294 
PRO HD3  H  N N 295 
PRO HXT  H  N N 296 
SER N    N  N N 297 
SER CA   C  N S 298 
SER C    C  N N 299 
SER O    O  N N 300 
SER CB   C  N N 301 
SER OG   O  N N 302 
SER OXT  O  N N 303 
SER H    H  N N 304 
SER H2   H  N N 305 
SER HA   H  N N 306 
SER HB2  H  N N 307 
SER HB3  H  N N 308 
SER HG   H  N N 309 
SER HXT  H  N N 310 
SO4 S    S  N N 311 
SO4 O1   O  N N 312 
SO4 O2   O  N N 313 
SO4 O3   O  N N 314 
SO4 O4   O  N N 315 
THR N    N  N N 316 
THR CA   C  N S 317 
THR C    C  N N 318 
THR O    O  N N 319 
THR CB   C  N R 320 
THR OG1  O  N N 321 
THR CG2  C  N N 322 
THR OXT  O  N N 323 
THR H    H  N N 324 
THR H2   H  N N 325 
THR HA   H  N N 326 
THR HB   H  N N 327 
THR HG1  H  N N 328 
THR HG21 H  N N 329 
THR HG22 H  N N 330 
THR HG23 H  N N 331 
THR HXT  H  N N 332 
TYR N    N  N N 333 
TYR CA   C  N S 334 
TYR C    C  N N 335 
TYR O    O  N N 336 
TYR CB   C  N N 337 
TYR CG   C  Y N 338 
TYR CD1  C  Y N 339 
TYR CD2  C  Y N 340 
TYR CE1  C  Y N 341 
TYR CE2  C  Y N 342 
TYR CZ   C  Y N 343 
TYR OH   O  N N 344 
TYR OXT  O  N N 345 
TYR H    H  N N 346 
TYR H2   H  N N 347 
TYR HA   H  N N 348 
TYR HB2  H  N N 349 
TYR HB3  H  N N 350 
TYR HD1  H  N N 351 
TYR HD2  H  N N 352 
TYR HE1  H  N N 353 
TYR HE2  H  N N 354 
TYR HH   H  N N 355 
TYR HXT  H  N N 356 
VAL N    N  N N 357 
VAL CA   C  N S 358 
VAL C    C  N N 359 
VAL O    O  N N 360 
VAL CB   C  N N 361 
VAL CG1  C  N N 362 
VAL CG2  C  N N 363 
VAL OXT  O  N N 364 
VAL H    H  N N 365 
VAL H2   H  N N 366 
VAL HA   H  N N 367 
VAL HB   H  N N 368 
VAL HG11 H  N N 369 
VAL HG12 H  N N 370 
VAL HG13 H  N N 371 
VAL HG21 H  N N 372 
VAL HG22 H  N N 373 
VAL HG23 H  N N 374 
VAL HXT  H  N N 375 
# 
loop_
_chem_comp_bond.comp_id 
_chem_comp_bond.atom_id_1 
_chem_comp_bond.atom_id_2 
_chem_comp_bond.value_order 
_chem_comp_bond.pdbx_aromatic_flag 
_chem_comp_bond.pdbx_stereo_config 
_chem_comp_bond.pdbx_ordinal 
ALA N   CA   sing N N 1   
ALA N   H    sing N N 2   
ALA N   H2   sing N N 3   
ALA CA  C    sing N N 4   
ALA CA  CB   sing N N 5   
ALA CA  HA   sing N N 6   
ALA C   O    doub N N 7   
ALA C   OXT  sing N N 8   
ALA CB  HB1  sing N N 9   
ALA CB  HB2  sing N N 10  
ALA CB  HB3  sing N N 11  
ALA OXT HXT  sing N N 12  
ARG N   CA   sing N N 13  
ARG N   H    sing N N 14  
ARG N   H2   sing N N 15  
ARG CA  C    sing N N 16  
ARG CA  CB   sing N N 17  
ARG CA  HA   sing N N 18  
ARG C   O    doub N N 19  
ARG C   OXT  sing N N 20  
ARG CB  CG   sing N N 21  
ARG CB  HB2  sing N N 22  
ARG CB  HB3  sing N N 23  
ARG CG  CD   sing N N 24  
ARG CG  HG2  sing N N 25  
ARG CG  HG3  sing N N 26  
ARG CD  NE   sing N N 27  
ARG CD  HD2  sing N N 28  
ARG CD  HD3  sing N N 29  
ARG NE  CZ   sing N N 30  
ARG NE  HE   sing N N 31  
ARG CZ  NH1  sing N N 32  
ARG CZ  NH2  doub N N 33  
ARG NH1 HH11 sing N N 34  
ARG NH1 HH12 sing N N 35  
ARG NH2 HH21 sing N N 36  
ARG NH2 HH22 sing N N 37  
ARG OXT HXT  sing N N 38  
ASN N   CA   sing N N 39  
ASN N   H    sing N N 40  
ASN N   H2   sing N N 41  
ASN CA  C    sing N N 42  
ASN CA  CB   sing N N 43  
ASN CA  HA   sing N N 44  
ASN C   O    doub N N 45  
ASN C   OXT  sing N N 46  
ASN CB  CG   sing N N 47  
ASN CB  HB2  sing N N 48  
ASN CB  HB3  sing N N 49  
ASN CG  OD1  doub N N 50  
ASN CG  ND2  sing N N 51  
ASN ND2 HD21 sing N N 52  
ASN ND2 HD22 sing N N 53  
ASN OXT HXT  sing N N 54  
ASP N   CA   sing N N 55  
ASP N   H    sing N N 56  
ASP N   H2   sing N N 57  
ASP CA  C    sing N N 58  
ASP CA  CB   sing N N 59  
ASP CA  HA   sing N N 60  
ASP C   O    doub N N 61  
ASP C   OXT  sing N N 62  
ASP CB  CG   sing N N 63  
ASP CB  HB2  sing N N 64  
ASP CB  HB3  sing N N 65  
ASP CG  OD1  doub N N 66  
ASP CG  OD2  sing N N 67  
ASP OD2 HD2  sing N N 68  
ASP OXT HXT  sing N N 69  
GLN N   CA   sing N N 70  
GLN N   H    sing N N 71  
GLN N   H2   sing N N 72  
GLN CA  C    sing N N 73  
GLN CA  CB   sing N N 74  
GLN CA  HA   sing N N 75  
GLN C   O    doub N N 76  
GLN C   OXT  sing N N 77  
GLN CB  CG   sing N N 78  
GLN CB  HB2  sing N N 79  
GLN CB  HB3  sing N N 80  
GLN CG  CD   sing N N 81  
GLN CG  HG2  sing N N 82  
GLN CG  HG3  sing N N 83  
GLN CD  OE1  doub N N 84  
GLN CD  NE2  sing N N 85  
GLN NE2 HE21 sing N N 86  
GLN NE2 HE22 sing N N 87  
GLN OXT HXT  sing N N 88  
GLU N   CA   sing N N 89  
GLU N   H    sing N N 90  
GLU N   H2   sing N N 91  
GLU CA  C    sing N N 92  
GLU CA  CB   sing N N 93  
GLU CA  HA   sing N N 94  
GLU C   O    doub N N 95  
GLU C   OXT  sing N N 96  
GLU CB  CG   sing N N 97  
GLU CB  HB2  sing N N 98  
GLU CB  HB3  sing N N 99  
GLU CG  CD   sing N N 100 
GLU CG  HG2  sing N N 101 
GLU CG  HG3  sing N N 102 
GLU CD  OE1  doub N N 103 
GLU CD  OE2  sing N N 104 
GLU OE2 HE2  sing N N 105 
GLU OXT HXT  sing N N 106 
GLY N   CA   sing N N 107 
GLY N   H    sing N N 108 
GLY N   H2   sing N N 109 
GLY CA  C    sing N N 110 
GLY CA  HA2  sing N N 111 
GLY CA  HA3  sing N N 112 
GLY C   O    doub N N 113 
GLY C   OXT  sing N N 114 
GLY OXT HXT  sing N N 115 
HIS N   CA   sing N N 116 
HIS N   H    sing N N 117 
HIS N   H2   sing N N 118 
HIS CA  C    sing N N 119 
HIS CA  CB   sing N N 120 
HIS CA  HA   sing N N 121 
HIS C   O    doub N N 122 
HIS C   OXT  sing N N 123 
HIS CB  CG   sing N N 124 
HIS CB  HB2  sing N N 125 
HIS CB  HB3  sing N N 126 
HIS CG  ND1  sing Y N 127 
HIS CG  CD2  doub Y N 128 
HIS ND1 CE1  doub Y N 129 
HIS ND1 HD1  sing N N 130 
HIS CD2 NE2  sing Y N 131 
HIS CD2 HD2  sing N N 132 
HIS CE1 NE2  sing Y N 133 
HIS CE1 HE1  sing N N 134 
HIS NE2 HE2  sing N N 135 
HIS OXT HXT  sing N N 136 
HOH O   H1   sing N N 137 
HOH O   H2   sing N N 138 
ILE N   CA   sing N N 139 
ILE N   H    sing N N 140 
ILE N   H2   sing N N 141 
ILE CA  C    sing N N 142 
ILE CA  CB   sing N N 143 
ILE CA  HA   sing N N 144 
ILE C   O    doub N N 145 
ILE C   OXT  sing N N 146 
ILE CB  CG1  sing N N 147 
ILE CB  CG2  sing N N 148 
ILE CB  HB   sing N N 149 
ILE CG1 CD1  sing N N 150 
ILE CG1 HG12 sing N N 151 
ILE CG1 HG13 sing N N 152 
ILE CG2 HG21 sing N N 153 
ILE CG2 HG22 sing N N 154 
ILE CG2 HG23 sing N N 155 
ILE CD1 HD11 sing N N 156 
ILE CD1 HD12 sing N N 157 
ILE CD1 HD13 sing N N 158 
ILE OXT HXT  sing N N 159 
LEU N   CA   sing N N 160 
LEU N   H    sing N N 161 
LEU N   H2   sing N N 162 
LEU CA  C    sing N N 163 
LEU CA  CB   sing N N 164 
LEU CA  HA   sing N N 165 
LEU C   O    doub N N 166 
LEU C   OXT  sing N N 167 
LEU CB  CG   sing N N 168 
LEU CB  HB2  sing N N 169 
LEU CB  HB3  sing N N 170 
LEU CG  CD1  sing N N 171 
LEU CG  CD2  sing N N 172 
LEU CG  HG   sing N N 173 
LEU CD1 HD11 sing N N 174 
LEU CD1 HD12 sing N N 175 
LEU CD1 HD13 sing N N 176 
LEU CD2 HD21 sing N N 177 
LEU CD2 HD22 sing N N 178 
LEU CD2 HD23 sing N N 179 
LEU OXT HXT  sing N N 180 
LYS N   CA   sing N N 181 
LYS N   H    sing N N 182 
LYS N   H2   sing N N 183 
LYS CA  C    sing N N 184 
LYS CA  CB   sing N N 185 
LYS CA  HA   sing N N 186 
LYS C   O    doub N N 187 
LYS C   OXT  sing N N 188 
LYS CB  CG   sing N N 189 
LYS CB  HB2  sing N N 190 
LYS CB  HB3  sing N N 191 
LYS CG  CD   sing N N 192 
LYS CG  HG2  sing N N 193 
LYS CG  HG3  sing N N 194 
LYS CD  CE   sing N N 195 
LYS CD  HD2  sing N N 196 
LYS CD  HD3  sing N N 197 
LYS CE  NZ   sing N N 198 
LYS CE  HE2  sing N N 199 
LYS CE  HE3  sing N N 200 
LYS NZ  HZ1  sing N N 201 
LYS NZ  HZ2  sing N N 202 
LYS NZ  HZ3  sing N N 203 
LYS OXT HXT  sing N N 204 
MET N   CA   sing N N 205 
MET N   H    sing N N 206 
MET N   H2   sing N N 207 
MET CA  C    sing N N 208 
MET CA  CB   sing N N 209 
MET CA  HA   sing N N 210 
MET C   O    doub N N 211 
MET C   OXT  sing N N 212 
MET CB  CG   sing N N 213 
MET CB  HB2  sing N N 214 
MET CB  HB3  sing N N 215 
MET CG  SD   sing N N 216 
MET CG  HG2  sing N N 217 
MET CG  HG3  sing N N 218 
MET SD  CE   sing N N 219 
MET CE  HE1  sing N N 220 
MET CE  HE2  sing N N 221 
MET CE  HE3  sing N N 222 
MET OXT HXT  sing N N 223 
MSE N   CA   sing N N 224 
MSE N   H    sing N N 225 
MSE N   H2   sing N N 226 
MSE CA  C    sing N N 227 
MSE CA  CB   sing N N 228 
MSE CA  HA   sing N N 229 
MSE C   O    doub N N 230 
MSE C   OXT  sing N N 231 
MSE OXT HXT  sing N N 232 
MSE CB  CG   sing N N 233 
MSE CB  HB2  sing N N 234 
MSE CB  HB3  sing N N 235 
MSE CG  SE   sing N N 236 
MSE CG  HG2  sing N N 237 
MSE CG  HG3  sing N N 238 
MSE SE  CE   sing N N 239 
MSE CE  HE1  sing N N 240 
MSE CE  HE2  sing N N 241 
MSE CE  HE3  sing N N 242 
PHE N   CA   sing N N 243 
PHE N   H    sing N N 244 
PHE N   H2   sing N N 245 
PHE CA  C    sing N N 246 
PHE CA  CB   sing N N 247 
PHE CA  HA   sing N N 248 
PHE C   O    doub N N 249 
PHE C   OXT  sing N N 250 
PHE CB  CG   sing N N 251 
PHE CB  HB2  sing N N 252 
PHE CB  HB3  sing N N 253 
PHE CG  CD1  doub Y N 254 
PHE CG  CD2  sing Y N 255 
PHE CD1 CE1  sing Y N 256 
PHE CD1 HD1  sing N N 257 
PHE CD2 CE2  doub Y N 258 
PHE CD2 HD2  sing N N 259 
PHE CE1 CZ   doub Y N 260 
PHE CE1 HE1  sing N N 261 
PHE CE2 CZ   sing Y N 262 
PHE CE2 HE2  sing N N 263 
PHE CZ  HZ   sing N N 264 
PHE OXT HXT  sing N N 265 
PRO N   CA   sing N N 266 
PRO N   CD   sing N N 267 
PRO N   H    sing N N 268 
PRO CA  C    sing N N 269 
PRO CA  CB   sing N N 270 
PRO CA  HA   sing N N 271 
PRO C   O    doub N N 272 
PRO C   OXT  sing N N 273 
PRO CB  CG   sing N N 274 
PRO CB  HB2  sing N N 275 
PRO CB  HB3  sing N N 276 
PRO CG  CD   sing N N 277 
PRO CG  HG2  sing N N 278 
PRO CG  HG3  sing N N 279 
PRO CD  HD2  sing N N 280 
PRO CD  HD3  sing N N 281 
PRO OXT HXT  sing N N 282 
SER N   CA   sing N N 283 
SER N   H    sing N N 284 
SER N   H2   sing N N 285 
SER CA  C    sing N N 286 
SER CA  CB   sing N N 287 
SER CA  HA   sing N N 288 
SER C   O    doub N N 289 
SER C   OXT  sing N N 290 
SER CB  OG   sing N N 291 
SER CB  HB2  sing N N 292 
SER CB  HB3  sing N N 293 
SER OG  HG   sing N N 294 
SER OXT HXT  sing N N 295 
SO4 S   O1   doub N N 296 
SO4 S   O2   doub N N 297 
SO4 S   O3   sing N N 298 
SO4 S   O4   sing N N 299 
THR N   CA   sing N N 300 
THR N   H    sing N N 301 
THR N   H2   sing N N 302 
THR CA  C    sing N N 303 
THR CA  CB   sing N N 304 
THR CA  HA   sing N N 305 
THR C   O    doub N N 306 
THR C   OXT  sing N N 307 
THR CB  OG1  sing N N 308 
THR CB  CG2  sing N N 309 
THR CB  HB   sing N N 310 
THR OG1 HG1  sing N N 311 
THR CG2 HG21 sing N N 312 
THR CG2 HG22 sing N N 313 
THR CG2 HG23 sing N N 314 
THR OXT HXT  sing N N 315 
TYR N   CA   sing N N 316 
TYR N   H    sing N N 317 
TYR N   H2   sing N N 318 
TYR CA  C    sing N N 319 
TYR CA  CB   sing N N 320 
TYR CA  HA   sing N N 321 
TYR C   O    doub N N 322 
TYR C   OXT  sing N N 323 
TYR CB  CG   sing N N 324 
TYR CB  HB2  sing N N 325 
TYR CB  HB3  sing N N 326 
TYR CG  CD1  doub Y N 327 
TYR CG  CD2  sing Y N 328 
TYR CD1 CE1  sing Y N 329 
TYR CD1 HD1  sing N N 330 
TYR CD2 CE2  doub Y N 331 
TYR CD2 HD2  sing N N 332 
TYR CE1 CZ   doub Y N 333 
TYR CE1 HE1  sing N N 334 
TYR CE2 CZ   sing Y N 335 
TYR CE2 HE2  sing N N 336 
TYR CZ  OH   sing N N 337 
TYR OH  HH   sing N N 338 
TYR OXT HXT  sing N N 339 
VAL N   CA   sing N N 340 
VAL N   H    sing N N 341 
VAL N   H2   sing N N 342 
VAL CA  C    sing N N 343 
VAL CA  CB   sing N N 344 
VAL CA  HA   sing N N 345 
VAL C   O    doub N N 346 
VAL C   OXT  sing N N 347 
VAL CB  CG1  sing N N 348 
VAL CB  CG2  sing N N 349 
VAL CB  HB   sing N N 350 
VAL CG1 HG11 sing N N 351 
VAL CG1 HG12 sing N N 352 
VAL CG1 HG13 sing N N 353 
VAL CG2 HG21 sing N N 354 
VAL CG2 HG22 sing N N 355 
VAL CG2 HG23 sing N N 356 
VAL OXT HXT  sing N N 357 
# 
_atom_sites.entry_id                    2ICG 
_atom_sites.fract_transf_matrix[1][1]   -0.00791977 
_atom_sites.fract_transf_matrix[1][2]   0.00748092 
_atom_sites.fract_transf_matrix[1][3]   -0.00382176 
_atom_sites.fract_transf_matrix[2][1]   -0.00809875 
_atom_sites.fract_transf_matrix[2][2]   0.00399687 
_atom_sites.fract_transf_matrix[2][3]   0.00718380 
_atom_sites.fract_transf_matrix[3][1]   0.00953313 
_atom_sites.fract_transf_matrix[3][2]   0.01213395 
_atom_sites.fract_transf_matrix[3][3]   0.00399630 
_atom_sites.fract_transf_vector[1]      0.412048 
_atom_sites.fract_transf_vector[2]      0.223131 
_atom_sites.fract_transf_vector[3]      0.028545 
# 
loop_
_atom_type.symbol 
C  
CL 
N  
O  
S  
SE 
# 
loop_
_atom_site.group_PDB 
_atom_site.id 
_atom_site.type_symbol 
_atom_site.label_atom_id 
_atom_site.label_alt_id 
_atom_site.label_comp_id 
_atom_site.label_asym_id 
_atom_site.label_entity_id 
_atom_site.label_seq_id 
_atom_site.pdbx_PDB_ins_code 
_atom_site.Cartn_x 
_atom_site.Cartn_y 
_atom_site.Cartn_z 
_atom_site.occupancy 
_atom_site.B_iso_or_equiv 
_atom_site.pdbx_formal_charge 
_atom_site.auth_seq_id 
_atom_site.auth_comp_id 
_atom_site.auth_asym_id 
_atom_site.auth_atom_id 
_atom_site.pdbx_PDB_model_num 
ATOM   1    N  N   . GLY A 1 1   ? -19.707 -5.561  2.893   1.00 46.34 ? 0   GLY A N   1 
ATOM   2    C  CA  . GLY A 1 1   ? -18.773 -5.376  4.030   1.00 43.10 ? 0   GLY A CA  1 
ATOM   3    C  C   . GLY A 1 1   ? -17.700 -4.380  3.659   1.00 42.56 ? 0   GLY A C   1 
ATOM   4    O  O   . GLY A 1 1   ? -17.837 -3.634  2.686   1.00 41.53 ? 0   GLY A O   1 
HETATM 5    N  N   . MSE A 1 2   ? -16.632 -4.353  4.444   1.00 41.85 ? 1   MSE A N   1 
HETATM 6    C  CA  . MSE A 1 2   ? -15.578 -3.364  4.254   1.00 38.91 ? 1   MSE A CA  1 
HETATM 7    C  C   . MSE A 1 2   ? -14.957 -3.548  2.861   1.00 36.68 ? 1   MSE A C   1 
HETATM 8    O  O   . MSE A 1 2   ? -14.779 -2.568  2.132   1.00 34.80 ? 1   MSE A O   1 
HETATM 9    C  CB  . MSE A 1 2   ? -14.534 -3.489  5.373   1.00 40.60 ? 1   MSE A CB  1 
HETATM 10   C  CG  . MSE A 1 2   ? -13.426 -2.449  5.381   1.00 41.49 ? 1   MSE A CG  1 
HETATM 11   SE SE  . MSE A 1 2   ? -11.937 -2.930  4.155   0.75 39.68 ? 1   MSE A SE  1 
HETATM 12   C  CE  . MSE A 1 2   ? -11.373 -4.627  4.943   1.00 32.07 ? 1   MSE A CE  1 
ATOM   13   N  N   . ALA A 1 3   ? -14.635 -4.786  2.481   1.00 34.19 ? 2   ALA A N   1 
ATOM   14   C  CA  . ALA A 1 3   ? -13.940 -4.982  1.199   1.00 32.87 ? 2   ALA A CA  1 
ATOM   15   C  C   . ALA A 1 3   ? -14.870 -4.733  -0.002  1.00 31.38 ? 2   ALA A C   1 
ATOM   16   O  O   . ALA A 1 3   ? -14.490 -4.096  -0.977  1.00 29.94 ? 2   ALA A O   1 
ATOM   17   C  CB  . ALA A 1 3   ? -13.266 -6.366  1.117   1.00 30.84 ? 2   ALA A CB  1 
ATOM   18   N  N   . SER A 1 4   ? -16.115 -5.187  0.082   1.00 29.72 ? 3   SER A N   1 
ATOM   19   C  CA  . SER A 1 4   ? -17.065 -4.986  -1.019  1.00 29.34 ? 3   SER A CA  1 
ATOM   20   C  C   . SER A 1 4   ? -17.540 -3.519  -1.215  1.00 31.57 ? 3   SER A C   1 
ATOM   21   O  O   . SER A 1 4   ? -18.057 -3.173  -2.263  1.00 31.92 ? 3   SER A O   1 
ATOM   22   C  CB  . SER A 1 4   ? -18.259 -5.947  -0.803  1.00 28.42 ? 3   SER A CB  1 
ATOM   23   O  OG  . SER A 1 4   ? -19.013 -5.522  0.323   1.00 38.84 ? 3   SER A OG  1 
ATOM   24   N  N   A SER A 1 5   ? -17.342 -2.675  -0.207  0.50 30.79 ? 4   SER A N   1 
ATOM   25   N  N   B SER A 1 5   ? -17.339 -2.685  -0.194  0.50 30.42 ? 4   SER A N   1 
ATOM   26   C  CA  A SER A 1 5   ? -17.677 -1.269  -0.313  0.50 30.26 ? 4   SER A CA  1 
ATOM   27   C  CA  B SER A 1 5   ? -17.665 -1.269  -0.253  0.50 29.38 ? 4   SER A CA  1 
ATOM   28   C  C   A SER A 1 5   ? -16.459 -0.417  -0.483  0.50 29.79 ? 4   SER A C   1 
ATOM   29   C  C   B SER A 1 5   ? -16.461 -0.438  -0.585  0.50 29.41 ? 4   SER A C   1 
ATOM   30   O  O   A SER A 1 5   ? -16.604 0.772   -0.629  0.50 24.21 ? 4   SER A O   1 
ATOM   31   O  O   B SER A 1 5   ? -16.622 0.704   -0.964  0.50 23.26 ? 4   SER A O   1 
ATOM   32   C  CB  A SER A 1 5   ? -18.453 -0.800  0.925   0.50 31.07 ? 4   SER A CB  1 
ATOM   33   C  CB  B SER A 1 5   ? -18.228 -0.785  1.089   0.50 30.30 ? 4   SER A CB  1 
ATOM   34   O  OG  A SER A 1 5   ? -17.649 -0.861  2.095   0.50 35.28 ? 4   SER A OG  1 
ATOM   35   O  OG  B SER A 1 5   ? -19.302 -1.593  1.542   0.50 30.19 ? 4   SER A OG  1 
ATOM   36   N  N   . PHE A 1 6   ? -15.266 -1.013  -0.466  1.00 29.50 ? 5   PHE A N   1 
ATOM   37   C  CA  . PHE A 1 6   ? -14.018 -0.216  -0.491  1.00 25.81 ? 5   PHE A CA  1 
ATOM   38   C  C   . PHE A 1 6   ? -13.823 0.711   -1.719  1.00 27.02 ? 5   PHE A C   1 
ATOM   39   O  O   . PHE A 1 6   ? -13.546 1.893   -1.554  1.00 26.32 ? 5   PHE A O   1 
ATOM   40   C  CB  . PHE A 1 6   ? -12.818 -1.172  -0.302  1.00 27.68 ? 5   PHE A CB  1 
ATOM   41   C  CG  . PHE A 1 6   ? -11.513 -0.596  -0.607  1.00 25.69 ? 5   PHE A CG  1 
ATOM   42   C  CD1 . PHE A 1 6   ? -10.973 0.406   0.176   1.00 28.71 ? 5   PHE A CD1 1 
ATOM   43   C  CD2 . PHE A 1 6   ? -10.788 -1.094  -1.678  1.00 31.34 ? 5   PHE A CD2 1 
ATOM   44   C  CE1 . PHE A 1 6   ? -9.726  0.931   -0.104  1.00 27.71 ? 5   PHE A CE1 1 
ATOM   45   C  CE2 . PHE A 1 6   ? -9.580  -0.630  -1.998  1.00 25.84 ? 5   PHE A CE2 1 
ATOM   46   C  CZ  . PHE A 1 6   ? -9.013  0.433   -1.245  1.00 22.51 ? 5   PHE A CZ  1 
ATOM   47   N  N   . LEU A 1 7   ? -13.951 0.184   -2.930  1.00 26.78 ? 6   LEU A N   1 
ATOM   48   C  CA  . LEU A 1 7   ? -13.697 1.007   -4.131  1.00 26.02 ? 6   LEU A CA  1 
ATOM   49   C  C   . LEU A 1 7   ? -14.712 2.158   -4.270  1.00 24.70 ? 6   LEU A C   1 
ATOM   50   O  O   . LEU A 1 7   ? -14.327 3.332   -4.530  1.00 26.95 ? 6   LEU A O   1 
ATOM   51   C  CB  . LEU A 1 7   ? -13.620 0.106   -5.381  1.00 30.13 ? 6   LEU A CB  1 
ATOM   52   C  CG  . LEU A 1 7   ? -12.301 -0.660  -5.639  1.00 23.69 ? 6   LEU A CG  1 
ATOM   53   C  CD1 . LEU A 1 7   ? -12.378 -1.315  -6.995  1.00 31.06 ? 6   LEU A CD1 1 
ATOM   54   C  CD2 . LEU A 1 7   ? -11.049 0.259   -5.521  1.00 23.71 ? 6   LEU A CD2 1 
ATOM   55   N  N   . GLU A 1 8   ? -15.974 1.872   -3.943  1.00 26.60 ? 7   GLU A N   1 
ATOM   56   C  CA  . GLU A 1 8   ? -17.036 2.882   -3.943  1.00 29.99 ? 7   GLU A CA  1 
ATOM   57   C  C   . GLU A 1 8   ? -16.670 4.020   -2.970  1.00 26.87 ? 7   GLU A C   1 
ATOM   58   O  O   . GLU A 1 8   ? -16.806 5.192   -3.271  1.00 28.74 ? 7   GLU A O   1 
ATOM   59   C  CB  . GLU A 1 8   ? -18.398 2.244   -3.596  1.00 30.80 ? 7   GLU A CB  1 
ATOM   60   C  CG  . GLU A 1 8   ? -19.574 3.156   -3.811  1.00 37.93 ? 7   GLU A CG  1 
ATOM   61   C  CD  . GLU A 1 8   ? -20.888 2.562   -3.257  1.00 39.11 ? 7   GLU A CD  1 
ATOM   62   O  OE1 . GLU A 1 8   ? -20.999 1.317   -3.073  1.00 49.87 ? 7   GLU A OE1 1 
ATOM   63   O  OE2 . GLU A 1 8   ? -21.816 3.368   -2.998  1.00 60.59 ? 7   GLU A OE2 1 
ATOM   64   N  N   . GLU A 1 9   ? -16.182 3.661   -1.786  1.00 28.95 ? 8   GLU A N   1 
ATOM   65   C  CA  . GLU A 1 9   ? -15.848 4.656   -0.789  1.00 27.40 ? 8   GLU A CA  1 
ATOM   66   C  C   . GLU A 1 9   ? -14.674 5.513   -1.182  1.00 25.03 ? 8   GLU A C   1 
ATOM   67   O  O   . GLU A 1 9   ? -14.662 6.749   -0.928  1.00 26.44 ? 8   GLU A O   1 
ATOM   68   C  CB  . GLU A 1 9   ? -15.618 3.980   0.582   1.00 25.73 ? 8   GLU A CB  1 
ATOM   69   C  CG  . GLU A 1 9   ? -15.385 4.964   1.745   1.00 34.26 ? 8   GLU A CG  1 
ATOM   70   C  CD  . GLU A 1 9   ? -16.592 5.892   2.083   1.00 46.17 ? 8   GLU A CD  1 
ATOM   71   O  OE1 . GLU A 1 9   ? -17.766 5.598   1.702   1.00 35.72 ? 8   GLU A OE1 1 
ATOM   72   O  OE2 . GLU A 1 9   ? -16.326 6.923   2.747   1.00 42.06 ? 8   GLU A OE2 1 
ATOM   73   N  N   . VAL A 1 10  ? -13.613 4.884   -1.758  1.00 25.56 ? 9   VAL A N   1 
ATOM   74   C  CA  . VAL A 1 10  ? -12.430 5.634   -2.180  1.00 26.12 ? 9   VAL A CA  1 
ATOM   75   C  C   . VAL A 1 10  ? -12.869 6.604   -3.272  1.00 21.66 ? 9   VAL A C   1 
ATOM   76   O  O   . VAL A 1 10  ? -12.483 7.756   -3.289  1.00 20.78 ? 9   VAL A O   1 
ATOM   77   C  CB  . VAL A 1 10  ? -11.304 4.652   -2.694  1.00 28.51 ? 9   VAL A CB  1 
ATOM   78   C  CG1 . VAL A 1 10  ? -10.233 5.417   -3.437  1.00 26.77 ? 9   VAL A CG1 1 
ATOM   79   C  CG2 . VAL A 1 10  ? -10.693 3.853   -1.501  1.00 25.59 ? 9   VAL A CG2 1 
ATOM   80   N  N   . ASP A 1 11  ? -13.647 6.126   -4.216  1.00 23.40 ? 10  ASP A N   1 
ATOM   81   C  CA  . ASP A 1 11  ? -14.120 6.982   -5.316  1.00 20.55 ? 10  ASP A CA  1 
ATOM   82   C  C   . ASP A 1 11  ? -14.991 8.099   -4.754  1.00 24.67 ? 10  ASP A C   1 
ATOM   83   O  O   . ASP A 1 11  ? -14.944 9.222   -5.220  1.00 22.76 ? 10  ASP A O   1 
ATOM   84   C  CB  . ASP A 1 11  ? -14.966 6.126   -6.309  1.00 21.72 ? 10  ASP A CB  1 
ATOM   85   C  CG  . ASP A 1 11  ? -15.352 6.942   -7.556  1.00 29.71 ? 10  ASP A CG  1 
ATOM   86   O  OD1 . ASP A 1 11  ? -14.444 7.523   -8.216  1.00 34.77 ? 10  ASP A OD1 1 
ATOM   87   O  OD2 . ASP A 1 11  ? -16.559 7.102   -7.768  1.00 31.01 ? 10  ASP A OD2 1 
ATOM   88   N  N   . ARG A 1 12  ? -15.857 7.783   -3.792  1.00 24.96 ? 11  ARG A N   1 
ATOM   89   C  CA  . ARG A 1 12  ? -16.731 8.820   -3.235  1.00 24.10 ? 11  ARG A CA  1 
ATOM   90   C  C   . ARG A 1 12  ? -15.849 9.890   -2.695  1.00 23.06 ? 11  ARG A C   1 
ATOM   91   O  O   . ARG A 1 12  ? -16.068 11.089  -2.923  1.00 25.62 ? 11  ARG A O   1 
ATOM   92   C  CB  . ARG A 1 12  ? -17.588 8.284   -2.094  1.00 24.89 ? 11  ARG A CB  1 
ATOM   93   C  CG  . ARG A 1 12  ? -18.413 9.361   -1.377  1.00 28.21 ? 11  ARG A CG  1 
ATOM   94   C  CD  . ARG A 1 12  ? -19.363 8.699   -0.365  1.00 35.24 ? 11  ARG A CD  1 
ATOM   95   N  NE  . ARG A 1 12  ? -18.693 8.590   0.929   1.00 35.31 ? 11  ARG A NE  1 
ATOM   96   C  CZ  . ARG A 1 12  ? -18.651 9.547   1.868   1.00 50.75 ? 11  ARG A CZ  1 
ATOM   97   N  NH1 . ARG A 1 12  ? -19.259 10.717  1.706   1.00 44.38 ? 11  ARG A NH1 1 
ATOM   98   N  NH2 . ARG A 1 12  ? -17.986 9.320   3.000   1.00 56.22 ? 11  ARG A NH2 1 
ATOM   99   N  N   . LEU A 1 13  ? -14.829 9.491   -1.956  1.00 26.76 ? 12  LEU A N   1 
ATOM   100  C  CA  . LEU A 1 13  ? -13.937 10.507  -1.380  1.00 22.54 ? 12  LEU A CA  1 
ATOM   101  C  C   . LEU A 1 13  ? -13.097 11.282  -2.364  1.00 27.30 ? 12  LEU A C   1 
ATOM   102  O  O   . LEU A 1 13  ? -12.899 12.456  -2.173  1.00 25.18 ? 12  LEU A O   1 
ATOM   103  C  CB  . LEU A 1 13  ? -12.978 9.941   -0.303  1.00 28.59 ? 12  LEU A CB  1 
ATOM   104  C  CG  . LEU A 1 13  ? -13.653 9.245   0.891   1.00 30.14 ? 12  LEU A CG  1 
ATOM   105  C  CD1 . LEU A 1 13  ? -12.592 8.543   1.796   1.00 25.80 ? 12  LEU A CD1 1 
ATOM   106  C  CD2 . LEU A 1 13  ? -14.512 10.235  1.668   1.00 30.92 ? 12  LEU A CD2 1 
ATOM   107  N  N   . ILE A 1 14  ? -12.570 10.625  -3.380  1.00 26.11 ? 13  ILE A N   1 
ATOM   108  C  CA  . ILE A 1 14  ? -11.770 11.351  -4.387  1.00 22.41 ? 13  ILE A CA  1 
ATOM   109  C  C   . ILE A 1 14  ? -12.632 12.353  -5.142  1.00 16.98 ? 13  ILE A C   1 
ATOM   110  O  O   . ILE A 1 14  ? -12.152 13.455  -5.447  1.00 24.51 ? 13  ILE A O   1 
ATOM   111  C  CB  . ILE A 1 14  ? -11.026 10.339  -5.358  1.00 27.71 ? 13  ILE A CB  1 
ATOM   112  C  CG1 . ILE A 1 14  ? -9.880  9.626   -4.592  1.00 27.83 ? 13  ILE A CG1 1 
ATOM   113  C  CG2 . ILE A 1 14  ? -10.382 11.072  -6.624  1.00 20.20 ? 13  ILE A CG2 1 
ATOM   114  C  CD1 . ILE A 1 14  ? -9.210  8.538   -5.370  1.00 27.29 ? 13  ILE A CD1 1 
ATOM   115  N  N   . THR A 1 15  ? -13.889 11.996  -5.390  1.00 23.97 ? 14  THR A N   1 
ATOM   116  C  CA  . THR A 1 15  ? -14.895 12.862  -6.049  1.00 21.17 ? 14  THR A CA  1 
ATOM   117  C  C   . THR A 1 15  ? -15.048 14.154  -5.198  1.00 26.22 ? 14  THR A C   1 
ATOM   118  O  O   . THR A 1 15  ? -14.944 15.252  -5.719  1.00 20.00 ? 14  THR A O   1 
ATOM   119  C  CB  . THR A 1 15  ? -16.189 12.104  -6.323  1.00 23.85 ? 14  THR A CB  1 
ATOM   120  O  OG1 . THR A 1 15  ? -15.894 11.016  -7.204  1.00 24.90 ? 14  THR A OG1 1 
ATOM   121  C  CG2 . THR A 1 15  ? -17.209 13.055  -6.988  1.00 23.85 ? 14  THR A CG2 1 
ATOM   122  N  N   . LEU A 1 16  ? -15.247 14.014  -3.881  1.00 26.21 ? 15  LEU A N   1 
ATOM   123  C  CA  . LEU A 1 16  ? -15.492 15.159  -3.001  1.00 22.96 ? 15  LEU A CA  1 
ATOM   124  C  C   . LEU A 1 16  ? -14.284 16.046  -2.951  1.00 21.56 ? 15  LEU A C   1 
ATOM   125  O  O   . LEU A 1 16  ? -14.347 17.289  -2.803  1.00 23.55 ? 15  LEU A O   1 
ATOM   126  C  CB  . LEU A 1 16  ? -15.894 14.706  -1.580  1.00 18.82 ? 15  LEU A CB  1 
ATOM   127  C  CG  . LEU A 1 16  ? -17.279 14.059  -1.502  1.00 18.95 ? 15  LEU A CG  1 
ATOM   128  C  CD1 . LEU A 1 16  ? -17.259 13.257  -0.180  1.00 19.87 ? 15  LEU A CD1 1 
ATOM   129  C  CD2 . LEU A 1 16  ? -18.410 15.062  -1.501  1.00 15.66 ? 15  LEU A CD2 1 
ATOM   130  N  N   . SER A 1 17  ? -13.132 15.410  -3.105  1.00 24.90 ? 16  SER A N   1 
ATOM   131  C  CA  . SER A 1 17  ? -11.874 16.098  -2.871  1.00 22.00 ? 16  SER A CA  1 
ATOM   132  C  C   . SER A 1 17  ? -11.533 17.097  -3.956  1.00 23.03 ? 16  SER A C   1 
ATOM   133  O  O   . SER A 1 17  ? -11.763 16.898  -5.124  1.00 23.99 ? 16  SER A O   1 
ATOM   134  C  CB  . SER A 1 17  ? -10.710 15.056  -2.800  1.00 17.27 ? 16  SER A CB  1 
ATOM   135  O  OG  . SER A 1 17  ? -9.504  15.828  -2.502  1.00 23.65 ? 16  SER A OG  1 
ATOM   136  N  N   . GLY A 1 18  ? -10.924 18.215  -3.625  1.00 18.39 ? 17  GLY A N   1 
ATOM   137  C  CA  . GLY A 1 18  ? -10.383 19.030  -4.676  1.00 27.96 ? 17  GLY A CA  1 
ATOM   138  C  C   . GLY A 1 18  ? -8.851  18.982  -4.766  1.00 28.51 ? 17  GLY A C   1 
ATOM   139  O  O   . GLY A 1 18  ? -8.230  19.877  -5.283  1.00 30.13 ? 17  GLY A O   1 
ATOM   140  N  N   . ILE A 1 19  ? -8.234  17.906  -4.315  1.00 28.80 ? 18  ILE A N   1 
ATOM   141  C  CA  . ILE A 1 19  ? -6.811  17.773  -4.587  1.00 29.40 ? 18  ILE A CA  1 
ATOM   142  C  C   . ILE A 1 19  ? -6.652  16.797  -5.758  1.00 25.62 ? 18  ILE A C   1 
ATOM   143  O  O   . ILE A 1 19  ? -7.537  15.984  -6.050  1.00 23.26 ? 18  ILE A O   1 
ATOM   144  C  CB  . ILE A 1 19  ? -6.001  17.424  -3.305  1.00 31.52 ? 18  ILE A CB  1 
ATOM   145  C  CG1 . ILE A 1 19  ? -6.061  15.971  -3.001  1.00 28.46 ? 18  ILE A CG1 1 
ATOM   146  C  CG2 . ILE A 1 19  ? -6.413  18.316  -2.088  1.00 32.92 ? 18  ILE A CG2 1 
ATOM   147  C  CD1 . ILE A 1 19  ? -5.593  15.563  -1.599  1.00 31.66 ? 18  ILE A CD1 1 
ATOM   148  N  N   . THR A 1 20  ? -5.527  16.871  -6.458  1.00 23.48 ? 19  THR A N   1 
ATOM   149  C  CA  . THR A 1 20  ? -5.235  15.947  -7.543  1.00 25.62 ? 19  THR A CA  1 
ATOM   150  C  C   . THR A 1 20  ? -4.655  14.646  -7.024  1.00 21.35 ? 19  THR A C   1 
ATOM   151  O  O   . THR A 1 20  ? -3.776  14.591  -6.213  1.00 26.94 ? 19  THR A O   1 
ATOM   152  C  CB  . THR A 1 20  ? -4.303  16.565  -8.590  1.00 27.38 ? 19  THR A CB  1 
ATOM   153  O  OG1 . THR A 1 20  ? -4.961  17.693  -9.171  1.00 25.08 ? 19  THR A OG1 1 
ATOM   154  C  CG2 . THR A 1 20  ? -4.052  15.462  -9.716  1.00 21.08 ? 19  THR A CG2 1 
ATOM   155  N  N   . PHE A 1 21  ? -5.297  13.565  -7.422  1.00 22.36 ? 20  PHE A N   1 
ATOM   156  C  CA  . PHE A 1 21  ? -4.796  12.221  -7.139  1.00 26.03 ? 20  PHE A CA  1 
ATOM   157  C  C   . PHE A 1 21  ? -4.072  11.684  -8.402  1.00 25.85 ? 20  PHE A C   1 
ATOM   158  O  O   . PHE A 1 21  ? -4.610  11.702  -9.508  1.00 25.49 ? 20  PHE A O   1 
ATOM   159  C  CB  . PHE A 1 21  ? -5.960  11.331  -6.796  1.00 26.34 ? 20  PHE A CB  1 
ATOM   160  C  CG  . PHE A 1 21  ? -6.544  11.601  -5.417  1.00 21.23 ? 20  PHE A CG  1 
ATOM   161  C  CD1 . PHE A 1 21  ? -7.346  12.699  -5.187  1.00 23.47 ? 20  PHE A CD1 1 
ATOM   162  C  CD2 . PHE A 1 21  ? -6.242  10.769  -4.358  1.00 22.04 ? 20  PHE A CD2 1 
ATOM   163  C  CE1 . PHE A 1 21  ? -7.833  12.986  -3.883  1.00 27.45 ? 20  PHE A CE1 1 
ATOM   164  C  CE2 . PHE A 1 21  ? -6.684  11.061  -3.064  1.00 24.48 ? 20  PHE A CE2 1 
ATOM   165  C  CZ  . PHE A 1 21  ? -7.504  12.161  -2.834  1.00 27.96 ? 20  PHE A CZ  1 
ATOM   166  N  N   . HIS A 1 22  ? -2.827  11.262  -8.204  1.00 26.60 ? 21  HIS A N   1 
ATOM   167  C  CA  . HIS A 1 22  ? -1.981  10.761  -9.283  1.00 28.20 ? 21  HIS A CA  1 
ATOM   168  C  C   . HIS A 1 22  ? -1.993  9.240   -9.217  1.00 27.06 ? 21  HIS A C   1 
ATOM   169  O  O   . HIS A 1 22  ? -1.556  8.646   -8.226  1.00 27.80 ? 21  HIS A O   1 
ATOM   170  C  CB  . HIS A 1 22  ? -0.586  11.306  -9.103  1.00 28.37 ? 21  HIS A CB  1 
ATOM   171  C  CG  . HIS A 1 22  ? -0.506  12.807  -9.070  1.00 32.19 ? 21  HIS A CG  1 
ATOM   172  N  ND1 . HIS A 1 22  ? -0.607  13.582  -10.206 1.00 30.76 ? 21  HIS A ND1 1 
ATOM   173  C  CD2 . HIS A 1 22  ? -0.303  13.670  -8.044  1.00 30.54 ? 21  HIS A CD2 1 
ATOM   174  C  CE1 . HIS A 1 22  ? -0.447  14.860  -9.881  1.00 28.94 ? 21  HIS A CE1 1 
ATOM   175  N  NE2 . HIS A 1 22  ? -0.267  14.943  -8.575  1.00 35.15 ? 21  HIS A NE2 1 
ATOM   176  N  N   . ALA A 1 23  ? -2.609  8.622   -10.207 1.00 27.31 ? 22  ALA A N   1 
ATOM   177  C  CA  . ALA A 1 23  ? -2.718  7.209   -10.266 1.00 27.82 ? 22  ALA A CA  1 
ATOM   178  C  C   . ALA A 1 23  ? -2.075  6.680   -11.541 1.00 28.46 ? 22  ALA A C   1 
ATOM   179  O  O   . ALA A 1 23  ? -2.230  7.251   -12.610 1.00 28.21 ? 22  ALA A O   1 
ATOM   180  C  CB  . ALA A 1 23  ? -4.129  6.818   -10.212 1.00 24.14 ? 22  ALA A CB  1 
ATOM   181  N  N   . SER A 1 24  ? -1.312  5.590   -11.438 1.00 28.70 ? 23  SER A N   1 
ATOM   182  C  CA  A SER A 1 24  ? -0.678  5.033   -12.625 0.50 27.84 ? 23  SER A CA  1 
ATOM   183  C  CA  B SER A 1 24  ? -0.690  4.999   -12.626 0.50 29.08 ? 23  SER A CA  1 
ATOM   184  C  C   . SER A 1 24  ? -1.728  4.547   -13.624 1.00 28.31 ? 23  SER A C   1 
ATOM   185  O  O   . SER A 1 24  ? -1.551  4.693   -14.834 1.00 29.65 ? 23  SER A O   1 
ATOM   186  C  CB  A SER A 1 24  ? 0.250   3.881   -12.249 0.50 27.38 ? 23  SER A CB  1 
ATOM   187  C  CB  B SER A 1 24  ? 0.150   3.782   -12.257 0.50 29.09 ? 23  SER A CB  1 
ATOM   188  O  OG  A SER A 1 24  ? -0.511  2.769   -11.823 0.50 17.30 ? 23  SER A OG  1 
ATOM   189  O  OG  B SER A 1 24  ? 1.124   4.132   -11.317 0.50 27.43 ? 23  SER A OG  1 
ATOM   190  N  N   . GLY A 1 25  ? -2.791  3.959   -13.109 1.00 30.30 ? 24  GLY A N   1 
ATOM   191  C  CA  . GLY A 1 25  ? -3.858  3.408   -13.903 1.00 30.99 ? 24  GLY A CA  1 
ATOM   192  C  C   . GLY A 1 25  ? -3.525  2.117   -14.619 1.00 33.03 ? 24  GLY A C   1 
ATOM   193  O  O   . GLY A 1 25  ? -4.348  1.607   -15.420 1.00 33.72 ? 24  GLY A O   1 
ATOM   194  N  N   . THR A 1 26  ? -2.371  1.527   -14.299 1.00 35.98 ? 25  THR A N   1 
ATOM   195  C  CA  . THR A 1 26  ? -1.782  0.459   -15.147 1.00 35.53 ? 25  THR A CA  1 
ATOM   196  C  C   . THR A 1 26  ? -1.856  -0.965  -14.554 1.00 36.75 ? 25  THR A C   1 
ATOM   197  O  O   . THR A 1 26  ? -1.289  -1.921  -15.121 1.00 34.79 ? 25  THR A O   1 
ATOM   198  C  CB  . THR A 1 26  ? -0.318  0.810   -15.525 1.00 36.06 ? 25  THR A CB  1 
ATOM   199  O  OG1 . THR A 1 26  ? 0.427   1.111   -14.344 1.00 34.86 ? 25  THR A OG1 1 
ATOM   200  C  CG2 . THR A 1 26  ? -0.261  2.030   -16.478 1.00 37.50 ? 25  THR A CG2 1 
ATOM   201  N  N   . GLY A 1 27  ? -2.544  -1.107  -13.419 1.00 35.20 ? 26  GLY A N   1 
ATOM   202  C  CA  . GLY A 1 27  ? -2.737  -2.416  -12.791 1.00 33.07 ? 26  GLY A CA  1 
ATOM   203  C  C   . GLY A 1 27  ? -3.734  -3.226  -13.594 1.00 35.25 ? 26  GLY A C   1 
ATOM   204  O  O   . GLY A 1 27  ? -4.713  -2.673  -14.100 1.00 39.17 ? 26  GLY A O   1 
ATOM   205  N  N   . THR A 1 28  ? -3.459  -4.515  -13.754 1.00 34.56 ? 27  THR A N   1 
ATOM   206  C  CA  . THR A 1 28  ? -4.311  -5.445  -14.474 1.00 35.56 ? 27  THR A CA  1 
ATOM   207  C  C   . THR A 1 28  ? -4.320  -6.773  -13.716 1.00 35.98 ? 27  THR A C   1 
ATOM   208  O  O   . THR A 1 28  ? -3.435  -7.019  -12.906 1.00 33.10 ? 27  THR A O   1 
ATOM   209  C  CB  . THR A 1 28  ? -3.779  -5.721  -15.908 1.00 38.66 ? 27  THR A CB  1 
ATOM   210  O  OG1 . THR A 1 28  ? -2.502  -6.365  -15.833 1.00 33.31 ? 27  THR A OG1 1 
ATOM   211  C  CG2 . THR A 1 28  ? -3.664  -4.425  -16.737 1.00 35.31 ? 27  THR A CG2 1 
ATOM   212  N  N   . PRO A 1 29  ? -5.340  -7.623  -13.922 1.00 36.29 ? 28  PRO A N   1 
ATOM   213  C  CA  . PRO A 1 29  ? -5.282  -8.962  -13.301 1.00 35.63 ? 28  PRO A CA  1 
ATOM   214  C  C   . PRO A 1 29  ? -3.966  -9.736  -13.567 1.00 33.43 ? 28  PRO A C   1 
ATOM   215  O  O   . PRO A 1 29  ? -3.439  -10.388 -12.673 1.00 33.31 ? 28  PRO A O   1 
ATOM   216  C  CB  . PRO A 1 29  ? -6.481  -9.690  -13.925 1.00 35.95 ? 28  PRO A CB  1 
ATOM   217  C  CG  . PRO A 1 29  ? -7.429  -8.599  -14.319 1.00 40.81 ? 28  PRO A CG  1 
ATOM   218  C  CD  . PRO A 1 29  ? -6.598  -7.394  -14.651 1.00 39.50 ? 28  PRO A CD  1 
ATOM   219  N  N   . GLU A 1 30  ? -3.423  -9.614  -14.772 1.00 32.30 ? 29  GLU A N   1 
ATOM   220  C  CA  . GLU A 1 30  ? -2.208  -10.337 -15.135 1.00 32.93 ? 29  GLU A CA  1 
ATOM   221  C  C   . GLU A 1 30  ? -1.011  -9.799  -14.393 1.00 27.04 ? 29  GLU A C   1 
ATOM   222  O  O   . GLU A 1 30  ? -0.175  -10.567 -13.953 1.00 29.94 ? 29  GLU A O   1 
ATOM   223  C  CB  . GLU A 1 30  ? -1.934  -10.261 -16.642 1.00 34.85 ? 29  GLU A CB  1 
ATOM   224  C  CG  . GLU A 1 30  ? -3.007  -10.926 -17.506 1.00 39.96 ? 29  GLU A CG  1 
ATOM   225  C  CD  . GLU A 1 30  ? -4.337  -10.161 -17.534 1.00 49.20 ? 29  GLU A CD  1 
ATOM   226  O  OE1 . GLU A 1 30  ? -4.361  -8.911  -17.344 1.00 37.06 ? 29  GLU A OE1 1 
ATOM   227  O  OE2 . GLU A 1 30  ? -5.373  -10.829 -17.738 1.00 55.45 ? 29  GLU A OE2 1 
ATOM   228  N  N   . LEU A 1 31  ? -0.927  -8.480  -14.284 1.00 28.87 ? 30  LEU A N   1 
ATOM   229  C  CA  . LEU A 1 31  ? 0.188   -7.852  -13.587 1.00 29.38 ? 30  LEU A CA  1 
ATOM   230  C  C   . LEU A 1 31  ? 0.086   -8.069  -12.080 1.00 29.53 ? 30  LEU A C   1 
ATOM   231  O  O   . LEU A 1 31  ? 1.099   -8.210  -11.390 1.00 26.25 ? 30  LEU A O   1 
ATOM   232  C  CB  . LEU A 1 31  ? 0.286   -6.361  -13.896 1.00 29.91 ? 30  LEU A CB  1 
ATOM   233  C  CG  . LEU A 1 31  ? 1.034   -5.960  -15.177 1.00 33.71 ? 30  LEU A CG  1 
ATOM   234  C  CD1 . LEU A 1 31  ? 0.808   -4.457  -15.358 1.00 32.31 ? 30  LEU A CD1 1 
ATOM   235  C  CD2 . LEU A 1 31  ? 2.544   -6.331  -15.116 1.00 28.19 ? 30  LEU A CD2 1 
ATOM   236  N  N   . ILE A 1 32  ? -1.137  -8.126  -11.563 1.00 30.09 ? 31  ILE A N   1 
ATOM   237  C  CA  . ILE A 1 32  ? -1.319  -8.455  -10.144 1.00 28.94 ? 31  ILE A CA  1 
ATOM   238  C  C   . ILE A 1 32  ? -0.821  -9.851  -9.855  1.00 28.70 ? 31  ILE A C   1 
ATOM   239  O  O   . ILE A 1 32  ? -0.111  -10.054 -8.878  1.00 30.70 ? 31  ILE A O   1 
ATOM   240  C  CB  . ILE A 1 32  ? -2.789  -8.291  -9.666  1.00 32.38 ? 31  ILE A CB  1 
ATOM   241  C  CG1 . ILE A 1 32  ? -3.198  -6.814  -9.753  1.00 29.68 ? 31  ILE A CG1 1 
ATOM   242  C  CG2 . ILE A 1 32  ? -2.941  -8.819  -8.244  1.00 31.26 ? 31  ILE A CG2 1 
ATOM   243  C  CD1 . ILE A 1 32  ? -4.692  -6.571  -9.773  1.00 29.69 ? 31  ILE A CD1 1 
ATOM   244  N  N   . LYS A 1 33  ? -1.170  -10.816 -10.691 1.00 29.93 ? 32  LYS A N   1 
ATOM   245  C  CA  . LYS A 1 33  ? -0.616  -12.149 -10.546 1.00 29.69 ? 32  LYS A CA  1 
ATOM   246  C  C   . LYS A 1 33  ? 0.925   -12.144 -10.628 1.00 28.17 ? 32  LYS A C   1 
ATOM   247  O  O   . LYS A 1 33  ? 1.595   -12.846 -9.864  1.00 28.06 ? 32  LYS A O   1 
ATOM   248  C  CB  . LYS A 1 33  ? -1.216  -13.095 -11.593 1.00 29.97 ? 32  LYS A CB  1 
ATOM   249  C  CG  . LYS A 1 33  ? -0.922  -14.571 -11.343 1.00 36.55 ? 32  LYS A CG  1 
ATOM   250  C  CD  . LYS A 1 33  ? -0.894  -15.380 -12.644 1.00 35.72 ? 32  LYS A CD  1 
ATOM   251  C  CE  . LYS A 1 33  ? -0.719  -16.894 -12.419 1.00 41.82 ? 32  LYS A CE  1 
ATOM   252  N  NZ  . LYS A 1 33  ? 0.169   -17.225 -11.234 1.00 47.92 ? 32  LYS A NZ  1 
ATOM   253  N  N   . ILE A 1 34  ? 1.485   -11.371 -11.559 1.00 27.78 ? 33  ILE A N   1 
ATOM   254  C  CA  . ILE A 1 34  ? 2.942   -11.375 -11.791 1.00 27.44 ? 33  ILE A CA  1 
ATOM   255  C  C   . ILE A 1 34  ? 3.678   -10.790 -10.593 1.00 28.30 ? 33  ILE A C   1 
ATOM   256  O  O   . ILE A 1 34  ? 4.720   -11.313 -10.165 1.00 25.26 ? 33  ILE A O   1 
ATOM   257  C  CB  . ILE A 1 34  ? 3.339   -10.617 -13.103 1.00 28.55 ? 33  ILE A CB  1 
ATOM   258  C  CG1 . ILE A 1 34  ? 2.990   -11.463 -14.335 1.00 30.00 ? 33  ILE A CG1 1 
ATOM   259  C  CG2 . ILE A 1 34  ? 4.836   -10.295 -13.127 1.00 26.52 ? 33  ILE A CG2 1 
ATOM   260  C  CD1 . ILE A 1 34  ? 2.906   -10.669 -15.634 1.00 29.64 ? 33  ILE A CD1 1 
ATOM   261  N  N   . TYR A 1 35  ? 3.115   -9.727  -10.023 1.00 25.37 ? 34  TYR A N   1 
ATOM   262  C  CA  . TYR A 1 35  ? 3.707   -9.099  -8.846  1.00 26.02 ? 34  TYR A CA  1 
ATOM   263  C  C   . TYR A 1 35  ? 3.669   -10.015 -7.620  1.00 27.31 ? 34  TYR A C   1 
ATOM   264  O  O   . TYR A 1 35  ? 4.662   -10.147 -6.912  1.00 26.52 ? 34  TYR A O   1 
ATOM   265  C  CB  . TYR A 1 35  ? 3.023   -7.756  -8.581  1.00 28.26 ? 34  TYR A CB  1 
ATOM   266  C  CG  . TYR A 1 35  ? 3.629   -6.566  -9.325  1.00 27.05 ? 34  TYR A CG  1 
ATOM   267  C  CD1 . TYR A 1 35  ? 3.746   -6.555  -10.720 1.00 31.01 ? 34  TYR A CD1 1 
ATOM   268  C  CD2 . TYR A 1 35  ? 4.066   -5.450  -8.635  1.00 23.39 ? 34  TYR A CD2 1 
ATOM   269  C  CE1 . TYR A 1 35  ? 4.271   -5.455  -11.389 1.00 25.01 ? 34  TYR A CE1 1 
ATOM   270  C  CE2 . TYR A 1 35  ? 4.599   -4.348  -9.314  1.00 24.67 ? 34  TYR A CE2 1 
ATOM   271  C  CZ  . TYR A 1 35  ? 4.711   -4.378  -10.678 1.00 26.80 ? 34  TYR A CZ  1 
ATOM   272  O  OH  . TYR A 1 35  ? 5.206   -3.304  -11.344 1.00 23.24 ? 34  TYR A OH  1 
ATOM   273  N  N   . GLN A 1 36  ? 2.530   -10.660 -7.383  1.00 27.57 ? 35  GLN A N   1 
ATOM   274  C  CA  . GLN A 1 36  ? 2.401   -11.606 -6.291  1.00 29.66 ? 35  GLN A CA  1 
ATOM   275  C  C   . GLN A 1 36  ? 3.402   -12.753 -6.430  1.00 28.47 ? 35  GLN A C   1 
ATOM   276  O  O   . GLN A 1 36  ? 4.060   -13.113 -5.464  1.00 27.23 ? 35  GLN A O   1 
ATOM   277  C  CB  . GLN A 1 36  ? 0.978   -12.185 -6.244  1.00 30.47 ? 35  GLN A CB  1 
ATOM   278  C  CG  . GLN A 1 36  ? -0.059  -11.228 -5.681  1.00 34.46 ? 35  GLN A CG  1 
ATOM   279  C  CD  . GLN A 1 36  ? -1.450  -11.798 -5.722  1.00 33.32 ? 35  GLN A CD  1 
ATOM   280  O  OE1 . GLN A 1 36  ? -2.075  -11.998 -4.686  1.00 32.10 ? 35  GLN A OE1 1 
ATOM   281  N  NE2 . GLN A 1 36  ? -1.953  -12.048 -6.916  1.00 38.76 ? 35  GLN A NE2 1 
ATOM   282  N  N   . ASP A 1 37  ? 3.485   -13.349 -7.623  1.00 28.16 ? 36  ASP A N   1 
ATOM   283  C  CA  . ASP A 1 37  ? 4.461   -14.416 -7.871  1.00 29.62 ? 36  ASP A CA  1 
ATOM   284  C  C   . ASP A 1 37  ? 5.912   -13.975 -7.647  1.00 29.35 ? 36  ASP A C   1 
ATOM   285  O  O   . ASP A 1 37  ? 6.691   -14.707 -7.058  1.00 28.96 ? 36  ASP A O   1 
ATOM   286  C  CB  . ASP A 1 37  ? 4.307   -14.970 -9.291  1.00 31.53 ? 36  ASP A CB  1 
ATOM   287  C  CG  . ASP A 1 37  ? 2.992   -15.716 -9.497  1.00 36.43 ? 36  ASP A CG  1 
ATOM   288  O  OD1 . ASP A 1 37  ? 2.306   -16.005 -8.498  1.00 38.84 ? 36  ASP A OD1 1 
ATOM   289  O  OD2 . ASP A 1 37  ? 2.648   -16.019 -10.663 1.00 37.10 ? 36  ASP A OD2 1 
ATOM   290  N  N   . ALA A 1 38  ? 6.283   -12.792 -8.131  1.00 28.39 ? 37  ALA A N   1 
ATOM   291  C  CA  . ALA A 1 38  ? 7.659   -12.285 -7.957  1.00 29.14 ? 37  ALA A CA  1 
ATOM   292  C  C   . ALA A 1 38  ? 8.028   -12.047 -6.495  1.00 28.15 ? 37  ALA A C   1 
ATOM   293  O  O   . ALA A 1 38  ? 9.124   -12.402 -6.031  1.00 26.53 ? 37  ALA A O   1 
ATOM   294  C  CB  . ALA A 1 38  ? 7.833   -11.004 -8.737  1.00 28.95 ? 37  ALA A CB  1 
ATOM   295  N  N   . LEU A 1 39  ? 7.096   -11.461 -5.753  1.00 27.27 ? 38  LEU A N   1 
ATOM   296  C  CA  . LEU A 1 39  ? 7.334   -11.111 -4.347  1.00 27.84 ? 38  LEU A CA  1 
ATOM   297  C  C   . LEU A 1 39  ? 7.164   -12.295 -3.398  1.00 25.83 ? 38  LEU A C   1 
ATOM   298  O  O   . LEU A 1 39  ? 7.649   -12.269 -2.265  1.00 25.68 ? 38  LEU A O   1 
ATOM   299  C  CB  . LEU A 1 39  ? 6.415   -9.958  -3.943  1.00 25.27 ? 38  LEU A CB  1 
ATOM   300  C  CG  . LEU A 1 39  ? 6.761   -8.602  -4.549  1.00 25.91 ? 38  LEU A CG  1 
ATOM   301  C  CD1 . LEU A 1 39  ? 5.720   -7.561  -4.102  1.00 26.88 ? 38  LEU A CD1 1 
ATOM   302  C  CD2 . LEU A 1 39  ? 8.175   -8.207  -4.154  1.00 24.25 ? 38  LEU A CD2 1 
ATOM   303  N  N   . GLY A 1 40  ? 6.471   -13.325 -3.879  1.00 27.19 ? 39  GLY A N   1 
ATOM   304  C  CA  . GLY A 1 40  ? 6.149   -14.514 -3.087  1.00 28.26 ? 39  GLY A CA  1 
ATOM   305  C  C   . GLY A 1 40  ? 5.087   -14.319 -2.018  1.00 27.14 ? 39  GLY A C   1 
ATOM   306  O  O   . GLY A 1 40  ? 5.143   -14.964 -0.997  1.00 28.92 ? 39  GLY A O   1 
ATOM   307  N  N   . ASN A 1 41  ? 4.115   -13.448 -2.280  1.00 27.44 ? 40  ASN A N   1 
ATOM   308  C  CA  . ASN A 1 41  ? 3.036   -13.130 -1.353  1.00 28.36 ? 40  ASN A CA  1 
ATOM   309  C  C   . ASN A 1 41  ? 1.677   -13.168 -2.042  1.00 29.39 ? 40  ASN A C   1 
ATOM   310  O  O   . ASN A 1 41  ? 1.557   -12.721 -3.177  1.00 31.89 ? 40  ASN A O   1 
ATOM   311  C  CB  . ASN A 1 41  ? 3.182   -11.717 -0.779  1.00 28.08 ? 40  ASN A CB  1 
ATOM   312  C  CG  . ASN A 1 41  ? 4.537   -11.447 -0.160  1.00 28.95 ? 40  ASN A CG  1 
ATOM   313  O  OD1 . ASN A 1 41  ? 5.284   -10.605 -0.651  1.00 33.56 ? 40  ASN A OD1 1 
ATOM   314  N  ND2 . ASN A 1 41  ? 4.846   -12.114 0.928   1.00 29.85 ? 40  ASN A ND2 1 
ATOM   315  N  N   . GLU A 1 42  ? 0.647   -13.668 -1.361  1.00 29.26 ? 41  GLU A N   1 
ATOM   316  C  CA  . GLU A 1 42  ? -0.735  -13.342 -1.737  1.00 30.52 ? 41  GLU A CA  1 
ATOM   317  C  C   . GLU A 1 42  ? -1.072  -11.907 -1.296  1.00 28.66 ? 41  GLU A C   1 
ATOM   318  O  O   . GLU A 1 42  ? -0.809  -11.533 -0.148  1.00 29.41 ? 41  GLU A O   1 
ATOM   319  C  CB  . GLU A 1 42  ? -1.736  -14.321 -1.090  1.00 32.31 ? 41  GLU A CB  1 
ATOM   320  C  CG  . GLU A 1 42  ? -1.633  -15.776 -1.580  1.00 35.67 ? 41  GLU A CG  1 
ATOM   321  N  N   . PHE A 1 43  ? -1.641  -11.103 -2.216  1.00 26.90 ? 42  PHE A N   1 
ATOM   322  C  CA  . PHE A 1 43  ? -2.120  -9.778  -1.910  1.00 25.95 ? 42  PHE A CA  1 
ATOM   323  C  C   . PHE A 1 43  ? -3.535  -9.841  -1.367  1.00 26.24 ? 42  PHE A C   1 
ATOM   324  O  O   . PHE A 1 43  ? -4.361  -10.609 -1.859  1.00 27.21 ? 42  PHE A O   1 
ATOM   325  C  CB  . PHE A 1 43  ? -2.080  -8.822  -3.112  1.00 23.88 ? 42  PHE A CB  1 
ATOM   326  C  CG  . PHE A 1 43  ? -0.681  -8.529  -3.650  1.00 24.85 ? 42  PHE A CG  1 
ATOM   327  C  CD1 . PHE A 1 43  ? 0.466   -8.778  -2.918  1.00 26.10 ? 42  PHE A CD1 1 
ATOM   328  C  CD2 . PHE A 1 43  ? -0.547  -7.964  -4.909  1.00 24.84 ? 42  PHE A CD2 1 
ATOM   329  C  CE1 . PHE A 1 43  ? 1.730   -8.506  -3.449  1.00 28.29 ? 42  PHE A CE1 1 
ATOM   330  C  CE2 . PHE A 1 43  ? 0.693   -7.687  -5.443  1.00 27.34 ? 42  PHE A CE2 1 
ATOM   331  C  CZ  . PHE A 1 43  ? 1.841   -7.943  -4.709  1.00 27.73 ? 42  PHE A CZ  1 
ATOM   332  N  N   . PRO A 1 44  ? -3.810  -9.079  -0.313  1.00 27.07 ? 43  PRO A N   1 
ATOM   333  C  CA  . PRO A 1 44  ? -5.168  -9.024  0.208   1.00 26.94 ? 43  PRO A CA  1 
ATOM   334  C  C   . PRO A 1 44  ? -6.152  -8.412  -0.771  1.00 27.04 ? 43  PRO A C   1 
ATOM   335  O  O   . PRO A 1 44  ? -5.778  -7.591  -1.619  1.00 24.87 ? 43  PRO A O   1 
ATOM   336  C  CB  . PRO A 1 44  ? -5.063  -8.106  1.426   1.00 27.94 ? 43  PRO A CB  1 
ATOM   337  C  CG  . PRO A 1 44  ? -3.759  -7.552  1.462   1.00 31.90 ? 43  PRO A CG  1 
ATOM   338  C  CD  . PRO A 1 44  ? -2.884  -8.195  0.415   1.00 25.06 ? 43  PRO A CD  1 
ATOM   339  N  N   . GLU A 1 45  ? -7.415  -8.788  -0.637  1.00 27.85 ? 44  GLU A N   1 
ATOM   340  C  CA  . GLU A 1 45  ? -8.440  -8.287  -1.538  1.00 25.93 ? 44  GLU A CA  1 
ATOM   341  C  C   . GLU A 1 45  ? -8.461  -6.769  -1.648  1.00 26.52 ? 44  GLU A C   1 
ATOM   342  O  O   . GLU A 1 45  ? -8.483  -6.266  -2.772  1.00 24.21 ? 44  GLU A O   1 
ATOM   343  C  CB  . GLU A 1 45  ? -9.835  -8.862  -1.191  1.00 26.55 ? 44  GLU A CB  1 
ATOM   344  C  CG  . GLU A 1 45  ? -11.009 -8.490  -2.148  1.00 36.93 ? 44  GLU A CG  1 
ATOM   345  C  CD  . GLU A 1 45  ? -10.852 -8.985  -3.626  1.00 42.48 ? 44  GLU A CD  1 
ATOM   346  O  OE1 . GLU A 1 45  ? -9.931  -9.787  -3.917  1.00 46.70 ? 44  GLU A OE1 1 
ATOM   347  O  OE2 . GLU A 1 45  ? -11.663 -8.557  -4.493  1.00 42.70 ? 44  GLU A OE2 1 
ATOM   348  N  N   . THR A 1 46  ? -8.414  -5.991  -0.562  1.00 29.20 ? 45  THR A N   1 
ATOM   349  C  CA  . THR A 1 46  ? -8.463  -4.534  -0.762  1.00 28.23 ? 45  THR A CA  1 
ATOM   350  C  C   . THR A 1 46  ? -7.225  -3.993  -1.504  1.00 29.29 ? 45  THR A C   1 
ATOM   351  O  O   . THR A 1 46  ? -7.309  -3.011  -2.256  1.00 25.74 ? 45  THR A O   1 
ATOM   352  C  CB  . THR A 1 46  ? -8.672  -3.703  0.525   1.00 27.82 ? 45  THR A CB  1 
ATOM   353  O  OG1 . THR A 1 46  ? -7.621  -3.972  1.458   1.00 27.13 ? 45  THR A OG1 1 
ATOM   354  C  CG2 . THR A 1 46  ? -10.065 -3.971  1.147   1.00 23.64 ? 45  THR A CG2 1 
ATOM   355  N  N   . TYR A 1 47  ? -6.073  -4.628  -1.321  1.00 29.07 ? 46  TYR A N   1 
ATOM   356  C  CA  . TYR A 1 47  ? -4.881  -4.200  -2.056  1.00 27.73 ? 46  TYR A CA  1 
ATOM   357  C  C   . TYR A 1 47  ? -5.026  -4.542  -3.547  1.00 25.38 ? 46  TYR A C   1 
ATOM   358  O  O   . TYR A 1 47  ? -4.709  -3.746  -4.398  1.00 25.15 ? 46  TYR A O   1 
ATOM   359  C  CB  . TYR A 1 47  ? -3.576  -4.771  -1.450  1.00 24.95 ? 46  TYR A CB  1 
ATOM   360  C  CG  . TYR A 1 47  ? -2.335  -4.152  -2.021  1.00 25.78 ? 46  TYR A CG  1 
ATOM   361  C  CD1 . TYR A 1 47  ? -2.179  -2.762  -2.011  1.00 22.24 ? 46  TYR A CD1 1 
ATOM   362  C  CD2 . TYR A 1 47  ? -1.304  -4.920  -2.573  1.00 25.42 ? 46  TYR A CD2 1 
ATOM   363  C  CE1 . TYR A 1 47  ? -1.076  -2.172  -2.525  1.00 26.21 ? 46  TYR A CE1 1 
ATOM   364  C  CE2 . TYR A 1 47  ? -0.179  -4.323  -3.091  1.00 30.93 ? 46  TYR A CE2 1 
ATOM   365  C  CZ  . TYR A 1 47  ? -0.066  -2.958  -3.067  1.00 26.14 ? 46  TYR A CZ  1 
ATOM   366  O  OH  . TYR A 1 47  ? 1.039   -2.305  -3.581  1.00 25.73 ? 46  TYR A OH  1 
ATOM   367  N  N   . LYS A 1 48  ? -5.532  -5.723  -3.884  1.00 25.55 ? 47  LYS A N   1 
ATOM   368  C  CA  . LYS A 1 48  ? -5.729  -6.057  -5.290  1.00 26.04 ? 47  LYS A CA  1 
ATOM   369  C  C   . LYS A 1 48  ? -6.803  -5.176  -5.961  1.00 25.82 ? 47  LYS A C   1 
ATOM   370  O  O   . LYS A 1 48  ? -6.716  -4.866  -7.145  1.00 25.21 ? 47  LYS A O   1 
ATOM   371  C  CB  . LYS A 1 48  ? -6.110  -7.515  -5.426  1.00 25.93 ? 47  LYS A CB  1 
ATOM   372  C  CG  . LYS A 1 48  ? -5.051  -8.538  -4.975  1.00 23.24 ? 47  LYS A CG  1 
ATOM   373  C  CD  . LYS A 1 48  ? -5.445  -9.971  -5.387  1.00 27.39 ? 47  LYS A CD  1 
ATOM   374  C  CE  . LYS A 1 48  ? -6.484  -10.549 -4.478  1.00 33.97 ? 47  LYS A CE  1 
ATOM   375  N  NZ  . LYS A 1 48  ? -6.736  -12.016 -4.765  1.00 34.36 ? 47  LYS A NZ  1 
ATOM   376  N  N   . LEU A 1 49  ? -7.839  -4.794  -5.209  1.00 23.97 ? 48  LEU A N   1 
ATOM   377  C  CA  . LEU A 1 49  ? -8.842  -3.865  -5.726  1.00 24.30 ? 48  LEU A CA  1 
ATOM   378  C  C   . LEU A 1 49  ? -8.200  -2.504  -6.048  1.00 24.74 ? 48  LEU A C   1 
ATOM   379  O  O   . LEU A 1 49  ? -8.474  -1.919  -7.100  1.00 27.41 ? 48  LEU A O   1 
ATOM   380  C  CB  . LEU A 1 49  ? -10.000 -3.708  -4.718  1.00 22.66 ? 48  LEU A CB  1 
ATOM   381  C  CG  . LEU A 1 49  ? -10.959 -4.885  -4.585  1.00 21.70 ? 48  LEU A CG  1 
ATOM   382  C  CD1 . LEU A 1 49  ? -11.843 -4.650  -3.359  1.00 28.58 ? 48  LEU A CD1 1 
ATOM   383  C  CD2 . LEU A 1 49  ? -11.828 -5.083  -5.855  1.00 26.74 ? 48  LEU A CD2 1 
ATOM   384  N  N   . PHE A 1 50  ? -7.357  -2.018  -5.145  1.00 27.22 ? 49  PHE A N   1 
ATOM   385  C  CA  . PHE A 1 50  ? -6.631  -0.781  -5.302  1.00 26.86 ? 49  PHE A CA  1 
ATOM   386  C  C   . PHE A 1 50  ? -5.708  -0.863  -6.519  1.00 25.42 ? 49  PHE A C   1 
ATOM   387  O  O   . PHE A 1 50  ? -5.568  0.094   -7.281  1.00 26.31 ? 49  PHE A O   1 
ATOM   388  C  CB  . PHE A 1 50  ? -5.834  -0.484  -4.016  1.00 24.72 ? 49  PHE A CB  1 
ATOM   389  C  CG  . PHE A 1 50  ? -4.780  0.499   -4.164  1.00 29.26 ? 49  PHE A CG  1 
ATOM   390  C  CD1 . PHE A 1 50  ? -5.085  1.792   -4.012  1.00 21.27 ? 49  PHE A CD1 1 
ATOM   391  C  CD2 . PHE A 1 50  ? -3.453  0.130   -4.398  1.00 28.77 ? 49  PHE A CD2 1 
ATOM   392  C  CE1 . PHE A 1 50  ? -4.087  2.782   -4.126  1.00 22.29 ? 49  PHE A CE1 1 
ATOM   393  C  CE2 . PHE A 1 50  ? -2.472  1.073   -4.508  1.00 27.12 ? 49  PHE A CE2 1 
ATOM   394  C  CZ  . PHE A 1 50  ? -2.780  2.381   -4.370  1.00 26.38 ? 49  PHE A CZ  1 
ATOM   395  N  N   . LEU A 1 51  ? -5.054  -2.010  -6.691  1.00 24.76 ? 50  LEU A N   1 
ATOM   396  C  CA  . LEU A 1 51  ? -4.114  -2.192  -7.793  1.00 27.10 ? 50  LEU A CA  1 
ATOM   397  C  C   . LEU A 1 51  ? -4.806  -2.113  -9.136  1.00 29.40 ? 50  LEU A C   1 
ATOM   398  O  O   . LEU A 1 51  ? -4.315  -1.454  -10.038 1.00 29.05 ? 50  LEU A O   1 
ATOM   399  C  CB  . LEU A 1 51  ? -3.362  -3.509  -7.682  1.00 26.32 ? 50  LEU A CB  1 
ATOM   400  C  CG  . LEU A 1 51  ? -2.341  -3.631  -6.542  1.00 26.34 ? 50  LEU A CG  1 
ATOM   401  C  CD1 . LEU A 1 51  ? -1.754  -5.033  -6.502  1.00 23.85 ? 50  LEU A CD1 1 
ATOM   402  C  CD2 . LEU A 1 51  ? -1.271  -2.518  -6.644  1.00 24.36 ? 50  LEU A CD2 1 
ATOM   403  N  N   . GLU A 1 52  ? -5.942  -2.787  -9.241  1.00 28.25 ? 51  GLU A N   1 
ATOM   404  C  CA  . GLU A 1 52  ? -6.722  -2.841  -10.446 1.00 33.91 ? 51  GLU A CA  1 
ATOM   405  C  C   . GLU A 1 52  ? -7.301  -1.463  -10.806 1.00 31.70 ? 51  GLU A C   1 
ATOM   406  O  O   . GLU A 1 52  ? -7.223  -1.043  -11.962 1.00 30.08 ? 51  GLU A O   1 
ATOM   407  C  CB  . GLU A 1 52  ? -7.838  -3.848  -10.240 1.00 33.91 ? 51  GLU A CB  1 
ATOM   408  C  CG  . GLU A 1 52  ? -8.375  -4.507  -11.484 1.00 42.37 ? 51  GLU A CG  1 
ATOM   409  C  CD  . GLU A 1 52  ? -9.059  -5.862  -11.154 1.00 46.99 ? 51  GLU A CD  1 
ATOM   410  O  OE1 . GLU A 1 52  ? -8.862  -6.390  -10.022 1.00 69.66 ? 51  GLU A OE1 1 
ATOM   411  O  OE2 . GLU A 1 52  ? -9.777  -6.407  -12.031 1.00 68.94 ? 51  GLU A OE2 1 
ATOM   412  N  N   . LYS A 1 53  ? -7.864  -0.745  -9.831  1.00 28.88 ? 52  LYS A N   1 
ATOM   413  C  CA  . LYS A 1 53  ? -8.512  0.514   -10.117 1.00 27.52 ? 52  LYS A CA  1 
ATOM   414  C  C   . LYS A 1 53  ? -7.525  1.648   -10.270 1.00 28.51 ? 52  LYS A C   1 
ATOM   415  O  O   . LYS A 1 53  ? -7.633  2.454   -11.197 1.00 30.54 ? 52  LYS A O   1 
ATOM   416  C  CB  . LYS A 1 53  ? -9.493  0.883   -9.005  1.00 30.09 ? 52  LYS A CB  1 
ATOM   417  C  CG  . LYS A 1 53  ? -10.277 2.213   -9.222  1.00 27.30 ? 52  LYS A CG  1 
ATOM   418  C  CD  . LYS A 1 53  ? -11.317 2.185   -10.368 1.00 33.66 ? 52  LYS A CD  1 
ATOM   419  C  CE  . LYS A 1 53  ? -11.982 3.592   -10.511 1.00 39.24 ? 52  LYS A CE  1 
ATOM   420  N  NZ  . LYS A 1 53  ? -12.637 3.867   -11.843 1.00 43.33 ? 52  LYS A NZ  1 
ATOM   421  N  N   . TYR A 1 54  ? -6.554  1.713   -9.384  1.00 28.07 ? 53  TYR A N   1 
ATOM   422  C  CA  . TYR A 1 54  ? -5.660  2.868   -9.343  1.00 27.22 ? 53  TYR A CA  1 
ATOM   423  C  C   . TYR A 1 54  ? -4.240  2.537   -9.787  1.00 29.60 ? 53  TYR A C   1 
ATOM   424  O  O   . TYR A 1 54  ? -3.593  3.378   -10.404 1.00 26.50 ? 53  TYR A O   1 
ATOM   425  C  CB  . TYR A 1 54  ? -5.655  3.524   -7.954  1.00 28.84 ? 53  TYR A CB  1 
ATOM   426  C  CG  . TYR A 1 54  ? -7.017  4.061   -7.594  1.00 28.39 ? 53  TYR A CG  1 
ATOM   427  C  CD1 . TYR A 1 54  ? -7.521  5.185   -8.244  1.00 26.60 ? 53  TYR A CD1 1 
ATOM   428  C  CD2 . TYR A 1 54  ? -7.826  3.416   -6.685  1.00 27.80 ? 53  TYR A CD2 1 
ATOM   429  C  CE1 . TYR A 1 54  ? -8.781  5.665   -7.953  1.00 26.69 ? 53  TYR A CE1 1 
ATOM   430  C  CE2 . TYR A 1 54  ? -9.099  3.870   -6.397  1.00 31.93 ? 53  TYR A CE2 1 
ATOM   431  C  CZ  . TYR A 1 54  ? -9.565  5.024   -7.019  1.00 27.44 ? 53  TYR A CZ  1 
ATOM   432  O  OH  . TYR A 1 54  ? -10.832 5.454   -6.742  1.00 29.22 ? 53  TYR A OH  1 
ATOM   433  N  N   . GLY A 1 55  ? -3.759  1.325   -9.491  1.00 30.20 ? 54  GLY A N   1 
ATOM   434  C  CA  . GLY A 1 55  ? -2.357  1.002   -9.758  1.00 29.22 ? 54  GLY A CA  1 
ATOM   435  C  C   . GLY A 1 55  ? -1.414  1.481   -8.665  1.00 27.33 ? 54  GLY A C   1 
ATOM   436  O  O   . GLY A 1 55  ? -0.813  0.682   -7.937  1.00 28.12 ? 54  GLY A O   1 
ATOM   437  N  N   . THR A 1 56  ? -1.274  2.800   -8.559  1.00 25.06 ? 55  THR A N   1 
ATOM   438  C  CA  . THR A 1 56  ? -0.588  3.510   -7.480  1.00 28.89 ? 55  THR A CA  1 
ATOM   439  C  C   . THR A 1 56  ? -1.467  4.734   -7.180  1.00 29.79 ? 55  THR A C   1 
ATOM   440  O  O   . THR A 1 56  ? -2.365  5.043   -7.955  1.00 30.54 ? 55  THR A O   1 
ATOM   441  C  CB  . THR A 1 56  ? 0.798   4.014   -7.879  1.00 29.42 ? 55  THR A CB  1 
ATOM   442  O  OG1 . THR A 1 56  ? 0.676   5.013   -8.903  1.00 30.89 ? 55  THR A OG1 1 
ATOM   443  C  CG2 . THR A 1 56  ? 1.706   2.874   -8.391  1.00 29.72 ? 55  THR A CG2 1 
ATOM   444  N  N   . LEU A 1 57  ? -1.268  5.381   -6.047  1.00 28.53 ? 56  LEU A N   1 
ATOM   445  C  CA  . LEU A 1 57  ? -2.024  6.598   -5.769  1.00 26.37 ? 56  LEU A CA  1 
ATOM   446  C  C   . LEU A 1 57  ? -1.146  7.547   -4.984  1.00 22.72 ? 56  LEU A C   1 
ATOM   447  O  O   . LEU A 1 57  ? -0.687  7.181   -3.893  1.00 26.67 ? 56  LEU A O   1 
ATOM   448  C  CB  . LEU A 1 57  ? -3.244  6.290   -4.960  1.00 28.65 ? 56  LEU A CB  1 
ATOM   449  C  CG  . LEU A 1 57  ? -4.432  7.245   -5.031  1.00 29.14 ? 56  LEU A CG  1 
ATOM   450  C  CD1 . LEU A 1 57  ? -5.020  7.319   -6.450  1.00 26.79 ? 56  LEU A CD1 1 
ATOM   451  C  CD2 . LEU A 1 57  ? -5.451  6.815   -4.018  1.00 31.85 ? 56  LEU A CD2 1 
ATOM   452  N  N   . THR A 1 58  ? -0.931  8.740   -5.502  1.00 27.13 ? 57  THR A N   1 
ATOM   453  C  CA  . THR A 1 58  ? -0.154  9.738   -4.806  1.00 28.51 ? 57  THR A CA  1 
ATOM   454  C  C   . THR A 1 58  ? -0.962  11.042  -4.722  1.00 30.30 ? 57  THR A C   1 
ATOM   455  O  O   . THR A 1 58  ? -1.523  11.492  -5.722  1.00 27.93 ? 57  THR A O   1 
ATOM   456  C  CB  . THR A 1 58  ? 1.163   9.951   -5.534  1.00 29.25 ? 57  THR A CB  1 
ATOM   457  O  OG1 . THR A 1 58  ? 1.812   8.666   -5.630  1.00 29.73 ? 57  THR A OG1 1 
ATOM   458  C  CG2 . THR A 1 58  ? 2.092   10.976  -4.835  1.00 28.64 ? 57  THR A CG2 1 
ATOM   459  N  N   . PHE A 1 59  ? -1.021  11.632  -3.526  1.00 28.93 ? 58  PHE A N   1 
ATOM   460  C  CA  . PHE A 1 59  ? -1.798  12.844  -3.330  1.00 29.74 ? 58  PHE A CA  1 
ATOM   461  C  C   . PHE A 1 59  ? -1.196  13.617  -2.178  1.00 32.05 ? 58  PHE A C   1 
ATOM   462  O  O   . PHE A 1 59  ? -0.910  13.026  -1.145  1.00 34.14 ? 58  PHE A O   1 
ATOM   463  C  CB  . PHE A 1 59  ? -3.245  12.534  -3.049  1.00 25.97 ? 58  PHE A CB  1 
ATOM   464  C  CG  . PHE A 1 59  ? -3.481  11.539  -1.888  1.00 33.51 ? 58  PHE A CG  1 
ATOM   465  C  CD1 . PHE A 1 59  ? -3.425  10.145  -2.101  1.00 28.07 ? 58  PHE A CD1 1 
ATOM   466  C  CD2 . PHE A 1 59  ? -3.797  11.985  -0.612  1.00 34.42 ? 58  PHE A CD2 1 
ATOM   467  C  CE1 . PHE A 1 59  ? -3.652  9.248   -1.056  1.00 30.38 ? 58  PHE A CE1 1 
ATOM   468  C  CE2 . PHE A 1 59  ? -4.030  11.097  0.418   1.00 33.36 ? 58  PHE A CE2 1 
ATOM   469  C  CZ  . PHE A 1 59  ? -3.961  9.730   0.194   1.00 29.41 ? 58  PHE A CZ  1 
ATOM   470  N  N   . ASN A 1 60  ? -0.946  14.911  -2.399  1.00 35.92 ? 59  ASN A N   1 
ATOM   471  C  CA  . ASN A 1 60  ? -0.281  15.747  -1.419  1.00 38.30 ? 59  ASN A CA  1 
ATOM   472  C  C   . ASN A 1 60  ? 1.114   15.208  -1.167  1.00 34.73 ? 59  ASN A C   1 
ATOM   473  O  O   . ASN A 1 60  ? 1.614   15.288  -0.074  1.00 34.18 ? 59  ASN A O   1 
ATOM   474  C  CB  . ASN A 1 60  ? -1.077  15.788  -0.089  1.00 41.98 ? 59  ASN A CB  1 
ATOM   475  C  CG  . ASN A 1 60  ? -2.310  16.713  -0.133  1.00 50.49 ? 59  ASN A CG  1 
ATOM   476  O  OD1 . ASN A 1 60  ? -2.416  17.643  -0.974  1.00 49.55 ? 59  ASN A OD1 1 
ATOM   477  N  ND2 . ASN A 1 60  ? -3.231  16.485  0.818   1.00 51.56 ? 59  ASN A ND2 1 
ATOM   478  N  N   . GLY A 1 61  ? 1.722   14.610  -2.180  1.00 35.38 ? 60  GLY A N   1 
ATOM   479  C  CA  . GLY A 1 61  ? 2.988   13.919  -2.010  1.00 37.32 ? 60  GLY A CA  1 
ATOM   480  C  C   . GLY A 1 61  ? 2.964   12.691  -1.114  1.00 38.59 ? 60  GLY A C   1 
ATOM   481  O  O   . GLY A 1 61  ? 4.019   12.104  -0.862  1.00 45.47 ? 60  GLY A O   1 
ATOM   482  N  N   . VAL A 1 62  ? 1.792   12.332  -0.586  1.00 38.07 ? 61  VAL A N   1 
ATOM   483  C  CA  . VAL A 1 62  ? 1.622   11.070  0.156   1.00 36.63 ? 61  VAL A CA  1 
ATOM   484  C  C   . VAL A 1 62  ? 1.464   9.967   -0.914  1.00 37.61 ? 61  VAL A C   1 
ATOM   485  O  O   . VAL A 1 62  ? 0.562   10.029  -1.720  1.00 38.90 ? 61  VAL A O   1 
ATOM   486  C  CB  . VAL A 1 62  ? 0.362   11.126  1.082   1.00 40.43 ? 61  VAL A CB  1 
ATOM   487  C  CG1 . VAL A 1 62  ? 0.060   9.756   1.685   1.00 43.39 ? 61  VAL A CG1 1 
ATOM   488  C  CG2 . VAL A 1 62  ? 0.511   12.217  2.183   1.00 37.88 ? 61  VAL A CG2 1 
ATOM   489  N  N   . SER A 1 63  ? 2.338   8.962   -0.926  1.00 35.37 ? 62  SER A N   1 
ATOM   490  C  CA  . SER A 1 63  ? 2.358   7.979   -2.005  1.00 31.81 ? 62  SER A CA  1 
ATOM   491  C  C   . SER A 1 63  ? 2.099   6.527   -1.504  1.00 28.18 ? 62  SER A C   1 
ATOM   492  O  O   . SER A 1 63  ? 2.776   6.074   -0.586  1.00 30.21 ? 62  SER A O   1 
ATOM   493  C  CB  . SER A 1 63  ? 3.682   8.083   -2.729  1.00 31.49 ? 62  SER A CB  1 
ATOM   494  O  OG  . SER A 1 63  ? 3.666   7.247   -3.858  1.00 35.90 ? 62  SER A OG  1 
ATOM   495  N  N   . PHE A 1 64  ? 1.070   5.874   -2.059  1.00 27.88 ? 63  PHE A N   1 
ATOM   496  C  CA  . PHE A 1 64  ? 0.735   4.478   -1.853  1.00 27.83 ? 63  PHE A CA  1 
ATOM   497  C  C   . PHE A 1 64  ? 1.226   3.641   -3.027  1.00 26.86 ? 63  PHE A C   1 
ATOM   498  O  O   . PHE A 1 64  ? 0.842   3.878   -4.182  1.00 26.82 ? 63  PHE A O   1 
ATOM   499  C  CB  . PHE A 1 64  ? -0.758  4.305   -1.674  1.00 28.03 ? 63  PHE A CB  1 
ATOM   500  C  CG  . PHE A 1 64  ? -1.227  4.811   -0.355  1.00 28.18 ? 63  PHE A CG  1 
ATOM   501  C  CD1 . PHE A 1 64  ? -1.361  6.169   -0.147  1.00 33.42 ? 63  PHE A CD1 1 
ATOM   502  C  CD2 . PHE A 1 64  ? -1.440  3.940   0.701   1.00 36.23 ? 63  PHE A CD2 1 
ATOM   503  C  CE1 . PHE A 1 64  ? -1.733  6.636   1.055   1.00 35.84 ? 63  PHE A CE1 1 
ATOM   504  C  CE2 . PHE A 1 64  ? -1.850  4.422   1.914   1.00 32.88 ? 63  PHE A CE2 1 
ATOM   505  C  CZ  . PHE A 1 64  ? -1.977  5.776   2.075   1.00 32.96 ? 63  PHE A CZ  1 
ATOM   506  N  N   . TYR A 1 65  ? 2.095   2.689   -2.716  1.00 24.55 ? 64  TYR A N   1 
ATOM   507  C  CA  . TYR A 1 65  ? 2.869   1.987   -3.713  1.00 24.20 ? 64  TYR A CA  1 
ATOM   508  C  C   . TYR A 1 65  ? 2.038   0.914   -4.359  1.00 24.68 ? 64  TYR A C   1 
ATOM   509  O  O   . TYR A 1 65  ? 1.155   0.396   -3.762  1.00 25.25 ? 64  TYR A O   1 
ATOM   510  C  CB  . TYR A 1 65  ? 4.159   1.369   -3.122  1.00 26.94 ? 64  TYR A CB  1 
ATOM   511  C  CG  . TYR A 1 65  ? 5.166   2.314   -2.493  1.00 27.72 ? 64  TYR A CG  1 
ATOM   512  C  CD1 . TYR A 1 65  ? 5.126   3.697   -2.685  1.00 30.71 ? 64  TYR A CD1 1 
ATOM   513  C  CD2 . TYR A 1 65  ? 6.183   1.815   -1.693  1.00 32.27 ? 64  TYR A CD2 1 
ATOM   514  C  CE1 . TYR A 1 65  ? 6.071   4.549   -2.059  1.00 30.01 ? 64  TYR A CE1 1 
ATOM   515  C  CE2 . TYR A 1 65  ? 7.129   2.646   -1.116  1.00 31.39 ? 64  TYR A CE2 1 
ATOM   516  C  CZ  . TYR A 1 65  ? 7.061   4.008   -1.276  1.00 32.79 ? 64  TYR A CZ  1 
ATOM   517  O  OH  . TYR A 1 65  ? 8.015   4.832   -0.681  1.00 38.11 ? 64  TYR A OH  1 
ATOM   518  N  N   . GLY A 1 66  ? 2.377   0.570   -5.591  1.00 25.57 ? 65  GLY A N   1 
ATOM   519  C  CA  . GLY A 1 66  ? 1.683   -0.449  -6.313  1.00 23.58 ? 65  GLY A CA  1 
ATOM   520  C  C   . GLY A 1 66  ? 2.305   -0.735  -7.683  1.00 24.36 ? 65  GLY A C   1 
ATOM   521  O  O   . GLY A 1 66  ? 3.528   -0.716  -7.837  1.00 25.43 ? 65  GLY A O   1 
ATOM   522  N  N   . ILE A 1 67  ? 1.442   -1.028  -8.659  1.00 25.94 ? 66  ILE A N   1 
ATOM   523  C  CA  . ILE A 1 67  ? 1.879   -1.319  -10.025 1.00 25.38 ? 66  ILE A CA  1 
ATOM   524  C  C   . ILE A 1 67  ? 2.056   -0.008  -10.771 1.00 24.35 ? 66  ILE A C   1 
ATOM   525  O  O   . ILE A 1 67  ? 1.079   0.658   -11.132 1.00 28.83 ? 66  ILE A O   1 
ATOM   526  C  CB  . ILE A 1 67  ? 0.930   -2.282  -10.742 1.00 24.60 ? 66  ILE A CB  1 
ATOM   527  C  CG1 . ILE A 1 67  ? 0.888   -3.602  -9.966  1.00 27.63 ? 66  ILE A CG1 1 
ATOM   528  C  CG2 . ILE A 1 67  ? 1.345   -2.470  -12.261 1.00 23.22 ? 66  ILE A CG2 1 
ATOM   529  C  CD1 . ILE A 1 67  ? -0.206  -4.538  -10.436 1.00 26.32 ? 66  ILE A CD1 1 
ATOM   530  N  N   . SER A 1 68  ? 3.318   0.385   -10.919 1.00 26.54 ? 67  SER A N   1 
ATOM   531  C  CA  . SER A 1 68  ? 3.695   1.638   -11.596 1.00 27.30 ? 67  SER A CA  1 
ATOM   532  C  C   . SER A 1 68  ? 3.545   1.543   -13.118 1.00 28.27 ? 67  SER A C   1 
ATOM   533  O  O   . SER A 1 68  ? 3.265   0.457   -13.663 1.00 24.71 ? 67  SER A O   1 
ATOM   534  C  CB  . SER A 1 68  ? 5.106   2.008   -11.226 1.00 27.43 ? 67  SER A CB  1 
ATOM   535  O  OG  . SER A 1 68  ? 6.026   1.098   -11.829 1.00 30.93 ? 67  SER A OG  1 
ATOM   536  N  N   . LYS A 1 69  ? 3.677   2.679   -13.805 1.00 30.07 ? 68  LYS A N   1 
ATOM   537  C  CA  . LYS A 1 69  ? 3.476   2.720   -15.260 1.00 32.51 ? 68  LYS A CA  1 
ATOM   538  C  C   . LYS A 1 69  ? 4.427   1.767   -15.988 1.00 29.92 ? 68  LYS A C   1 
ATOM   539  O  O   . LYS A 1 69  ? 4.028   1.076   -16.919 1.00 29.20 ? 68  LYS A O   1 
ATOM   540  C  CB  . LYS A 1 69  ? 3.649   4.146   -15.806 1.00 32.51 ? 68  LYS A CB  1 
ATOM   541  C  CG  . LYS A 1 69  ? 2.699   5.180   -15.166 1.00 39.92 ? 68  LYS A CG  1 
ATOM   542  C  CD  . LYS A 1 69  ? 2.446   6.403   -16.072 1.00 42.17 ? 68  LYS A CD  1 
ATOM   543  C  CE  . LYS A 1 69  ? 1.168   7.141   -15.701 1.00 48.62 ? 68  LYS A CE  1 
ATOM   544  N  NZ  . LYS A 1 69  ? 0.010   6.225   -15.896 1.00 50.82 ? 68  LYS A NZ  1 
ATOM   545  N  N   . ARG A 1 70  ? 5.677   1.731   -15.547 1.00 28.73 ? 69  ARG A N   1 
ATOM   546  C  CA  . ARG A 1 70  ? 6.694   0.885   -16.187 1.00 30.83 ? 69  ARG A CA  1 
ATOM   547  C  C   . ARG A 1 70  ? 6.610   -0.591  -15.800 1.00 29.06 ? 69  ARG A C   1 
ATOM   548  O  O   . ARG A 1 70  ? 7.283   -1.431  -16.420 1.00 26.64 ? 69  ARG A O   1 
ATOM   549  C  CB  . ARG A 1 70  ? 8.089   1.437   -15.894 1.00 31.87 ? 69  ARG A CB  1 
ATOM   550  C  CG  . ARG A 1 70  ? 8.337   2.755   -16.630 1.00 36.67 ? 69  ARG A CG  1 
ATOM   551  C  CD  . ARG A 1 70  ? 9.789   3.159   -16.582 1.00 36.07 ? 69  ARG A CD  1 
ATOM   552  N  NE  . ARG A 1 70  ? 10.595  2.391   -17.524 1.00 40.72 ? 69  ARG A NE  1 
ATOM   553  C  CZ  . ARG A 1 70  ? 11.895  2.136   -17.381 1.00 42.78 ? 69  ARG A CZ  1 
ATOM   554  N  NH1 . ARG A 1 70  ? 12.571  2.559   -16.317 1.00 42.09 ? 69  ARG A NH1 1 
ATOM   555  N  NH2 . ARG A 1 70  ? 12.525  1.437   -18.314 1.00 43.37 ? 69  ARG A NH2 1 
ATOM   556  N  N   . GLY A 1 71  ? 5.797   -0.914  -14.788 1.00 24.43 ? 70  GLY A N   1 
ATOM   557  C  CA  . GLY A 1 71  ? 5.618   -2.294  -14.354 1.00 25.14 ? 70  GLY A CA  1 
ATOM   558  C  C   . GLY A 1 71  ? 6.935   -2.916  -13.909 1.00 23.63 ? 70  GLY A C   1 
ATOM   559  O  O   . GLY A 1 71  ? 7.683   -2.328  -13.104 1.00 24.49 ? 70  GLY A O   1 
ATOM   560  N  N   . LEU A 1 72  ? 7.242   -4.092  -14.454 1.00 25.36 ? 71  LEU A N   1 
ATOM   561  C  CA  . LEU A 1 72  ? 8.485   -4.804  -14.131 1.00 25.56 ? 71  LEU A CA  1 
ATOM   562  C  C   . LEU A 1 72  ? 9.755   -4.043  -14.489 1.00 26.39 ? 71  LEU A C   1 
ATOM   563  O  O   . LEU A 1 72  ? 10.836  -4.393  -14.010 1.00 28.02 ? 71  LEU A O   1 
ATOM   564  C  CB  . LEU A 1 72  ? 8.508   -6.177  -14.806 1.00 27.28 ? 71  LEU A CB  1 
ATOM   565  C  CG  . LEU A 1 72  ? 7.486   -7.170  -14.233 1.00 31.25 ? 71  LEU A CG  1 
ATOM   566  C  CD1 . LEU A 1 72  ? 7.605   -8.518  -14.967 1.00 28.93 ? 71  LEU A CD1 1 
ATOM   567  C  CD2 . LEU A 1 72  ? 7.616   -7.320  -12.703 1.00 30.71 ? 71  LEU A CD2 1 
ATOM   568  N  N   . SER A 1 73  ? 9.635   -2.998  -15.314 1.00 23.46 ? 72  SER A N   1 
ATOM   569  C  CA  . SER A 1 73  ? 10.758  -2.142  -15.601 1.00 26.89 ? 72  SER A CA  1 
ATOM   570  C  C   . SER A 1 73  ? 10.841  -0.932  -14.650 1.00 27.36 ? 72  SER A C   1 
ATOM   571  O  O   . SER A 1 73  ? 11.708  -0.085  -14.840 1.00 32.42 ? 72  SER A O   1 
ATOM   572  C  CB  . SER A 1 73  ? 10.698  -1.682  -17.076 1.00 25.22 ? 72  SER A CB  1 
ATOM   573  O  OG  . SER A 1 73  ? 10.814  -2.776  -17.993 1.00 29.64 ? 72  SER A OG  1 
ATOM   574  N  N   . ALA A 1 74  ? 9.952   -0.836  -13.644 1.00 32.15 ? 73  ALA A N   1 
ATOM   575  C  CA  . ALA A 1 74  ? 10.042  0.223   -12.630 1.00 30.61 ? 73  ALA A CA  1 
ATOM   576  C  C   . ALA A 1 74  ? 11.438  0.206   -11.990 1.00 30.84 ? 73  ALA A C   1 
ATOM   577  O  O   . ALA A 1 74  ? 12.005  -0.847  -11.666 1.00 33.43 ? 73  ALA A O   1 
ATOM   578  C  CB  . ALA A 1 74  ? 8.899   0.097   -11.534 1.00 32.59 ? 73  ALA A CB  1 
ATOM   579  N  N   . ALA A 1 75  ? 12.011  1.389   -11.846 1.00 32.50 ? 74  ALA A N   1 
ATOM   580  C  CA  . ALA A 1 75  ? 13.324  1.537   -11.240 1.00 33.05 ? 74  ALA A CA  1 
ATOM   581  C  C   . ALA A 1 75  ? 13.277  2.397   -9.989  1.00 30.69 ? 74  ALA A C   1 
ATOM   582  O  O   . ALA A 1 75  ? 14.307  2.808   -9.477  1.00 31.93 ? 74  ALA A O   1 
ATOM   583  C  CB  . ALA A 1 75  ? 14.313  2.133   -12.264 1.00 30.93 ? 74  ALA A CB  1 
ATOM   584  N  N   . SER A 1 76  ? 12.084  2.670   -9.479  1.00 32.21 ? 75  SER A N   1 
ATOM   585  C  CA  . SER A 1 76  ? 11.979  3.475   -8.282  1.00 32.68 ? 75  SER A CA  1 
ATOM   586  C  C   . SER A 1 76  ? 10.641  3.293   -7.652  1.00 32.01 ? 75  SER A C   1 
ATOM   587  O  O   . SER A 1 76  ? 9.712   2.738   -8.262  1.00 27.43 ? 75  SER A O   1 
ATOM   588  C  CB  . SER A 1 76  ? 12.164  4.953   -8.613  1.00 33.60 ? 75  SER A CB  1 
ATOM   589  O  OG  . SER A 1 76  ? 11.244  5.346   -9.611  1.00 37.14 ? 75  SER A OG  1 
ATOM   590  N  N   . ILE A 1 77  ? 10.534  3.793   -6.426  1.00 35.19 ? 76  ILE A N   1 
ATOM   591  C  CA  . ILE A 1 77  ? 9.229   3.953   -5.822  1.00 35.06 ? 76  ILE A CA  1 
ATOM   592  C  C   . ILE A 1 77  ? 8.478   4.914   -6.764  1.00 34.89 ? 76  ILE A C   1 
ATOM   593  O  O   . ILE A 1 77  ? 9.102   5.750   -7.416  1.00 36.77 ? 76  ILE A O   1 
ATOM   594  C  CB  . ILE A 1 77  ? 9.330   4.415   -4.335  1.00 36.33 ? 76  ILE A CB  1 
ATOM   595  C  CG1 . ILE A 1 77  ? 9.873   5.839   -4.222  1.00 38.80 ? 76  ILE A CG1 1 
ATOM   596  C  CG2 . ILE A 1 77  ? 10.215  3.467   -3.541  1.00 32.81 ? 76  ILE A CG2 1 
ATOM   597  C  CD1 . ILE A 1 77  ? 8.772   6.886   -4.065  1.00 45.90 ? 76  ILE A CD1 1 
ATOM   598  N  N   . PRO A 1 78  ? 7.145   4.806   -6.858  1.00 33.47 ? 77  PRO A N   1 
ATOM   599  C  CA  . PRO A 1 78  ? 6.202   4.065   -6.045  1.00 32.20 ? 77  PRO A CA  1 
ATOM   600  C  C   . PRO A 1 78  ? 5.850   2.654   -6.503  1.00 28.01 ? 77  PRO A C   1 
ATOM   601  O  O   . PRO A 1 78  ? 4.773   2.151   -6.175  1.00 27.76 ? 77  PRO A O   1 
ATOM   602  C  CB  . PRO A 1 78  ? 4.970   4.956   -6.121  1.00 33.87 ? 77  PRO A CB  1 
ATOM   603  C  CG  . PRO A 1 78  ? 4.989   5.511   -7.474  1.00 35.48 ? 77  PRO A CG  1 
ATOM   604  C  CD  . PRO A 1 78  ? 6.441   5.576   -7.897  1.00 35.06 ? 77  PRO A CD  1 
ATOM   605  N  N   . ASP A 1 79  ? 6.720   2.003   -7.269  1.00 25.73 ? 78  ASP A N   1 
ATOM   606  C  CA  . ASP A 1 79  ? 6.438   0.634   -7.626  1.00 24.17 ? 78  ASP A CA  1 
ATOM   607  C  C   . ASP A 1 79  ? 6.673   -0.279  -6.406  1.00 25.43 ? 78  ASP A C   1 
ATOM   608  O  O   . ASP A 1 79  ? 7.741   -0.227  -5.771  1.00 24.71 ? 78  ASP A O   1 
ATOM   609  C  CB  . ASP A 1 79  ? 7.293   0.189   -8.797  1.00 24.65 ? 78  ASP A CB  1 
ATOM   610  C  CG  . ASP A 1 79  ? 6.882   -1.144  -9.301  1.00 23.67 ? 78  ASP A CG  1 
ATOM   611  O  OD1 . ASP A 1 79  ? 7.366   -2.164  -8.734  1.00 23.63 ? 78  ASP A OD1 1 
ATOM   612  O  OD2 . ASP A 1 79  ? 6.027   -1.159  -10.208 1.00 25.49 ? 78  ASP A OD2 1 
ATOM   613  N  N   . VAL A 1 80  ? 5.678   -1.119  -6.110  1.00 25.53 ? 79  VAL A N   1 
ATOM   614  C  CA  . VAL A 1 80  ? 5.682   -1.943  -4.888  1.00 25.36 ? 79  VAL A CA  1 
ATOM   615  C  C   . VAL A 1 80  ? 6.697   -3.087  -5.021  1.00 25.82 ? 79  VAL A C   1 
ATOM   616  O  O   . VAL A 1 80  ? 7.299   -3.481  -4.028  1.00 24.88 ? 79  VAL A O   1 
ATOM   617  C  CB  . VAL A 1 80  ? 4.263   -2.504  -4.540  1.00 25.63 ? 79  VAL A CB  1 
ATOM   618  C  CG1 . VAL A 1 80  ? 3.704   -3.460  -5.627  1.00 25.59 ? 79  VAL A CG1 1 
ATOM   619  C  CG2 . VAL A 1 80  ? 4.259   -3.176  -3.141  1.00 23.14 ? 79  VAL A CG2 1 
ATOM   620  N  N   . LYS A 1 81  ? 6.876   -3.638  -6.228  1.00 25.80 ? 80  LYS A N   1 
ATOM   621  C  CA  . LYS A 1 81  ? 7.874   -4.705  -6.393  1.00 26.22 ? 80  LYS A CA  1 
ATOM   622  C  C   . LYS A 1 81  ? 9.269   -4.149  -6.182  1.00 25.74 ? 80  LYS A C   1 
ATOM   623  O  O   . LYS A 1 81  ? 10.065  -4.728  -5.457  1.00 24.25 ? 80  LYS A O   1 
ATOM   624  C  CB  . LYS A 1 81  ? 7.763   -5.400  -7.758  1.00 25.56 ? 80  LYS A CB  1 
ATOM   625  C  CG  . LYS A 1 81  ? 8.800   -6.495  -7.998  1.00 25.37 ? 80  LYS A CG  1 
ATOM   626  C  CD  . LYS A 1 81  ? 8.658   -7.095  -9.381  1.00 28.12 ? 80  LYS A CD  1 
ATOM   627  C  CE  . LYS A 1 81  ? 9.787   -8.067  -9.740  1.00 25.50 ? 80  LYS A CE  1 
ATOM   628  N  NZ  . LYS A 1 81  ? 11.117  -7.421  -9.890  1.00 24.27 ? 80  LYS A NZ  1 
ATOM   629  N  N   . PHE A 1 82  ? 9.577   -3.041  -6.839  1.00 27.69 ? 81  PHE A N   1 
ATOM   630  C  CA  . PHE A 1 82  ? 10.830  -2.359  -6.602  1.00 27.99 ? 81  PHE A CA  1 
ATOM   631  C  C   . PHE A 1 82  ? 11.099  -2.059  -5.126  1.00 28.12 ? 81  PHE A C   1 
ATOM   632  O  O   . PHE A 1 82  ? 12.127  -2.417  -4.590  1.00 27.91 ? 81  PHE A O   1 
ATOM   633  C  CB  . PHE A 1 82  ? 10.912  -1.057  -7.385  1.00 29.80 ? 81  PHE A CB  1 
ATOM   634  C  CG  . PHE A 1 82  ? 12.243  -0.405  -7.266  1.00 31.16 ? 81  PHE A CG  1 
ATOM   635  C  CD1 . PHE A 1 82  ? 13.300  -0.831  -8.057  1.00 39.70 ? 81  PHE A CD1 1 
ATOM   636  C  CD2 . PHE A 1 82  ? 12.462  0.586   -6.331  1.00 32.28 ? 81  PHE A CD2 1 
ATOM   637  C  CE1 . PHE A 1 82  ? 14.546  -0.247  -7.945  1.00 36.71 ? 81  PHE A CE1 1 
ATOM   638  C  CE2 . PHE A 1 82  ? 13.705  1.165   -6.199  1.00 36.10 ? 81  PHE A CE2 1 
ATOM   639  C  CZ  . PHE A 1 82  ? 14.751  0.741   -7.003  1.00 36.97 ? 81  PHE A CZ  1 
ATOM   640  N  N   . ALA A 1 83  ? 10.154  -1.382  -4.478  1.00 28.59 ? 82  ALA A N   1 
ATOM   641  C  CA  . ALA A 1 83  ? 10.288  -0.998  -3.067  1.00 29.17 ? 82  ALA A CA  1 
ATOM   642  C  C   . ALA A 1 83  ? 10.468  -2.195  -2.136  1.00 26.40 ? 82  ALA A C   1 
ATOM   643  O  O   . ALA A 1 83  ? 11.332  -2.196  -1.284  1.00 28.88 ? 82  ALA A O   1 
ATOM   644  C  CB  . ALA A 1 83  ? 9.067   -0.175  -2.638  1.00 31.23 ? 82  ALA A CB  1 
ATOM   645  N  N   . THR A 1 84  ? 9.646   -3.222  -2.320  1.00 26.75 ? 83  THR A N   1 
ATOM   646  C  CA  . THR A 1 84  ? 9.640   -4.381  -1.440  1.00 26.85 ? 83  THR A CA  1 
ATOM   647  C  C   . THR A 1 84  ? 10.912  -5.224  -1.569  1.00 25.96 ? 83  THR A C   1 
ATOM   648  O  O   . THR A 1 84  ? 11.497  -5.644  -0.578  1.00 27.15 ? 83  THR A O   1 
ATOM   649  C  CB  . THR A 1 84  ? 8.387   -5.265  -1.663  1.00 25.61 ? 83  THR A CB  1 
ATOM   650  O  OG1 . THR A 1 84  ? 7.228   -4.487  -1.345  1.00 26.64 ? 83  THR A OG1 1 
ATOM   651  C  CG2 . THR A 1 84  ? 8.415   -6.526  -0.801  1.00 23.06 ? 83  THR A CG2 1 
ATOM   652  N  N   . GLU A 1 85  ? 11.328  -5.468  -2.793  1.00 27.03 ? 84  GLU A N   1 
ATOM   653  C  CA  . GLU A 1 85  ? 12.553  -6.208  -3.050  1.00 25.36 ? 84  GLU A CA  1 
ATOM   654  C  C   . GLU A 1 85  ? 13.752  -5.465  -2.507  1.00 26.09 ? 84  GLU A C   1 
ATOM   655  O  O   . GLU A 1 85  ? 14.653  -6.055  -1.888  1.00 29.13 ? 84  GLU A O   1 
ATOM   656  C  CB  . GLU A 1 85  ? 12.700  -6.499  -4.544  1.00 24.68 ? 84  GLU A CB  1 
ATOM   657  C  CG  . GLU A 1 85  ? 11.633  -7.507  -4.992  1.00 24.06 ? 84  GLU A CG  1 
ATOM   658  C  CD  . GLU A 1 85  ? 11.773  -7.939  -6.434  1.00 26.24 ? 84  GLU A CD  1 
ATOM   659  O  OE1 . GLU A 1 85  ? 12.269  -7.153  -7.284  1.00 26.62 ? 84  GLU A OE1 1 
ATOM   660  O  OE2 . GLU A 1 85  ? 11.376  -9.089  -6.700  1.00 31.71 ? 84  GLU A OE2 1 
ATOM   661  N  N   . GLN A 1 86  ? 13.766  -4.167  -2.717  1.00 27.43 ? 85  GLN A N   1 
ATOM   662  C  CA  . GLN A 1 86  ? 14.861  -3.349  -2.217  1.00 28.78 ? 85  GLN A CA  1 
ATOM   663  C  C   . GLN A 1 86  ? 14.945  -3.392  -0.678  1.00 28.44 ? 85  GLN A C   1 
ATOM   664  O  O   . GLN A 1 86  ? 15.999  -3.671  -0.117  1.00 28.44 ? 85  GLN A O   1 
ATOM   665  C  CB  . GLN A 1 86  ? 14.661  -1.933  -2.710  1.00 27.68 ? 85  GLN A CB  1 
ATOM   666  C  CG  . GLN A 1 86  ? 15.783  -1.028  -2.397  1.00 38.70 ? 85  GLN A CG  1 
ATOM   667  C  CD  . GLN A 1 86  ? 16.304  -0.336  -3.611  1.00 52.31 ? 85  GLN A CD  1 
ATOM   668  O  OE1 . GLN A 1 86  ? 16.003  0.836   -3.835  1.00 61.01 ? 85  GLN A OE1 1 
ATOM   669  N  NE2 . GLN A 1 86  ? 17.094  -1.058  -4.422  1.00 50.28 ? 85  GLN A NE2 1 
ATOM   670  N  N   . ALA A 1 87  ? 13.822  -3.145  -0.009  1.00 29.53 ? 86  ALA A N   1 
ATOM   671  C  CA  . ALA A 1 87  ? 13.761  -3.195  1.459   1.00 27.68 ? 86  ALA A CA  1 
ATOM   672  C  C   . ALA A 1 87  ? 14.140  -4.541  2.052   1.00 28.08 ? 86  ALA A C   1 
ATOM   673  O  O   . ALA A 1 87  ? 14.756  -4.585  3.100   1.00 28.27 ? 86  ALA A O   1 
ATOM   674  C  CB  . ALA A 1 87  ? 12.336  -2.771  1.963   1.00 25.95 ? 86  ALA A CB  1 
ATOM   675  N  N   . ARG A 1 88  ? 13.717  -5.634  1.414   1.00 26.94 ? 87  ARG A N   1 
ATOM   676  C  CA  . ARG A 1 88  ? 14.136  -6.962  1.821   1.00 28.74 ? 87  ARG A CA  1 
ATOM   677  C  C   . ARG A 1 88  ? 15.655  -7.129  1.683   1.00 28.93 ? 87  ARG A C   1 
ATOM   678  O  O   . ARG A 1 88  ? 16.288  -7.621  2.598   1.00 29.51 ? 87  ARG A O   1 
ATOM   679  C  CB  . ARG A 1 88  ? 13.392  -8.049  1.050   1.00 26.79 ? 87  ARG A CB  1 
ATOM   680  C  CG  . ARG A 1 88  ? 11.935  -8.135  1.448   1.00 30.50 ? 87  ARG A CG  1 
ATOM   681  C  CD  . ARG A 1 88  ? 11.165  -9.046  0.542   1.00 30.02 ? 87  ARG A CD  1 
ATOM   682  N  NE  . ARG A 1 88  ? 9.735   -9.060  0.845   1.00 29.03 ? 87  ARG A NE  1 
ATOM   683  C  CZ  . ARG A 1 88  ? 8.834   -9.702  0.120   1.00 25.11 ? 87  ARG A CZ  1 
ATOM   684  N  NH1 . ARG A 1 88  ? 9.176   -10.385 -0.979  1.00 30.65 ? 87  ARG A NH1 1 
ATOM   685  N  NH2 . ARG A 1 88  ? 7.578   -9.663  0.488   1.00 26.47 ? 87  ARG A NH2 1 
ATOM   686  N  N   . THR A 1 89  ? 16.216  -6.691  0.566   1.00 28.35 ? 88  THR A N   1 
ATOM   687  C  CA  . THR A 1 89  ? 17.669  -6.740  0.365   1.00 31.20 ? 88  THR A CA  1 
ATOM   688  C  C   . THR A 1 89  ? 18.403  -5.994  1.467   1.00 32.47 ? 88  THR A C   1 
ATOM   689  O  O   . THR A 1 89  ? 19.437  -6.453  1.935   1.00 34.10 ? 88  THR A O   1 
ATOM   690  C  CB  . THR A 1 89  ? 18.064  -6.171  -0.987  1.00 30.85 ? 88  THR A CB  1 
ATOM   691  O  OG1 . THR A 1 89  ? 17.499  -7.009  -1.991  1.00 28.83 ? 88  THR A OG1 1 
ATOM   692  C  CG2 . THR A 1 89  ? 19.586  -6.127  -1.140  1.00 27.40 ? 88  THR A CG2 1 
ATOM   693  N  N   . PHE A 1 90  ? 17.846  -4.882  1.920   1.00 33.89 ? 89  PHE A N   1 
ATOM   694  C  CA  . PHE A 1 90  ? 18.510  -4.104  2.957   1.00 34.57 ? 89  PHE A CA  1 
ATOM   695  C  C   . PHE A 1 90  ? 18.085  -4.424  4.379   1.00 34.61 ? 89  PHE A C   1 
ATOM   696  O  O   . PHE A 1 90  ? 18.621  -3.861  5.336   1.00 36.40 ? 89  PHE A O   1 
ATOM   697  C  CB  . PHE A 1 90  ? 18.453  -2.628  2.591   1.00 33.73 ? 89  PHE A CB  1 
ATOM   698  C  CG  . PHE A 1 90  ? 19.360  -2.302  1.432   1.00 38.61 ? 89  PHE A CG  1 
ATOM   699  C  CD1 . PHE A 1 90  ? 20.728  -2.117  1.633   1.00 35.44 ? 89  PHE A CD1 1 
ATOM   700  C  CD2 . PHE A 1 90  ? 18.873  -2.268  0.127   1.00 40.16 ? 89  PHE A CD2 1 
ATOM   701  C  CE1 . PHE A 1 90  ? 21.581  -1.847  0.561   1.00 37.82 ? 89  PHE A CE1 1 
ATOM   702  C  CE2 . PHE A 1 90  ? 19.718  -1.992  -0.950  1.00 38.26 ? 89  PHE A CE2 1 
ATOM   703  C  CZ  . PHE A 1 90  ? 21.074  -1.788  -0.732  1.00 38.43 ? 89  PHE A CZ  1 
ATOM   704  N  N   . GLY A 1 91  ? 17.180  -5.387  4.522   1.00 32.20 ? 90  GLY A N   1 
ATOM   705  C  CA  . GLY A 1 91  ? 16.811  -5.921  5.822   1.00 31.20 ? 90  GLY A CA  1 
ATOM   706  C  C   . GLY A 1 91  ? 15.767  -5.121  6.577   1.00 31.63 ? 90  GLY A C   1 
ATOM   707  O  O   . GLY A 1 91  ? 15.419  -5.483  7.712   1.00 32.72 ? 90  GLY A O   1 
ATOM   708  N  N   . ASP A 1 92  ? 15.220  -4.075  5.940   1.00 31.53 ? 91  ASP A N   1 
ATOM   709  C  CA  . ASP A 1 92  ? 14.262  -3.172  6.604   1.00 29.25 ? 91  ASP A CA  1 
ATOM   710  C  C   . ASP A 1 92  ? 12.853  -3.732  6.768   1.00 30.15 ? 91  ASP A C   1 
ATOM   711  O  O   . ASP A 1 92  ? 12.063  -3.211  7.567   1.00 30.77 ? 91  ASP A O   1 
ATOM   712  C  CB  . ASP A 1 92  ? 14.198  -1.849  5.876   1.00 28.96 ? 91  ASP A CB  1 
ATOM   713  C  CG  . ASP A 1 92  ? 15.418  -1.007  6.109   1.00 29.49 ? 91  ASP A CG  1 
ATOM   714  O  OD1 . ASP A 1 92  ? 16.097  -1.178  7.151   1.00 32.18 ? 91  ASP A OD1 1 
ATOM   715  O  OD2 . ASP A 1 92  ? 15.670  -0.168  5.245   1.00 35.10 ? 91  ASP A OD2 1 
ATOM   716  N  N   . ILE A 1 93  ? 12.538  -4.739  5.963   1.00 30.88 ? 92  ILE A N   1 
ATOM   717  C  CA  . ILE A 1 93  ? 11.315  -5.520  6.068   1.00 28.28 ? 92  ILE A CA  1 
ATOM   718  C  C   . ILE A 1 93  ? 11.705  -6.945  5.712   1.00 28.49 ? 92  ILE A C   1 
ATOM   719  O  O   . ILE A 1 93  ? 12.804  -7.173  5.211   1.00 31.18 ? 92  ILE A O   1 
ATOM   720  C  CB  . ILE A 1 93  ? 10.145  -5.030  5.103   1.00 25.69 ? 92  ILE A CB  1 
ATOM   721  C  CG1 . ILE A 1 93  ? 10.459  -5.367  3.638   1.00 28.32 ? 92  ILE A CG1 1 
ATOM   722  C  CG2 . ILE A 1 93  ? 9.803   -3.526  5.299   1.00 26.53 ? 92  ILE A CG2 1 
ATOM   723  C  CD1 . ILE A 1 93  ? 9.475   -4.786  2.636   1.00 25.21 ? 92  ILE A CD1 1 
ATOM   724  N  N   . ASN A 1 94  ? 10.789  -7.882  5.938   1.00 29.17 ? 93  ASN A N   1 
ATOM   725  C  CA  . ASN A 1 94  ? 11.015  -9.291  5.682   1.00 28.56 ? 93  ASN A CA  1 
ATOM   726  C  C   . ASN A 1 94  ? 10.149  -9.845  4.541   1.00 29.34 ? 93  ASN A C   1 
ATOM   727  O  O   . ASN A 1 94  ? 9.436   -9.095  3.874   1.00 27.30 ? 93  ASN A O   1 
ATOM   728  C  CB  . ASN A 1 94  ? 10.835  -10.103 6.992   1.00 29.66 ? 93  ASN A CB  1 
ATOM   729  C  CG  . ASN A 1 94  ? 9.385   -10.121 7.510   1.00 35.55 ? 93  ASN A CG  1 
ATOM   730  O  OD1 . ASN A 1 94  ? 8.417   -10.176 6.737   1.00 37.80 ? 93  ASN A OD1 1 
ATOM   731  N  ND2 . ASN A 1 94  ? 9.234   -10.105 8.850   1.00 35.09 ? 93  ASN A ND2 1 
ATOM   732  N  N   . LYS A 1 95  ? 10.231  -11.158 4.323   1.00 28.41 ? 94  LYS A N   1 
ATOM   733  C  CA  . LYS A 1 95  ? 9.595   -11.830 3.188   1.00 31.72 ? 94  LYS A CA  1 
ATOM   734  C  C   . LYS A 1 95  ? 8.067   -11.910 3.267   1.00 30.02 ? 94  LYS A C   1 
ATOM   735  O  O   . LYS A 1 95  ? 7.431   -12.253 2.280   1.00 31.33 ? 94  LYS A O   1 
ATOM   736  C  CB  . LYS A 1 95  ? 10.142  -13.260 3.050   1.00 30.86 ? 94  LYS A CB  1 
ATOM   737  C  CG  . LYS A 1 95  ? 11.606  -13.380 2.579   1.00 39.56 ? 94  LYS A CG  1 
ATOM   738  C  CD  . LYS A 1 95  ? 11.985  -14.871 2.258   1.00 37.04 ? 94  LYS A CD  1 
ATOM   739  C  CE  . LYS A 1 95  ? 13.471  -15.067 1.821   1.00 42.84 ? 94  LYS A CE  1 
ATOM   740  N  N   . GLU A 1 96  ? 7.495   -11.631 4.432   1.00 30.19 ? 95  GLU A N   1 
ATOM   741  C  CA  . GLU A 1 96  ? 6.043   -11.647 4.608   1.00 31.71 ? 95  GLU A CA  1 
ATOM   742  C  C   . GLU A 1 96  ? 5.436   -10.243 4.509   1.00 28.51 ? 95  GLU A C   1 
ATOM   743  O  O   . GLU A 1 96  ? 4.216   -10.083 4.550   1.00 27.79 ? 95  GLU A O   1 
ATOM   744  C  CB  . GLU A 1 96  ? 5.689   -12.271 5.958   1.00 33.60 ? 95  GLU A CB  1 
ATOM   745  C  CG  . GLU A 1 96  ? 5.806   -13.799 5.976   1.00 42.04 ? 95  GLU A CG  1 
ATOM   746  C  CD  . GLU A 1 96  ? 7.212   -14.269 6.174   1.00 51.04 ? 95  GLU A CD  1 
ATOM   747  O  OE1 . GLU A 1 96  ? 7.835   -13.849 7.170   1.00 60.17 ? 95  GLU A OE1 1 
ATOM   748  O  OE2 . GLU A 1 96  ? 7.696   -15.053 5.329   1.00 62.24 ? 95  GLU A OE2 1 
HETATM 749  N  N   . MSE A 1 97  ? 6.296   -9.233  4.387   1.00 26.48 ? 96  MSE A N   1 
HETATM 750  C  CA  . MSE A 1 97  ? 5.867   -7.858  4.343   1.00 25.90 ? 96  MSE A CA  1 
HETATM 751  C  C   . MSE A 1 97  ? 5.977   -7.253  2.933   1.00 25.31 ? 96  MSE A C   1 
HETATM 752  O  O   . MSE A 1 97  ? 6.953   -7.499  2.220   1.00 24.80 ? 96  MSE A O   1 
HETATM 753  C  CB  . MSE A 1 97  ? 6.727   -7.030  5.308   1.00 26.68 ? 96  MSE A CB  1 
HETATM 754  C  CG  . MSE A 1 97  ? 6.508   -7.403  6.772   1.00 28.33 ? 96  MSE A CG  1 
HETATM 755  SE SE  . MSE A 1 97  ? 7.937   -6.865  7.954   0.75 30.47 ? 96  MSE A SE  1 
HETATM 756  C  CE  . MSE A 1 97  ? 7.752   -4.973  7.937   1.00 30.43 ? 96  MSE A CE  1 
ATOM   757  N  N   . ILE A 1 98  ? 4.973   -6.442  2.585   1.00 26.10 ? 97  ILE A N   1 
ATOM   758  C  CA  . ILE A 1 98  ? 4.855   -5.752  1.281   1.00 25.22 ? 97  ILE A CA  1 
ATOM   759  C  C   . ILE A 1 98  ? 4.865   -4.257  1.575   1.00 24.24 ? 97  ILE A C   1 
ATOM   760  O  O   . ILE A 1 98  ? 3.960   -3.746  2.225   1.00 26.21 ? 97  ILE A O   1 
ATOM   761  C  CB  . ILE A 1 98  ? 3.551   -6.136  0.550   1.00 25.77 ? 97  ILE A CB  1 
ATOM   762  C  CG1 . ILE A 1 98  ? 3.399   -7.645  0.423   1.00 25.58 ? 97  ILE A CG1 1 
ATOM   763  C  CG2 . ILE A 1 98  ? 3.484   -5.492  -0.850  1.00 25.16 ? 97  ILE A CG2 1 
ATOM   764  C  CD1 . ILE A 1 98  ? 1.964   -8.083  0.251   1.00 26.96 ? 97  ILE A CD1 1 
HETATM 765  N  N   . MSE A 1 99  ? 5.912   -3.560  1.178   1.00 25.18 ? 98  MSE A N   1 
HETATM 766  C  CA  . MSE A 1 99  ? 6.017   -2.151  1.505   1.00 26.90 ? 98  MSE A CA  1 
HETATM 767  C  C   . MSE A 1 99  ? 5.064   -1.308  0.664   1.00 26.08 ? 98  MSE A C   1 
HETATM 768  O  O   . MSE A 1 99  ? 5.117   -1.358  -0.577  1.00 27.76 ? 98  MSE A O   1 
HETATM 769  C  CB  . MSE A 1 99  ? 7.425   -1.677  1.272   1.00 24.43 ? 98  MSE A CB  1 
HETATM 770  C  CG  . MSE A 1 99  ? 7.616   -0.325  1.728   1.00 28.40 ? 98  MSE A CG  1 
HETATM 771  SE SE  . MSE A 1 99  ? 9.474   0.122   1.432   0.75 40.26 ? 98  MSE A SE  1 
HETATM 772  C  CE  . MSE A 1 99  ? 9.263   1.594   2.162   1.00 19.61 ? 98  MSE A CE  1 
ATOM   773  N  N   . ILE A 1 100 ? 4.216   -0.522  1.333   1.00 24.31 ? 99  ILE A N   1 
ATOM   774  C  CA  . ILE A 1 100 ? 3.201   0.260   0.631   1.00 25.37 ? 99  ILE A CA  1 
ATOM   775  C  C   . ILE A 1 100 ? 3.255   1.765   0.856   1.00 26.37 ? 99  ILE A C   1 
ATOM   776  O  O   . ILE A 1 100 ? 2.572   2.501   0.145   1.00 27.99 ? 99  ILE A O   1 
ATOM   777  C  CB  . ILE A 1 100 ? 1.745   -0.338  0.820   1.00 28.07 ? 99  ILE A CB  1 
ATOM   778  C  CG1 . ILE A 1 100 ? 1.324   -0.499  2.304   1.00 25.10 ? 99  ILE A CG1 1 
ATOM   779  C  CG2 . ILE A 1 100 ? 1.628   -1.678  0.143   1.00 28.97 ? 99  ILE A CG2 1 
ATOM   780  C  CD1 . ILE A 1 100 ? 0.878   0.694   3.014   1.00 29.30 ? 99  ILE A CD1 1 
ATOM   781  N  N   . LYS A 1 101 ? 4.104   2.224   1.755   1.00 27.77 ? 100 LYS A N   1 
ATOM   782  C  CA  . LYS A 1 101 ? 4.206   3.648   2.017   1.00 27.35 ? 100 LYS A CA  1 
ATOM   783  C  C   . LYS A 1 101 ? 5.448   3.902   2.833   1.00 30.14 ? 100 LYS A C   1 
ATOM   784  O  O   . LYS A 1 101 ? 5.852   3.072   3.635   1.00 29.96 ? 100 LYS A O   1 
ATOM   785  C  CB  . LYS A 1 101 ? 2.933   4.159   2.761   1.00 30.60 ? 100 LYS A CB  1 
ATOM   786  C  CG  . LYS A 1 101 ? 2.938   5.677   3.058   1.00 32.55 ? 100 LYS A CG  1 
ATOM   787  C  CD  . LYS A 1 101 ? 1.624   6.168   3.716   1.00 31.02 ? 100 LYS A CD  1 
ATOM   788  C  CE  . LYS A 1 101 ? 1.753   7.607   4.213   1.00 41.36 ? 100 LYS A CE  1 
ATOM   789  N  NZ  . LYS A 1 101 ? 1.842   7.664   5.674   1.00 51.70 ? 100 LYS A NZ  1 
ATOM   790  N  N   . ASN A 1 102 ? 6.070   5.056   2.606   1.00 32.75 ? 101 ASN A N   1 
ATOM   791  C  CA  . ASN A 1 102 ? 7.240   5.447   3.370   1.00 36.05 ? 101 ASN A CA  1 
ATOM   792  C  C   . ASN A 1 102 ? 7.145   6.939   3.611   1.00 44.25 ? 101 ASN A C   1 
ATOM   793  O  O   . ASN A 1 102 ? 7.553   7.731   2.743   1.00 49.10 ? 101 ASN A O   1 
ATOM   794  C  CB  . ASN A 1 102 ? 8.551   5.008   2.639   1.00 33.50 ? 101 ASN A CB  1 
ATOM   795  C  CG  . ASN A 1 102 ? 9.858   5.553   3.278   1.00 35.32 ? 101 ASN A CG  1 
ATOM   796  O  OD1 . ASN A 1 102 ? 10.751  5.978   2.536   1.00 33.54 ? 101 ASN A OD1 1 
ATOM   797  N  ND2 . ASN A 1 102 ? 9.983   5.547   4.612   1.00 35.49 ? 101 ASN A ND2 1 
ATOM   798  N  N   . SER A 1 103 ? 6.669   7.290   4.821   1.00 48.65 ? 102 SER A N   1 
ATOM   799  C  CA  . SER A 1 103 ? 6.412   8.682   5.234   1.00 50.10 ? 102 SER A CA  1 
ATOM   800  C  C   . SER A 1 103 ? 7.647   9.356   5.905   1.00 46.41 ? 102 SER A C   1 
ATOM   801  O  O   . SER A 1 103 ? 7.646   9.767   7.095   1.00 50.49 ? 102 SER A O   1 
ATOM   802  C  CB  . SER A 1 103 ? 5.145   8.760   6.123   1.00 51.93 ? 102 SER A CB  1 
ATOM   803  O  OG  . SER A 1 103 ? 5.441   8.582   7.493   1.00 50.04 ? 102 SER A OG  1 
ATOM   804  N  N   . GLY A 1 104 ? 8.704   9.483   5.129   1.00 35.88 ? 103 GLY A N   1 
ATOM   805  C  CA  . GLY A 1 104 ? 9.880   10.155  5.607   1.00 31.27 ? 103 GLY A CA  1 
ATOM   806  C  C   . GLY A 1 104 ? 10.759  9.196   6.360   1.00 26.39 ? 103 GLY A C   1 
ATOM   807  O  O   . GLY A 1 104 ? 10.404  8.059   6.655   1.00 29.66 ? 103 GLY A O   1 
ATOM   808  N  N   . TYR A 1 105 ? 11.907  9.655   6.739   1.00 24.61 ? 104 TYR A N   1 
ATOM   809  C  CA  . TYR A 1 105 ? 12.945  8.751   7.137   1.00 25.81 ? 104 TYR A CA  1 
ATOM   810  C  C   . TYR A 1 105 ? 12.582  8.027   8.431   1.00 28.98 ? 104 TYR A C   1 
ATOM   811  O  O   . TYR A 1 105 ? 12.179  8.658   9.407   1.00 28.15 ? 104 TYR A O   1 
ATOM   812  C  CB  . TYR A 1 105 ? 14.227  9.547   7.285   1.00 23.72 ? 104 TYR A CB  1 
ATOM   813  C  CG  . TYR A 1 105 ? 15.448  8.780   7.695   1.00 27.28 ? 104 TYR A CG  1 
ATOM   814  C  CD1 . TYR A 1 105 ? 16.042  7.862   6.834   1.00 26.18 ? 104 TYR A CD1 1 
ATOM   815  C  CD2 . TYR A 1 105 ? 16.042  8.993   8.936   1.00 19.99 ? 104 TYR A CD2 1 
ATOM   816  C  CE1 . TYR A 1 105 ? 17.174  7.137   7.221   1.00 26.37 ? 104 TYR A CE1 1 
ATOM   817  C  CE2 . TYR A 1 105 ? 17.198  8.294   9.323   1.00 32.25 ? 104 TYR A CE2 1 
ATOM   818  C  CZ  . TYR A 1 105 ? 17.766  7.363   8.456   1.00 25.88 ? 104 TYR A CZ  1 
ATOM   819  O  OH  . TYR A 1 105 ? 18.898  6.665   8.854   1.00 28.54 ? 104 TYR A OH  1 
ATOM   820  N  N   . GLY A 1 106 ? 12.723  6.702   8.405   1.00 31.33 ? 105 GLY A N   1 
ATOM   821  C  CA  . GLY A 1 106 ? 12.593  5.842   9.596   1.00 33.22 ? 105 GLY A CA  1 
ATOM   822  C  C   . GLY A 1 106 ? 11.174  5.438   9.897   1.00 34.45 ? 105 GLY A C   1 
ATOM   823  O  O   . GLY A 1 106 ? 10.842  5.039   11.010  1.00 38.16 ? 105 GLY A O   1 
ATOM   824  N  N   . SER A 1 107 ? 10.320  5.537   8.898   1.00 32.32 ? 106 SER A N   1 
ATOM   825  C  CA  A SER A 1 107 ? 8.908   5.252   9.072   0.50 32.13 ? 106 SER A CA  1 
ATOM   826  C  CA  B SER A 1 107 ? 8.909   5.297   9.054   0.50 32.29 ? 106 SER A CA  1 
ATOM   827  C  C   . SER A 1 107 ? 8.424   4.566   7.801   1.00 34.28 ? 106 SER A C   1 
ATOM   828  O  O   . SER A 1 107 ? 8.135   5.220   6.777   1.00 31.54 ? 106 SER A O   1 
ATOM   829  C  CB  A SER A 1 107 ? 8.116   6.546   9.343   0.50 33.64 ? 106 SER A CB  1 
ATOM   830  C  CB  B SER A 1 107 ? 8.231   6.667   9.208   0.50 33.98 ? 106 SER A CB  1 
ATOM   831  O  OG  A SER A 1 107 ? 8.609   7.256   10.479  0.50 30.15 ? 106 SER A OG  1 
ATOM   832  O  OG  B SER A 1 107 ? 6.838   6.583   9.390   0.50 30.36 ? 106 SER A OG  1 
ATOM   833  N  N   . ILE A 1 108 ? 8.351   3.234   7.878   1.00 31.06 ? 107 ILE A N   1 
ATOM   834  C  CA  . ILE A 1 108 ? 7.995   2.366   6.778   1.00 29.51 ? 107 ILE A CA  1 
ATOM   835  C  C   . ILE A 1 108 ? 6.688   1.658   7.069   1.00 28.59 ? 107 ILE A C   1 
ATOM   836  O  O   . ILE A 1 108 ? 6.534   1.037   8.114   1.00 30.42 ? 107 ILE A O   1 
ATOM   837  C  CB  . ILE A 1 108 ? 9.091   1.315   6.569   1.00 29.76 ? 107 ILE A CB  1 
ATOM   838  C  CG1 . ILE A 1 108 ? 10.374  1.994   6.084   1.00 30.63 ? 107 ILE A CG1 1 
ATOM   839  C  CG2 . ILE A 1 108 ? 8.686   0.262   5.596   1.00 28.48 ? 107 ILE A CG2 1 
ATOM   840  C  CD1 . ILE A 1 108 ? 11.519  1.058   5.818   1.00 32.44 ? 107 ILE A CD1 1 
ATOM   841  N  N   . PHE A 1 109 ? 5.750   1.727   6.142   1.00 28.29 ? 108 PHE A N   1 
ATOM   842  C  CA  . PHE A 1 109 ? 4.465   1.041   6.259   1.00 28.41 ? 108 PHE A CA  1 
ATOM   843  C  C   . PHE A 1 109 ? 4.307   -0.143  5.298   1.00 28.62 ? 108 PHE A C   1 
ATOM   844  O  O   . PHE A 1 109 ? 4.525   -0.005  4.084   1.00 28.99 ? 108 PHE A O   1 
ATOM   845  C  CB  . PHE A 1 109 ? 3.289   2.022   6.050   1.00 27.94 ? 108 PHE A CB  1 
ATOM   846  C  CG  . PHE A 1 109 ? 3.328   3.173   6.990   1.00 27.37 ? 108 PHE A CG  1 
ATOM   847  C  CD1 . PHE A 1 109 ? 4.149   4.249   6.738   1.00 30.46 ? 108 PHE A CD1 1 
ATOM   848  C  CD2 . PHE A 1 109 ? 2.643   3.118   8.181   1.00 29.26 ? 108 PHE A CD2 1 
ATOM   849  C  CE1 . PHE A 1 109 ? 4.250   5.298   7.641   1.00 26.73 ? 108 PHE A CE1 1 
ATOM   850  C  CE2 . PHE A 1 109 ? 2.702   4.125   9.070   1.00 26.09 ? 108 PHE A CE2 1 
ATOM   851  C  CZ  . PHE A 1 109 ? 3.545   5.256   8.827   1.00 26.97 ? 108 PHE A CZ  1 
ATOM   852  N  N   . SER A 1 110 ? 3.957   -1.283  5.860   1.00 25.68 ? 109 SER A N   1 
ATOM   853  C  CA  . SER A 1 110 ? 3.805   -2.533  5.115   1.00 23.52 ? 109 SER A CA  1 
ATOM   854  C  C   . SER A 1 110 ? 2.536   -3.264  5.424   1.00 23.79 ? 109 SER A C   1 
ATOM   855  O  O   . SER A 1 110 ? 2.032   -3.248  6.555   1.00 22.23 ? 109 SER A O   1 
ATOM   856  C  CB  . SER A 1 110 ? 5.019   -3.465  5.373   1.00 24.88 ? 109 SER A CB  1 
ATOM   857  O  OG  . SER A 1 110 ? 6.243   -2.786  5.198   1.00 24.74 ? 109 SER A OG  1 
ATOM   858  N  N   . ILE A 1 111 ? 2.042   -3.941  4.404   1.00 22.88 ? 110 ILE A N   1 
ATOM   859  C  CA  . ILE A 1 111 ? 1.090   -5.024  4.557   1.00 25.39 ? 110 ILE A CA  1 
ATOM   860  C  C   . ILE A 1 111 ? 1.859   -6.208  5.156   1.00 24.64 ? 110 ILE A C   1 
ATOM   861  O  O   . ILE A 1 111 ? 2.833   -6.668  4.553   1.00 26.22 ? 110 ILE A O   1 
ATOM   862  C  CB  . ILE A 1 111 ? 0.519   -5.461  3.230   1.00 26.65 ? 110 ILE A CB  1 
ATOM   863  C  CG1 . ILE A 1 111 ? -0.264  -4.347  2.510   1.00 25.04 ? 110 ILE A CG1 1 
ATOM   864  C  CG2 . ILE A 1 111 ? -0.404  -6.664  3.429   1.00 23.70 ? 110 ILE A CG2 1 
ATOM   865  C  CD1 . ILE A 1 111 ? -0.703  -4.727  1.048   1.00 25.58 ? 110 ILE A CD1 1 
ATOM   866  N  N   . ASP A 1 112 ? 1.419   -6.709  6.310   1.00 22.46 ? 111 ASP A N   1 
ATOM   867  C  CA  . ASP A 1 112 ? 2.090   -7.858  6.941   1.00 23.86 ? 111 ASP A CA  1 
ATOM   868  C  C   . ASP A 1 112 ? 1.219   -9.056  6.767   1.00 24.24 ? 111 ASP A C   1 
ATOM   869  O  O   . ASP A 1 112 ? 0.218   -9.211  7.487   1.00 25.36 ? 111 ASP A O   1 
ATOM   870  C  CB  . ASP A 1 112 ? 2.431   -7.631  8.425   1.00 26.15 ? 111 ASP A CB  1 
ATOM   871  C  CG  . ASP A 1 112 ? 3.375   -8.694  8.967   1.00 26.37 ? 111 ASP A CG  1 
ATOM   872  O  OD1 . ASP A 1 112 ? 3.296   -9.866  8.508   1.00 27.93 ? 111 ASP A OD1 1 
ATOM   873  O  OD2 . ASP A 1 112 ? 4.193   -8.361  9.833   1.00 30.90 ? 111 ASP A OD2 1 
ATOM   874  N  N   . THR A 1 113 ? 1.597   -9.912  5.817   1.00 23.82 ? 112 THR A N   1 
ATOM   875  C  CA  . THR A 1 113 ? 0.753   -11.073 5.481   1.00 26.36 ? 112 THR A CA  1 
ATOM   876  C  C   . THR A 1 113 ? 0.688   -12.083 6.635   1.00 28.08 ? 112 THR A C   1 
ATOM   877  O  O   . THR A 1 113 ? -0.120  -13.003 6.598   1.00 26.58 ? 112 THR A O   1 
ATOM   878  C  CB  . THR A 1 113 ? 1.247   -11.818 4.179   1.00 24.62 ? 112 THR A CB  1 
ATOM   879  O  OG1 . THR A 1 113 ? 2.605   -12.269 4.354   1.00 29.23 ? 112 THR A OG1 1 
ATOM   880  C  CG2 . THR A 1 113 ? 1.101   -10.917 2.923   1.00 27.40 ? 112 THR A CG2 1 
ATOM   881  N  N   . SER A 1 114 ? 1.527   -11.917 7.653   1.00 25.98 ? 113 SER A N   1 
ATOM   882  C  CA  . SER A 1 114 ? 1.529   -12.847 8.787   1.00 26.50 ? 113 SER A CA  1 
ATOM   883  C  C   . SER A 1 114 ? 0.686   -12.375 9.960   1.00 25.65 ? 113 SER A C   1 
ATOM   884  O  O   . SER A 1 114 ? 0.520   -13.102 10.937  1.00 25.13 ? 113 SER A O   1 
ATOM   885  C  CB  . SER A 1 114 ? 2.965   -13.062 9.246   1.00 23.41 ? 113 SER A CB  1 
ATOM   886  O  OG  . SER A 1 114 ? 3.468   -11.935 9.957   1.00 27.93 ? 113 SER A OG  1 
ATOM   887  N  N   . ILE A 1 115 ? 0.183   -11.139 9.888   1.00 25.45 ? 114 ILE A N   1 
ATOM   888  C  CA  . ILE A 1 115 ? -0.577  -10.554 10.998  1.00 24.04 ? 114 ILE A CA  1 
ATOM   889  C  C   . ILE A 1 115 ? -1.952  -10.117 10.470  1.00 24.45 ? 114 ILE A C   1 
ATOM   890  O  O   . ILE A 1 115 ? -2.044  -9.203  9.663   1.00 25.17 ? 114 ILE A O   1 
ATOM   891  C  CB  . ILE A 1 115 ? 0.172   -9.366  11.682  1.00 25.65 ? 114 ILE A CB  1 
ATOM   892  C  CG1 . ILE A 1 115 ? 1.579   -9.775  12.178  1.00 25.08 ? 114 ILE A CG1 1 
ATOM   893  C  CG2 . ILE A 1 115 ? -0.636  -8.851  12.881  1.00 26.41 ? 114 ILE A CG2 1 
ATOM   894  C  CD1 . ILE A 1 115 ? 2.387   -8.589  12.750  1.00 25.88 ? 114 ILE A CD1 1 
ATOM   895  N  N   . ILE A 1 116 ? -3.000  -10.781 10.961  1.00 23.57 ? 115 ILE A N   1 
ATOM   896  C  CA  . ILE A 1 116 ? -4.350  -10.654 10.446  1.00 22.40 ? 115 ILE A CA  1 
ATOM   897  C  C   . ILE A 1 116 ? -5.145  -9.736  11.378  1.00 26.45 ? 115 ILE A C   1 
ATOM   898  O  O   . ILE A 1 116 ? -5.001  -9.810  12.616  1.00 27.81 ? 115 ILE A O   1 
ATOM   899  C  CB  . ILE A 1 116 ? -5.020  -12.035 10.290  1.00 24.39 ? 115 ILE A CB  1 
ATOM   900  C  CG1 . ILE A 1 116 ? -4.160  -12.994 9.436   1.00 24.59 ? 115 ILE A CG1 1 
ATOM   901  C  CG2 . ILE A 1 116 ? -6.417  -11.916 9.695   1.00 26.15 ? 115 ILE A CG2 1 
ATOM   902  C  CD1 . ILE A 1 116 ? -3.829  -12.466 8.021   1.00 25.39 ? 115 ILE A CD1 1 
ATOM   903  N  N   . GLY A 1 117 ? -5.965  -8.856  10.791  1.00 26.99 ? 116 GLY A N   1 
ATOM   904  C  CA  . GLY A 1 117 ? -6.829  -7.978  11.571  1.00 26.87 ? 116 GLY A CA  1 
ATOM   905  C  C   . GLY A 1 117 ? -8.208  -8.538  11.743  1.00 28.49 ? 116 GLY A C   1 
ATOM   906  O  O   . GLY A 1 117 ? -8.407  -9.746  11.674  1.00 29.10 ? 116 GLY A O   1 
ATOM   907  N  N   . SER A 1 118 ? -9.186  -7.675  11.979  1.00 25.18 ? 117 SER A N   1 
ATOM   908  C  CA  . SER A 1 118 ? -10.530 -8.186  12.278  1.00 27.41 ? 117 SER A CA  1 
ATOM   909  C  C   . SER A 1 118 ? -11.436 -8.355  11.047  1.00 27.20 ? 117 SER A C   1 
ATOM   910  O  O   . SER A 1 118 ? -12.535 -8.852  11.174  1.00 28.52 ? 117 SER A O   1 
ATOM   911  C  CB  . SER A 1 118 ? -11.222 -7.266  13.263  1.00 27.67 ? 117 SER A CB  1 
ATOM   912  O  OG  . SER A 1 118 ? -11.372 -5.979  12.679  1.00 27.53 ? 117 SER A OG  1 
ATOM   913  N  N   . GLU A 1 119 ? -10.955 -7.997  9.868   1.00 28.54 ? 118 GLU A N   1 
ATOM   914  C  CA  . GLU A 1 119 ? -11.748 -8.053  8.630   1.00 28.78 ? 118 GLU A CA  1 
ATOM   915  C  C   . GLU A 1 119 ? -11.217 -9.114  7.680   1.00 30.40 ? 118 GLU A C   1 
ATOM   916  O  O   . GLU A 1 119 ? -11.425 -8.998  6.484   1.00 34.49 ? 118 GLU A O   1 
ATOM   917  C  CB  . GLU A 1 119 ? -11.708 -6.692  7.907   1.00 28.88 ? 118 GLU A CB  1 
ATOM   918  C  CG  . GLU A 1 119 ? -12.499 -5.582  8.562   1.00 32.15 ? 118 GLU A CG  1 
ATOM   919  C  CD  . GLU A 1 119 ? -14.006 -5.778  8.498   1.00 37.83 ? 118 GLU A CD  1 
ATOM   920  O  OE1 . GLU A 1 119 ? -14.491 -6.720  7.835   1.00 39.12 ? 118 GLU A OE1 1 
ATOM   921  O  OE2 . GLU A 1 119 ? -14.707 -4.978  9.139   1.00 44.55 ? 118 GLU A OE2 1 
ATOM   922  N  N   . GLY A 1 120 ? -10.513 -10.119 8.194   1.00 29.75 ? 119 GLY A N   1 
ATOM   923  C  CA  . GLY A 1 120 ? -10.007 -11.219 7.369   1.00 32.44 ? 119 GLY A CA  1 
ATOM   924  C  C   . GLY A 1 120 ? -8.819  -10.892 6.465   1.00 31.34 ? 119 GLY A C   1 
ATOM   925  O  O   . GLY A 1 120 ? -8.421  -11.705 5.666   1.00 36.39 ? 119 GLY A O   1 
ATOM   926  N  N   . GLU A 1 121 ? -8.234  -9.707  6.609   1.00 27.33 ? 120 GLU A N   1 
ATOM   927  C  CA  . GLU A 1 121 ? -7.096  -9.295  5.828   1.00 27.01 ? 120 GLU A CA  1 
ATOM   928  C  C   . GLU A 1 121 ? -5.946  -8.993  6.758   1.00 26.89 ? 120 GLU A C   1 
ATOM   929  O  O   . GLU A 1 121 ? -6.150  -8.680  7.923   1.00 25.28 ? 120 GLU A O   1 
ATOM   930  C  CB  . GLU A 1 121 ? -7.421  -8.013  5.034   1.00 25.17 ? 120 GLU A CB  1 
ATOM   931  C  CG  . GLU A 1 121 ? -8.367  -8.197  3.884   1.00 28.34 ? 120 GLU A CG  1 
ATOM   932  C  CD  . GLU A 1 121 ? -8.398  -7.065  2.878   1.00 23.53 ? 120 GLU A CD  1 
ATOM   933  O  OE1 . GLU A 1 121 ? -7.588  -6.099  2.985   1.00 26.85 ? 120 GLU A OE1 1 
ATOM   934  O  OE2 . GLU A 1 121 ? -9.250  -7.158  1.968   1.00 25.69 ? 120 GLU A OE2 1 
ATOM   935  N  N   . PRO A 1 122 ? -4.727  -9.073  6.232   1.00 26.18 ? 121 PRO A N   1 
ATOM   936  C  CA  . PRO A 1 122 ? -3.536  -8.585  6.853   1.00 26.73 ? 121 PRO A CA  1 
ATOM   937  C  C   . PRO A 1 122 ? -3.640  -7.120  7.260   1.00 27.00 ? 121 PRO A C   1 
ATOM   938  O  O   . PRO A 1 122 ? -4.242  -6.301  6.557   1.00 24.67 ? 121 PRO A O   1 
ATOM   939  C  CB  . PRO A 1 122 ? -2.472  -8.775  5.740   1.00 25.25 ? 121 PRO A CB  1 
ATOM   940  C  CG  . PRO A 1 122 ? -2.968  -9.921  4.984   1.00 28.59 ? 121 PRO A CG  1 
ATOM   941  C  CD  . PRO A 1 122 ? -4.423  -9.700  4.933   1.00 26.89 ? 121 PRO A CD  1 
ATOM   942  N  N   . VAL A 1 123 ? -3.030  -6.821  8.394   1.00 26.79 ? 122 VAL A N   1 
ATOM   943  C  CA  . VAL A 1 123 ? -2.914  -5.464  8.899   1.00 26.46 ? 122 VAL A CA  1 
ATOM   944  C  C   . VAL A 1 123 ? -1.802  -4.727  8.214   1.00 26.55 ? 122 VAL A C   1 
ATOM   945  O  O   . VAL A 1 123 ? -0.969  -5.285  7.474   1.00 26.98 ? 122 VAL A O   1 
ATOM   946  C  CB  . VAL A 1 123 ? -2.682  -5.461  10.447  1.00 22.64 ? 122 VAL A CB  1 
ATOM   947  C  CG1 . VAL A 1 123 ? -3.800  -6.263  11.139  1.00 26.10 ? 122 VAL A CG1 1 
ATOM   948  C  CG2 . VAL A 1 123 ? -1.265  -5.980  10.777  1.00 24.83 ? 122 VAL A CG2 1 
ATOM   949  N  N   . ILE A 1 124 ? -1.830  -3.436  8.454   1.00 23.36 ? 123 ILE A N   1 
ATOM   950  C  CA  . ILE A 1 124 ? -0.718  -2.579  8.136   1.00 23.53 ? 123 ILE A CA  1 
ATOM   951  C  C   . ILE A 1 124 ? 0.125   -2.348  9.397   1.00 24.12 ? 123 ILE A C   1 
ATOM   952  O  O   . ILE A 1 124 ? -0.394  -2.047  10.496  1.00 23.83 ? 123 ILE A O   1 
ATOM   953  C  CB  . ILE A 1 124 ? -1.164  -1.211  7.524   1.00 25.34 ? 123 ILE A CB  1 
ATOM   954  C  CG1 . ILE A 1 124 ? -1.979  -1.330  6.235   1.00 24.10 ? 123 ILE A CG1 1 
ATOM   955  C  CG2 . ILE A 1 124 ? 0.039   -0.297  7.315   1.00 25.36 ? 123 ILE A CG2 1 
ATOM   956  C  CD1 . ILE A 1 124 ? -1.467  -2.312  5.157   1.00 27.42 ? 123 ILE A CD1 1 
ATOM   957  N  N   . VAL A 1 125 ? 1.432   -2.524  9.216   1.00 23.39 ? 124 VAL A N   1 
ATOM   958  C  CA  . VAL A 1 125 ? 2.409   -2.315  10.274  1.00 23.01 ? 124 VAL A CA  1 
ATOM   959  C  C   . VAL A 1 125 ? 3.345   -1.192  9.876   1.00 25.55 ? 124 VAL A C   1 
ATOM   960  O  O   . VAL A 1 125 ? 3.619   -0.972  8.710   1.00 29.12 ? 124 VAL A O   1 
ATOM   961  C  CB  . VAL A 1 125 ? 3.237   -3.631  10.655  1.00 21.86 ? 124 VAL A CB  1 
ATOM   962  C  CG1 . VAL A 1 125 ? 2.308   -4.758  11.123  1.00 24.16 ? 124 VAL A CG1 1 
ATOM   963  C  CG2 . VAL A 1 125 ? 4.139   -4.138  9.494   1.00 20.89 ? 124 VAL A CG2 1 
ATOM   964  N  N   . GLU A 1 126 ? 3.811   -0.507  10.891  1.00 23.90 ? 125 GLU A N   1 
ATOM   965  C  CA  . GLU A 1 126 ? 4.838   0.478   10.823  1.00 24.62 ? 125 GLU A CA  1 
ATOM   966  C  C   . GLU A 1 126 ? 6.105   -0.069  11.470  1.00 27.47 ? 125 GLU A C   1 
ATOM   967  O  O   . GLU A 1 126 ? 6.095   -0.597  12.603  1.00 27.03 ? 125 GLU A O   1 
ATOM   968  C  CB  . GLU A 1 126 ? 4.426   1.745   11.550  1.00 28.14 ? 125 GLU A CB  1 
ATOM   969  C  CG  . GLU A 1 126 ? 5.462   2.849   11.396  1.00 27.73 ? 125 GLU A CG  1 
ATOM   970  C  CD  . GLU A 1 126 ? 5.068   4.173   12.019  1.00 33.21 ? 125 GLU A CD  1 
ATOM   971  O  OE1 . GLU A 1 126 ? 3.946   4.290   12.555  1.00 33.79 ? 125 GLU A OE1 1 
ATOM   972  O  OE2 . GLU A 1 126 ? 5.904   5.101   11.967  1.00 38.01 ? 125 GLU A OE2 1 
ATOM   973  N  N   . THR A 1 127 ? 7.220   0.104   10.758  1.00 22.14 ? 126 THR A N   1 
ATOM   974  C  CA  . THR A 1 127 ? 8.498   -0.362  11.250  1.00 25.26 ? 126 THR A CA  1 
ATOM   975  C  C   . THR A 1 127 ? 9.464   0.766   11.069  1.00 24.16 ? 126 THR A C   1 
ATOM   976  O  O   . THR A 1 127 ? 9.213   1.701   10.304  1.00 26.87 ? 126 THR A O   1 
ATOM   977  C  CB  . THR A 1 127 ? 9.010   -1.610  10.532  1.00 28.38 ? 126 THR A CB  1 
ATOM   978  O  OG1 . THR A 1 127 ? 9.049   -1.389  9.107   1.00 28.24 ? 126 THR A OG1 1 
ATOM   979  C  CG2 . THR A 1 127 ? 8.071   -2.754  10.819  1.00 25.79 ? 126 THR A CG2 1 
ATOM   980  N  N   . ASN A 1 128 ? 10.568  0.675   11.783  1.00 26.50 ? 127 ASN A N   1 
ATOM   981  C  CA  . ASN A 1 128 ? 11.541  1.744   11.792  1.00 28.67 ? 127 ASN A CA  1 
ATOM   982  C  C   . ASN A 1 128 ? 12.942  1.248   11.505  1.00 29.78 ? 127 ASN A C   1 
ATOM   983  O  O   . ASN A 1 128 ? 13.130  0.111   11.053  1.00 28.93 ? 127 ASN A O   1 
ATOM   984  C  CB  . ASN A 1 128 ? 11.473  2.510   13.115  1.00 30.80 ? 127 ASN A CB  1 
ATOM   985  C  CG  . ASN A 1 128 ? 11.845  1.649   14.310  1.00 32.18 ? 127 ASN A CG  1 
ATOM   986  O  OD1 . ASN A 1 128 ? 12.835  0.895   14.289  1.00 27.59 ? 127 ASN A OD1 1 
ATOM   987  N  ND2 . ASN A 1 128 ? 11.044  1.756   15.365  1.00 35.35 ? 127 ASN A ND2 1 
ATOM   988  N  N   . LEU A 1 129 ? 13.905  2.137   11.760  1.00 32.48 ? 128 LEU A N   1 
ATOM   989  C  CA  . LEU A 1 129 ? 15.310  1.963   11.434  1.00 35.26 ? 128 LEU A CA  1 
ATOM   990  C  C   . LEU A 1 129 ? 15.915  0.698   12.082  1.00 33.10 ? 128 LEU A C   1 
ATOM   991  O  O   . LEU A 1 129 ? 16.740  0.014   11.477  1.00 31.10 ? 128 LEU A O   1 
ATOM   992  C  CB  . LEU A 1 129 ? 16.109  3.242   11.836  1.00 36.05 ? 128 LEU A CB  1 
ATOM   993  C  CG  . LEU A 1 129 ? 15.807  4.576   11.102  1.00 36.15 ? 128 LEU A CG  1 
ATOM   994  C  CD1 . LEU A 1 129 ? 16.832  5.644   11.413  1.00 37.59 ? 128 LEU A CD1 1 
ATOM   995  C  CD2 . LEU A 1 129 ? 15.760  4.364   9.576   1.00 34.00 ? 128 LEU A CD2 1 
ATOM   996  N  N   . SER A 1 130 ? 15.466  0.375   13.286  1.00 33.93 ? 129 SER A N   1 
ATOM   997  C  CA  . SER A 1 130 ? 16.025  -0.765  14.018  1.00 32.12 ? 129 SER A CA  1 
ATOM   998  C  C   . SER A 1 130 ? 15.302  -2.107  13.739  1.00 32.62 ? 129 SER A C   1 
ATOM   999  O  O   . SER A 1 130 ? 15.582  -3.101  14.391  1.00 31.71 ? 129 SER A O   1 
ATOM   1000 C  CB  . SER A 1 130 ? 16.008  -0.439  15.509  1.00 34.86 ? 129 SER A CB  1 
ATOM   1001 O  OG  . SER A 1 130 ? 14.679  -0.237  15.965  1.00 35.62 ? 129 SER A OG  1 
ATOM   1002 N  N   . PHE A 1 131 ? 14.401  -2.155  12.763  1.00 30.85 ? 130 PHE A N   1 
ATOM   1003 C  CA  . PHE A 1 131 ? 13.736  -3.432  12.427  1.00 29.98 ? 130 PHE A CA  1 
ATOM   1004 C  C   . PHE A 1 131 ? 14.685  -4.623  12.179  1.00 29.57 ? 130 PHE A C   1 
ATOM   1005 O  O   . PHE A 1 131 ? 14.436  -5.747  12.639  1.00 29.52 ? 130 PHE A O   1 
ATOM   1006 C  CB  . PHE A 1 131 ? 12.804  -3.273  11.227  1.00 29.54 ? 130 PHE A CB  1 
ATOM   1007 C  CG  . PHE A 1 131 ? 12.075  -4.546  10.882  1.00 24.20 ? 130 PHE A CG  1 
ATOM   1008 C  CD1 . PHE A 1 131 ? 10.896  -4.886  11.532  1.00 26.66 ? 130 PHE A CD1 1 
ATOM   1009 C  CD2 . PHE A 1 131 ? 12.586  -5.430  9.950   1.00 28.80 ? 130 PHE A CD2 1 
ATOM   1010 C  CE1 . PHE A 1 131 ? 10.241  -6.088  11.272  1.00 27.76 ? 130 PHE A CE1 1 
ATOM   1011 C  CE2 . PHE A 1 131 ? 11.920  -6.625  9.665   1.00 25.65 ? 130 PHE A CE2 1 
ATOM   1012 C  CZ  . PHE A 1 131 ? 10.748  -6.954  10.330  1.00 33.47 ? 130 PHE A CZ  1 
ATOM   1013 N  N   . LYS A 1 132 ? 15.762  -4.393  11.437  1.00 32.72 ? 131 LYS A N   1 
ATOM   1014 C  CA  . LYS A 1 132 ? 16.723  -5.467  11.119  1.00 31.95 ? 131 LYS A CA  1 
ATOM   1015 C  C   . LYS A 1 132 ? 17.350  -6.044  12.392  1.00 33.79 ? 131 LYS A C   1 
ATOM   1016 O  O   . LYS A 1 132 ? 17.668  -7.230  12.438  1.00 33.38 ? 131 LYS A O   1 
ATOM   1017 C  CB  . LYS A 1 132 ? 17.836  -4.988  10.149  1.00 34.14 ? 131 LYS A CB  1 
ATOM   1018 C  CG  . LYS A 1 132 ? 18.625  -3.735  10.579  1.00 35.05 ? 131 LYS A CG  1 
ATOM   1019 N  N   . ASP A 1 133 ? 17.489  -5.197  13.416  1.00 33.61 ? 132 ASP A N   1 
ATOM   1020 C  CA  . ASP A 1 133 ? 18.027  -5.581  14.737  1.00 32.73 ? 132 ASP A CA  1 
ATOM   1021 C  C   . ASP A 1 133 ? 16.997  -6.233  15.642  1.00 31.28 ? 132 ASP A C   1 
ATOM   1022 O  O   . ASP A 1 133 ? 17.296  -7.252  16.266  1.00 31.15 ? 132 ASP A O   1 
ATOM   1023 C  CB  . ASP A 1 133 ? 18.593  -4.352  15.466  1.00 31.75 ? 132 ASP A CB  1 
ATOM   1024 C  CG  . ASP A 1 133 ? 19.708  -3.661  14.684  1.00 39.61 ? 132 ASP A CG  1 
ATOM   1025 O  OD1 . ASP A 1 133 ? 20.523  -4.403  14.099  1.00 40.52 ? 132 ASP A OD1 1 
ATOM   1026 O  OD2 . ASP A 1 133 ? 19.771  -2.393  14.661  1.00 38.05 ? 132 ASP A OD2 1 
ATOM   1027 N  N   . ASN A 1 134 ? 15.808  -5.638  15.769  1.00 28.09 ? 133 ASN A N   1 
ATOM   1028 C  CA  . ASN A 1 134 ? 14.845  -6.105  16.777  1.00 30.92 ? 133 ASN A CA  1 
ATOM   1029 C  C   . ASN A 1 134 ? 13.503  -6.641  16.274  1.00 30.18 ? 133 ASN A C   1 
ATOM   1030 O  O   . ASN A 1 134 ? 12.707  -7.165  17.075  1.00 31.01 ? 133 ASN A O   1 
ATOM   1031 C  CB  . ASN A 1 134 ? 14.643  -5.032  17.864  1.00 32.64 ? 133 ASN A CB  1 
ATOM   1032 C  CG  . ASN A 1 134 ? 14.010  -3.757  17.329  1.00 34.86 ? 133 ASN A CG  1 
ATOM   1033 O  OD1 . ASN A 1 134 ? 13.145  -3.790  16.442  1.00 39.30 ? 133 ASN A OD1 1 
ATOM   1034 N  ND2 . ASN A 1 134 ? 14.448  -2.616  17.873  1.00 38.65 ? 133 ASN A ND2 1 
ATOM   1035 N  N   . THR A 1 135 ? 13.248  -6.535  14.980  1.00 28.91 ? 134 THR A N   1 
ATOM   1036 C  CA  . THR A 1 135 ? 12.025  -7.074  14.357  1.00 30.20 ? 134 THR A CA  1 
ATOM   1037 C  C   . THR A 1 135 ? 10.697  -6.585  14.971  1.00 30.60 ? 134 THR A C   1 
ATOM   1038 O  O   . THR A 1 135 ? 9.677   -7.259  14.856  1.00 32.86 ? 134 THR A O   1 
ATOM   1039 C  CB  . THR A 1 135 ? 11.965  -8.636  14.399  1.00 32.87 ? 134 THR A CB  1 
ATOM   1040 O  OG1 . THR A 1 135 ? 13.277  -9.186  14.316  1.00 43.68 ? 134 THR A OG1 1 
ATOM   1041 C  CG2 . THR A 1 135 ? 11.145  -9.170  13.240  1.00 33.88 ? 134 THR A CG2 1 
ATOM   1042 N  N   . GLU A 1 136 ? 10.703  -5.420  15.593  1.00 27.98 ? 135 GLU A N   1 
ATOM   1043 C  CA  . GLU A 1 136 ? 9.496   -4.927  16.237  1.00 26.73 ? 135 GLU A CA  1 
ATOM   1044 C  C   . GLU A 1 136 ? 8.609   -4.262  15.198  1.00 26.35 ? 135 GLU A C   1 
ATOM   1045 O  O   . GLU A 1 136 ? 9.080   -3.619  14.276  1.00 23.88 ? 135 GLU A O   1 
ATOM   1046 C  CB  . GLU A 1 136 ? 9.871   -3.944  17.331  1.00 28.10 ? 135 GLU A CB  1 
ATOM   1047 C  CG  . GLU A 1 136 ? 8.712   -3.507  18.172  1.00 27.88 ? 135 GLU A CG  1 
ATOM   1048 C  CD  . GLU A 1 136 ? 9.135   -2.528  19.230  1.00 29.56 ? 135 GLU A CD  1 
ATOM   1049 O  OE1 . GLU A 1 136 ? 9.584   -2.977  20.303  1.00 32.03 ? 135 GLU A OE1 1 
ATOM   1050 O  OE2 . GLU A 1 136 ? 9.031   -1.309  18.963  1.00 34.43 ? 135 GLU A OE2 1 
ATOM   1051 N  N   . LYS A 1 137 ? 7.310   -4.479  15.318  1.00 22.53 ? 136 LYS A N   1 
ATOM   1052 C  CA  . LYS A 1 137 ? 6.314   -3.915  14.423  1.00 21.65 ? 136 LYS A CA  1 
ATOM   1053 C  C   . LYS A 1 137 ? 5.293   -3.173  15.277  1.00 22.79 ? 136 LYS A C   1 
ATOM   1054 O  O   . LYS A 1 137 ? 5.012   -3.558  16.410  1.00 24.36 ? 136 LYS A O   1 
ATOM   1055 C  CB  . LYS A 1 137 ? 5.597   -5.035  13.640  1.00 22.88 ? 136 LYS A CB  1 
ATOM   1056 C  CG  . LYS A 1 137 ? 6.526   -5.907  12.800  1.00 24.12 ? 136 LYS A CG  1 
ATOM   1057 C  CD  . LYS A 1 137 ? 5.861   -7.215  12.439  1.00 26.00 ? 136 LYS A CD  1 
ATOM   1058 C  CE  . LYS A 1 137 ? 6.773   -8.123  11.648  1.00 28.58 ? 136 LYS A CE  1 
ATOM   1059 N  NZ  . LYS A 1 137 ? 6.092   -9.453  11.410  1.00 31.25 ? 136 LYS A NZ  1 
ATOM   1060 N  N   . LYS A 1 138 ? 4.720   -2.114  14.733  1.00 24.95 ? 137 LYS A N   1 
ATOM   1061 C  CA  . LYS A 1 138 ? 3.570   -1.469  15.345  1.00 25.27 ? 137 LYS A CA  1 
ATOM   1062 C  C   . LYS A 1 138 ? 2.382   -1.559  14.429  1.00 22.58 ? 137 LYS A C   1 
ATOM   1063 O  O   . LYS A 1 138 ? 2.469   -1.196  13.268  1.00 24.38 ? 137 LYS A O   1 
ATOM   1064 C  CB  . LYS A 1 138 ? 3.900   -0.021  15.604  1.00 24.94 ? 137 LYS A CB  1 
ATOM   1065 C  CG  . LYS A 1 138 ? 2.805   0.764   16.258  1.00 25.26 ? 137 LYS A CG  1 
ATOM   1066 C  CD  . LYS A 1 138 ? 3.350   2.088   16.836  1.00 31.32 ? 137 LYS A CD  1 
ATOM   1067 C  CE  . LYS A 1 138 ? 3.239   3.223   15.841  1.00 45.63 ? 137 LYS A CE  1 
ATOM   1068 N  NZ  . LYS A 1 138 ? 3.651   4.535   16.438  1.00 48.44 ? 137 LYS A NZ  1 
ATOM   1069 N  N   . VAL A 1 139 ? 1.256   -2.051  14.937  1.00 24.25 ? 138 VAL A N   1 
ATOM   1070 C  CA  . VAL A 1 139 ? 0.057   -2.118  14.111  1.00 24.84 ? 138 VAL A CA  1 
ATOM   1071 C  C   . VAL A 1 139 ? -0.563  -0.734  14.027  1.00 25.44 ? 138 VAL A C   1 
ATOM   1072 O  O   . VAL A 1 139 ? -0.859  -0.127  15.051  1.00 24.89 ? 138 VAL A O   1 
ATOM   1073 C  CB  . VAL A 1 139 ? -0.969  -3.117  14.631  1.00 27.23 ? 138 VAL A CB  1 
ATOM   1074 C  CG1 . VAL A 1 139 ? -2.198  -3.181  13.695  1.00 25.36 ? 138 VAL A CG1 1 
ATOM   1075 C  CG2 . VAL A 1 139 ? -0.307  -4.479  14.805  1.00 31.22 ? 138 VAL A CG2 1 
ATOM   1076 N  N   . VAL A 1 140 ? -0.790  -0.265  12.796  1.00 25.25 ? 139 VAL A N   1 
ATOM   1077 C  CA  . VAL A 1 140 ? -1.287  1.090   12.596  1.00 27.87 ? 139 VAL A CA  1 
ATOM   1078 C  C   . VAL A 1 140 ? -2.603  1.164   11.825  1.00 27.44 ? 139 VAL A C   1 
ATOM   1079 O  O   . VAL A 1 140 ? -3.248  2.234   11.812  1.00 28.84 ? 139 VAL A O   1 
ATOM   1080 C  CB  . VAL A 1 140 ? -0.230  2.021   11.955  1.00 27.27 ? 139 VAL A CB  1 
ATOM   1081 C  CG1 . VAL A 1 140 ? 0.978   2.226   12.901  1.00 27.25 ? 139 VAL A CG1 1 
ATOM   1082 C  CG2 . VAL A 1 140 ? 0.148   1.514   10.539  1.00 24.39 ? 139 VAL A CG2 1 
ATOM   1083 N  N   . ALA A 1 141 ? -3.035  0.054   11.227  1.00 25.76 ? 140 ALA A N   1 
ATOM   1084 C  CA  . ALA A 1 141 ? -4.342  -0.009  10.563  1.00 26.05 ? 140 ALA A CA  1 
ATOM   1085 C  C   . ALA A 1 141 ? -4.777  -1.459  10.476  1.00 25.80 ? 140 ALA A C   1 
ATOM   1086 O  O   . ALA A 1 141 ? -3.926  -2.351  10.417  1.00 27.82 ? 140 ALA A O   1 
ATOM   1087 C  CB  . ALA A 1 141 ? -4.275  0.582   9.162   1.00 25.51 ? 140 ALA A CB  1 
ATOM   1088 N  N   . ASN A 1 142 ? -6.099  -1.685  10.417  1.00 26.87 ? 141 ASN A N   1 
ATOM   1089 C  CA  . ASN A 1 142 ? -6.694  -3.016  10.414  1.00 25.91 ? 141 ASN A CA  1 
ATOM   1090 C  C   . ASN A 1 142 ? -6.629  -3.790  9.074   1.00 24.92 ? 141 ASN A C   1 
ATOM   1091 O  O   . ASN A 1 142 ? -6.818  -5.019  9.047   1.00 25.16 ? 141 ASN A O   1 
ATOM   1092 C  CB  . ASN A 1 142 ? -8.151  -2.905  10.868  1.00 26.16 ? 141 ASN A CB  1 
ATOM   1093 C  CG  . ASN A 1 142 ? -8.843  -4.264  11.056  1.00 24.86 ? 141 ASN A CG  1 
ATOM   1094 O  OD1 . ASN A 1 142 ? -8.429  -5.093  11.881  1.00 25.48 ? 141 ASN A OD1 1 
ATOM   1095 N  ND2 . ASN A 1 142 ? -9.946  -4.473  10.349  1.00 31.44 ? 141 ASN A ND2 1 
ATOM   1096 N  N   . SER A 1 143 ? -6.384  -3.064  7.983   1.00 24.07 ? 142 SER A N   1 
ATOM   1097 C  CA  . SER A 1 143 ? -6.309  -3.598  6.607   1.00 24.32 ? 142 SER A CA  1 
ATOM   1098 C  C   . SER A 1 143 ? -5.747  -2.525  5.694   1.00 25.89 ? 142 SER A C   1 
ATOM   1099 O  O   . SER A 1 143 ? -5.660  -1.328  6.092   1.00 24.04 ? 142 SER A O   1 
ATOM   1100 C  CB  . SER A 1 143 ? -7.699  -4.016  6.082   1.00 26.36 ? 142 SER A CB  1 
ATOM   1101 O  OG  . SER A 1 143 ? -8.515  -2.848  5.936   1.00 28.59 ? 142 SER A OG  1 
ATOM   1102 N  N   . PHE A 1 144 ? -5.292  -2.923  4.505   1.00 26.01 ? 143 PHE A N   1 
ATOM   1103 C  CA  . PHE A 1 144 ? -4.835  -1.960  3.498   1.00 25.88 ? 143 PHE A CA  1 
ATOM   1104 C  C   . PHE A 1 144 ? -5.969  -0.951  3.181   1.00 23.92 ? 143 PHE A C   1 
ATOM   1105 O  O   . PHE A 1 144 ? -5.760  0.272   3.213   1.00 26.43 ? 143 PHE A O   1 
ATOM   1106 C  CB  . PHE A 1 144 ? -4.395  -2.634  2.187   1.00 25.06 ? 143 PHE A CB  1 
ATOM   1107 C  CG  . PHE A 1 144 ? -4.037  -1.629  1.127   1.00 25.25 ? 143 PHE A CG  1 
ATOM   1108 C  CD1 . PHE A 1 144 ? -2.799  -1.006  1.182   1.00 24.18 ? 143 PHE A CD1 1 
ATOM   1109 C  CD2 . PHE A 1 144 ? -4.973  -1.167  0.220   1.00 23.28 ? 143 PHE A CD2 1 
ATOM   1110 C  CE1 . PHE A 1 144 ? -2.453  -0.025  0.263   1.00 31.25 ? 143 PHE A CE1 1 
ATOM   1111 C  CE2 . PHE A 1 144 ? -4.665  -0.250  -0.697  1.00 25.29 ? 143 PHE A CE2 1 
ATOM   1112 C  CZ  . PHE A 1 144 ? -3.380  0.384   -0.652  1.00 28.62 ? 143 PHE A CZ  1 
ATOM   1113 N  N   . GLY A 1 145 ? -7.170  -1.472  2.900   1.00 25.21 ? 144 GLY A N   1 
ATOM   1114 C  CA  . GLY A 1 145 ? -8.314  -0.622  2.536   1.00 26.55 ? 144 GLY A CA  1 
ATOM   1115 C  C   . GLY A 1 145 ? -8.577  0.448   3.579   1.00 28.67 ? 144 GLY A C   1 
ATOM   1116 O  O   . GLY A 1 145 ? -8.723  1.616   3.277   1.00 26.65 ? 144 GLY A O   1 
ATOM   1117 N  N   . GLU A 1 146 ? -8.608  0.030   4.839   1.00 29.67 ? 145 GLU A N   1 
ATOM   1118 C  CA  . GLU A 1 146 ? -8.909  0.943   5.919   1.00 27.66 ? 145 GLU A CA  1 
ATOM   1119 C  C   . GLU A 1 146 ? -7.820  1.969   6.097   1.00 26.28 ? 145 GLU A C   1 
ATOM   1120 O  O   . GLU A 1 146 ? -8.111  3.110   6.417   1.00 29.30 ? 145 GLU A O   1 
ATOM   1121 C  CB  . GLU A 1 146 ? -9.216  0.148   7.212   1.00 26.56 ? 145 GLU A CB  1 
ATOM   1122 C  CG  . GLU A 1 146 ? -10.463 -0.664  7.077   1.00 30.11 ? 145 GLU A CG  1 
ATOM   1123 C  CD  . GLU A 1 146 ? -10.665 -1.652  8.210   1.00 28.62 ? 145 GLU A CD  1 
ATOM   1124 O  OE1 . GLU A 1 146 ? -10.089 -2.758  8.163   1.00 27.94 ? 145 GLU A OE1 1 
ATOM   1125 O  OE2 . GLU A 1 146 ? -11.413 -1.314  9.154   1.00 31.16 ? 145 GLU A OE2 1 
ATOM   1126 N  N   . PHE A 1 147 ? -6.559  1.565   5.924   1.00 25.10 ? 146 PHE A N   1 
ATOM   1127 C  CA  . PHE A 1 147 ? -5.437  2.477   5.995   1.00 25.27 ? 146 PHE A CA  1 
ATOM   1128 C  C   . PHE A 1 147 ? -5.552  3.572   4.924   1.00 25.53 ? 146 PHE A C   1 
ATOM   1129 O  O   . PHE A 1 147 ? -5.341  4.770   5.205   1.00 26.07 ? 146 PHE A O   1 
ATOM   1130 C  CB  . PHE A 1 147 ? -4.117  1.691   5.840   1.00 27.31 ? 146 PHE A CB  1 
ATOM   1131 C  CG  . PHE A 1 147 ? -2.865  2.491   6.032   1.00 27.84 ? 146 PHE A CG  1 
ATOM   1132 C  CD1 . PHE A 1 147 ? -2.661  3.233   7.154   1.00 29.27 ? 146 PHE A CD1 1 
ATOM   1133 C  CD2 . PHE A 1 147 ? -1.847  2.394   5.094   1.00 28.43 ? 146 PHE A CD2 1 
ATOM   1134 C  CE1 . PHE A 1 147 ? -1.455  3.928   7.321   1.00 28.89 ? 146 PHE A CE1 1 
ATOM   1135 C  CE2 . PHE A 1 147 ? -0.674  3.087   5.247   1.00 27.89 ? 146 PHE A CE2 1 
ATOM   1136 C  CZ  . PHE A 1 147 ? -0.493  3.834   6.351   1.00 25.71 ? 146 PHE A CZ  1 
ATOM   1137 N  N   . LEU A 1 148 ? -5.842  3.167   3.701   1.00 28.26 ? 147 LEU A N   1 
ATOM   1138 C  CA  . LEU A 1 148 ? -5.888  4.129   2.613   1.00 26.98 ? 147 LEU A CA  1 
ATOM   1139 C  C   . LEU A 1 148 ? -7.062  5.091   2.854   1.00 26.22 ? 147 LEU A C   1 
ATOM   1140 O  O   . LEU A 1 148 ? -6.900  6.276   2.774   1.00 27.49 ? 147 LEU A O   1 
ATOM   1141 C  CB  . LEU A 1 148 ? -5.995  3.434   1.269   1.00 26.48 ? 147 LEU A CB  1 
ATOM   1142 C  CG  . LEU A 1 148 ? -6.236  4.350   0.049   1.00 26.09 ? 147 LEU A CG  1 
ATOM   1143 C  CD1 . LEU A 1 148 ? -5.041  5.241   -0.182  1.00 29.02 ? 147 LEU A CD1 1 
ATOM   1144 C  CD2 . LEU A 1 148 ? -6.593  3.554   -1.193  1.00 27.24 ? 147 LEU A CD2 1 
ATOM   1145 N  N   . LEU A 1 149 ? -8.237  4.550   3.167   1.00 26.26 ? 148 LEU A N   1 
ATOM   1146 C  CA  . LEU A 1 149 ? -9.371  5.415   3.461   1.00 27.65 ? 148 LEU A CA  1 
ATOM   1147 C  C   . LEU A 1 149 ? -9.044  6.420   4.588   1.00 27.45 ? 148 LEU A C   1 
ATOM   1148 O  O   . LEU A 1 149 ? -9.424  7.604   4.495   1.00 29.55 ? 148 LEU A O   1 
ATOM   1149 C  CB  . LEU A 1 149 ? -10.596 4.643   3.797   1.00 28.78 ? 148 LEU A CB  1 
ATOM   1150 C  CG  . LEU A 1 149 ? -11.220 3.936   2.593   1.00 30.30 ? 148 LEU A CG  1 
ATOM   1151 C  CD1 . LEU A 1 149 ? -12.258 2.870   2.961   1.00 30.69 ? 148 LEU A CD1 1 
ATOM   1152 C  CD2 . LEU A 1 149 ? -11.815 5.015   1.654   1.00 27.28 ? 148 LEU A CD2 1 
ATOM   1153 N  N   A GLU A 1 150 ? -8.395  5.960   5.656   0.50 25.62 ? 149 GLU A N   1 
ATOM   1154 N  N   B GLU A 1 150 ? -8.391  5.960   5.655   0.50 27.40 ? 149 GLU A N   1 
ATOM   1155 C  CA  A GLU A 1 150 ? -8.018  6.878   6.743   0.50 27.26 ? 149 GLU A CA  1 
ATOM   1156 C  CA  B GLU A 1 150 ? -7.994  6.871   6.748   0.50 30.04 ? 149 GLU A CA  1 
ATOM   1157 C  C   A GLU A 1 150 ? -7.152  8.027   6.251   0.50 27.96 ? 149 GLU A C   1 
ATOM   1158 C  C   B GLU A 1 150 ? -7.156  8.031   6.240   0.50 29.21 ? 149 GLU A C   1 
ATOM   1159 O  O   A GLU A 1 150 ? -7.354  9.178   6.650   0.50 25.33 ? 149 GLU A O   1 
ATOM   1160 O  O   B GLU A 1 150 ? -7.377  9.185   6.623   0.50 26.78 ? 149 GLU A O   1 
ATOM   1161 C  CB  A GLU A 1 150 ? -7.308  6.132   7.893   0.50 27.85 ? 149 GLU A CB  1 
ATOM   1162 C  CB  B GLU A 1 150 ? -7.248  6.113   7.872   0.50 31.20 ? 149 GLU A CB  1 
ATOM   1163 C  CG  A GLU A 1 150 ? -8.213  5.201   8.696   0.50 23.27 ? 149 GLU A CG  1 
ATOM   1164 C  CG  B GLU A 1 150 ? -6.204  6.932   8.657   0.50 35.66 ? 149 GLU A CG  1 
ATOM   1165 C  CD  A GLU A 1 150 ? -7.450  4.114   9.473   0.50 29.09 ? 149 GLU A CD  1 
ATOM   1166 C  CD  B GLU A 1 150 ? -5.478  6.107   9.722   0.50 35.47 ? 149 GLU A CD  1 
ATOM   1167 O  OE1 A GLU A 1 150 ? -6.235  4.270   9.744   0.50 37.38 ? 149 GLU A OE1 1 
ATOM   1168 O  OE1 B GLU A 1 150 ? -6.134  5.770   10.734  0.50 38.79 ? 149 GLU A OE1 1 
ATOM   1169 O  OE2 A GLU A 1 150 ? -8.084  3.089   9.810   0.50 32.61 ? 149 GLU A OE2 1 
ATOM   1170 O  OE2 B GLU A 1 150 ? -4.265  5.823   9.549   0.50 28.21 ? 149 GLU A OE2 1 
ATOM   1171 N  N   . GLU A 1 151 ? -6.213  7.736   5.361   1.00 28.71 ? 150 GLU A N   1 
ATOM   1172 C  CA  A GLU A 1 151 ? -5.277  8.759   4.897   0.50 30.25 ? 150 GLU A CA  1 
ATOM   1173 C  CA  B GLU A 1 151 ? -5.278  8.761   4.879   0.50 28.82 ? 150 GLU A CA  1 
ATOM   1174 C  C   . GLU A 1 151 ? -5.951  9.722   3.902   1.00 27.03 ? 150 GLU A C   1 
ATOM   1175 O  O   . GLU A 1 151 ? -5.672  10.900  3.924   1.00 29.51 ? 150 GLU A O   1 
ATOM   1176 C  CB  A GLU A 1 151 ? -4.040  8.091   4.285   0.50 33.12 ? 150 GLU A CB  1 
ATOM   1177 C  CB  B GLU A 1 151 ? -4.065  8.099   4.224   0.50 30.60 ? 150 GLU A CB  1 
ATOM   1178 C  CG  A GLU A 1 151 ? -2.702  8.513   4.930   0.50 40.86 ? 150 GLU A CG  1 
ATOM   1179 C  CG  B GLU A 1 151 ? -3.186  7.325   5.230   0.50 26.17 ? 150 GLU A CG  1 
ATOM   1180 C  CD  A GLU A 1 151 ? -2.624  8.279   6.465   0.50 44.40 ? 150 GLU A CD  1 
ATOM   1181 C  CD  B GLU A 1 151 ? -2.064  8.139   5.871   0.50 34.35 ? 150 GLU A CD  1 
ATOM   1182 O  OE1 A GLU A 1 151 ? -3.104  7.242   6.998   0.50 44.37 ? 150 GLU A OE1 1 
ATOM   1183 O  OE1 B GLU A 1 151 ? -1.300  7.505   6.618   0.50 42.11 ? 150 GLU A OE1 1 
ATOM   1184 O  OE2 A GLU A 1 151 ? -2.068  9.164   7.144   0.50 47.82 ? 150 GLU A OE2 1 
ATOM   1185 O  OE2 B GLU A 1 151 ? -1.936  9.371   5.628   0.50 25.61 ? 150 GLU A OE2 1 
ATOM   1186 N  N   . ILE A 1 152 ? -6.833  9.210   3.048   1.00 28.01 ? 151 ILE A N   1 
ATOM   1187 C  CA  . ILE A 1 152 ? -7.639  10.044  2.125   1.00 28.33 ? 151 ILE A CA  1 
ATOM   1188 C  C   . ILE A 1 152 ? -8.577  10.931  2.987   1.00 31.69 ? 151 ILE A C   1 
ATOM   1189 O  O   . ILE A 1 152 ? -8.710  12.123  2.720   1.00 28.34 ? 151 ILE A O   1 
ATOM   1190 C  CB  . ILE A 1 152 ? -8.472  9.203   1.110   1.00 27.74 ? 151 ILE A CB  1 
ATOM   1191 C  CG1 . ILE A 1 152 ? -7.593  8.418   0.118   1.00 22.53 ? 151 ILE A CG1 1 
ATOM   1192 C  CG2 . ILE A 1 152 ? -9.447  10.138  0.302   1.00 29.28 ? 151 ILE A CG2 1 
ATOM   1193 C  CD1 . ILE A 1 152 ? -8.413  7.382   -0.722  1.00 28.20 ? 151 ILE A CD1 1 
ATOM   1194 N  N   . GLU A 1 153 ? -9.240  10.362  4.006   1.00 30.90 ? 152 GLU A N   1 
ATOM   1195 C  CA  . GLU A 1 153 ? -10.085 11.177  4.910   1.00 29.91 ? 152 GLU A CA  1 
ATOM   1196 C  C   . GLU A 1 153 ? -9.302  12.312  5.505   1.00 30.38 ? 152 GLU A C   1 
ATOM   1197 O  O   . GLU A 1 153 ? -9.806  13.414  5.620   1.00 31.18 ? 152 GLU A O   1 
ATOM   1198 C  CB  . GLU A 1 153 ? -10.626 10.377  6.089   1.00 31.35 ? 152 GLU A CB  1 
ATOM   1199 C  CG  . GLU A 1 153 ? -11.697 9.392   5.717   1.00 35.67 ? 152 GLU A CG  1 
ATOM   1200 C  CD  . GLU A 1 153 ? -13.080 10.005  5.635   1.00 49.45 ? 152 GLU A CD  1 
ATOM   1201 O  OE1 . GLU A 1 153 ? -13.209 11.253  5.704   1.00 55.17 ? 152 GLU A OE1 1 
ATOM   1202 O  OE2 . GLU A 1 153 ? -14.044 9.218   5.477   1.00 45.20 ? 152 GLU A OE2 1 
ATOM   1203 N  N   . LEU A 1 154 ? -8.080  12.029  5.934   1.00 30.23 ? 153 LEU A N   1 
ATOM   1204 C  CA  . LEU A 1 154 ? -7.236  13.071  6.521   1.00 30.22 ? 153 LEU A CA  1 
ATOM   1205 C  C   . LEU A 1 154 ? -6.980  14.222  5.546   1.00 34.45 ? 153 LEU A C   1 
ATOM   1206 O  O   . LEU A 1 154 ? -6.987  15.384  5.955   1.00 36.32 ? 153 LEU A O   1 
ATOM   1207 C  CB  . LEU A 1 154 ? -5.891  12.509  6.980   1.00 28.43 ? 153 LEU A CB  1 
ATOM   1208 C  CG  . LEU A 1 154 ? -5.746  11.756  8.292   1.00 42.71 ? 153 LEU A CG  1 
ATOM   1209 C  CD1 . LEU A 1 154 ? -4.261  11.399  8.469   1.00 44.70 ? 153 LEU A CD1 1 
ATOM   1210 C  CD2 . LEU A 1 154 ? -6.259  12.583  9.485   1.00 46.06 ? 153 LEU A CD2 1 
ATOM   1211 N  N   . SER A 1 155 ? -6.714  13.884  4.289   1.00 36.18 ? 154 SER A N   1 
ATOM   1212 C  CA  . SER A 1 155 ? -6.563  14.871  3.217   1.00 34.24 ? 154 SER A CA  1 
ATOM   1213 C  C   . SER A 1 155 ? -7.793  15.756  3.030   1.00 38.54 ? 154 SER A C   1 
ATOM   1214 O  O   . SER A 1 155 ? -7.652  16.898  2.615   1.00 42.18 ? 154 SER A O   1 
ATOM   1215 C  CB  . SER A 1 155 ? -6.231  14.202  1.865   1.00 33.02 ? 154 SER A CB  1 
ATOM   1216 O  OG  . SER A 1 155 ? -7.383  13.645  1.222   1.00 37.27 ? 154 SER A OG  1 
ATOM   1217 N  N   . LEU A 1 156 ? -8.989  15.224  3.291   1.00 38.05 ? 155 LEU A N   1 
ATOM   1218 C  CA  . LEU A 1 156 ? -10.232 15.997  3.149   1.00 42.71 ? 155 LEU A CA  1 
ATOM   1219 C  C   . LEU A 1 156 ? -10.417 17.035  4.263   1.00 44.55 ? 155 LEU A C   1 
ATOM   1220 O  O   . LEU A 1 156 ? -11.251 17.909  4.116   1.00 43.53 ? 155 LEU A O   1 
ATOM   1221 C  CB  . LEU A 1 156 ? -11.469 15.073  3.078   1.00 39.59 ? 155 LEU A CB  1 
ATOM   1222 C  CG  . LEU A 1 156 ? -11.741 14.313  1.764   1.00 41.30 ? 155 LEU A CG  1 
ATOM   1223 C  CD1 . LEU A 1 156 ? -12.733 13.176  1.987   1.00 42.87 ? 155 LEU A CD1 1 
ATOM   1224 C  CD2 . LEU A 1 156 ? -12.295 15.224  0.691   1.00 33.35 ? 155 LEU A CD2 1 
ATOM   1225 N  N   . THR A 1 157 ? -9.676  16.918  5.372   1.00 45.89 ? 156 THR A N   1 
ATOM   1226 C  CA  . THR A 1 157 ? -9.726  17.898  6.480   1.00 49.37 ? 156 THR A CA  1 
ATOM   1227 C  C   . THR A 1 157 ? -8.452  18.752  6.579   1.00 53.43 ? 156 THR A C   1 
ATOM   1228 O  O   . THR A 1 157 ? -8.530  19.953  6.888   1.00 54.15 ? 156 THR A O   1 
ATOM   1229 C  CB  . THR A 1 157 ? -9.936  17.200  7.822   1.00 50.23 ? 156 THR A CB  1 
ATOM   1230 O  OG1 . THR A 1 157 ? -8.869  16.263  8.067   1.00 42.98 ? 156 THR A OG1 1 
ATOM   1231 C  CG2 . THR A 1 157 ? -11.268 16.440  7.813   1.00 55.47 ? 156 THR A CG2 1 
ATOM   1232 N  N   . ASP A 1 158 ? -7.290  18.146  6.311   1.00 56.33 ? 157 ASP A N   1 
ATOM   1233 C  CA  . ASP A 1 158 ? -5.981  18.815  6.473   1.00 57.44 ? 157 ASP A CA  1 
ATOM   1234 C  C   . ASP A 1 158 ? -5.384  19.216  5.134   1.00 60.55 ? 157 ASP A C   1 
ATOM   1235 O  O   . ASP A 1 158 ? -5.566  18.527  4.125   1.00 61.27 ? 157 ASP A O   1 
ATOM   1236 C  CB  . ASP A 1 158 ? -4.987  17.902  7.204   1.00 58.96 ? 157 ASP A CB  1 
ATOM   1237 C  CG  . ASP A 1 158 ? -5.435  17.563  8.621   1.00 64.89 ? 157 ASP A CG  1 
ATOM   1238 O  OD1 . ASP A 1 158 ? -5.669  18.506  9.406   1.00 74.03 ? 157 ASP A OD1 1 
ATOM   1239 O  OD2 . ASP A 1 158 ? -5.541  16.357  8.953   1.00 72.96 ? 157 ASP A OD2 1 
ATOM   1240 N  N   . LEU A 1 159 ? -4.635  20.319  5.155   1.00 63.42 ? 158 LEU A N   1 
ATOM   1241 C  CA  . LEU A 1 159 ? -4.077  20.940  3.945   1.00 64.79 ? 158 LEU A CA  1 
ATOM   1242 C  C   . LEU A 1 159 ? -2.836  20.179  3.440   1.00 64.39 ? 158 LEU A C   1 
ATOM   1243 O  O   . LEU A 1 159 ? -1.931  19.843  4.213   1.00 62.91 ? 158 LEU A O   1 
ATOM   1244 C  CB  . LEU A 1 159 ? -3.749  22.422  4.225   1.00 64.98 ? 158 LEU A CB  1 
ATOM   1245 C  CG  . LEU A 1 159 ? -3.692  23.440  3.081   1.00 64.96 ? 158 LEU A CG  1 
ATOM   1246 C  CD1 . LEU A 1 159 ? -4.994  23.476  2.271   1.00 70.37 ? 158 LEU A CD1 1 
ATOM   1247 C  CD2 . LEU A 1 159 ? -3.390  24.820  3.659   1.00 66.01 ? 158 LEU A CD2 1 
HETATM 1248 CL CL  . CL  B 2 .   ? 3.986   5.416   -11.996 1.00 59.28 ? 160 CL  A CL  1 
HETATM 1249 S  S   . SO4 C 3 .   ? 11.369  4.711   -13.326 1.00 76.88 ? 161 SO4 A S   1 
HETATM 1250 O  O1  . SO4 C 3 .   ? 10.315  3.703   -13.190 1.00 63.46 ? 161 SO4 A O1  1 
HETATM 1251 O  O2  . SO4 C 3 .   ? 12.057  4.566   -14.604 1.00 79.06 ? 161 SO4 A O2  1 
HETATM 1252 O  O3  . SO4 C 3 .   ? 12.387  4.629   -12.277 1.00 74.19 ? 161 SO4 A O3  1 
HETATM 1253 O  O4  . SO4 C 3 .   ? 10.741  6.027   -13.275 1.00 76.05 ? 161 SO4 A O4  1 
HETATM 1254 O  O   . HOH D 4 .   ? -5.003  -5.640  4.042   1.00 21.03 ? 162 HOH A O   1 
HETATM 1255 O  O   . HOH D 4 .   ? -11.753 7.520   -8.181  1.00 22.72 ? 163 HOH A O   1 
HETATM 1256 O  O   . HOH D 4 .   ? -11.291 -8.954  2.137   1.00 24.42 ? 164 HOH A O   1 
HETATM 1257 O  O   . HOH D 4 .   ? -7.722  0.575   10.745  1.00 24.72 ? 165 HOH A O   1 
HETATM 1258 O  O   . HOH D 4 .   ? -6.051  -4.873  14.066  1.00 33.43 ? 166 HOH A O   1 
HETATM 1259 O  O   . HOH D 4 .   ? -4.669  0.487   -12.269 1.00 33.35 ? 167 HOH A O   1 
HETATM 1260 O  O   . HOH D 4 .   ? -14.330 18.045  -6.100  1.00 24.86 ? 168 HOH A O   1 
HETATM 1261 O  O   . HOH D 4 .   ? -2.398  -11.619 2.132   1.00 29.30 ? 169 HOH A O   1 
HETATM 1262 O  O   . HOH D 4 .   ? -8.259  -7.199  8.706   1.00 24.45 ? 170 HOH A O   1 
HETATM 1263 O  O   . HOH D 4 .   ? -13.302 15.710  -8.373  0.33 26.44 ? 171 HOH A O   1 
HETATM 1264 O  O   . HOH D 4 .   ? 6.692   -1.854  7.726   1.00 24.10 ? 172 HOH A O   1 
HETATM 1265 O  O   . HOH D 4 .   ? -12.628 3.365   -6.583  1.00 24.16 ? 173 HOH A O   1 
HETATM 1266 O  O   . HOH D 4 .   ? -3.696  10.523  -12.177 1.00 26.40 ? 174 HOH A O   1 
HETATM 1267 O  O   . HOH D 4 .   ? 10.319  -1.310  13.840  1.00 29.85 ? 175 HOH A O   1 
HETATM 1268 O  O   . HOH D 4 .   ? 3.846   8.936   1.690   1.00 41.69 ? 176 HOH A O   1 
HETATM 1269 O  O   . HOH D 4 .   ? 1.368   -14.769 1.320   1.00 31.17 ? 177 HOH A O   1 
HETATM 1270 O  O   . HOH D 4 .   ? -10.232 -11.442 10.725  1.00 31.37 ? 178 HOH A O   1 
HETATM 1271 O  O   . HOH D 4 .   ? 5.973   -4.941  -16.763 1.00 33.97 ? 179 HOH A O   1 
HETATM 1272 O  O   . HOH D 4 .   ? -19.061 11.699  -3.740  1.00 30.43 ? 180 HOH A O   1 
HETATM 1273 O  O   . HOH D 4 .   ? 0.994   14.511  -5.012  1.00 29.43 ? 181 HOH A O   1 
HETATM 1274 O  O   . HOH D 4 .   ? 7.719   0.343   14.859  1.00 30.35 ? 182 HOH A O   1 
HETATM 1275 O  O   . HOH D 4 .   ? 8.623   -3.492  -10.799 1.00 26.74 ? 183 HOH A O   1 
HETATM 1276 O  O   . HOH D 4 .   ? 5.165   6.816   0.554   1.00 25.96 ? 184 HOH A O   1 
HETATM 1277 O  O   . HOH D 4 .   ? -3.522  19.118  -5.778  1.00 34.33 ? 185 HOH A O   1 
HETATM 1278 O  O   . HOH D 4 .   ? 0.937   7.423   -8.062  1.00 28.08 ? 186 HOH A O   1 
HETATM 1279 O  O   . HOH D 4 .   ? -17.037 -0.949  -3.905  1.00 27.88 ? 187 HOH A O   1 
HETATM 1280 O  O   . HOH D 4 .   ? 11.688  -0.665  8.903   1.00 26.87 ? 188 HOH A O   1 
HETATM 1281 O  O   . HOH D 4 .   ? 7.000   3.637   -13.648 1.00 42.77 ? 189 HOH A O   1 
HETATM 1282 O  O   . HOH D 4 .   ? 14.513  -8.887  -2.349  1.00 37.08 ? 190 HOH A O   1 
HETATM 1283 O  O   . HOH D 4 .   ? -14.754 -2.686  -3.300  1.00 28.38 ? 191 HOH A O   1 
HETATM 1284 O  O   . HOH D 4 .   ? -0.222  -13.288 -15.278 1.00 43.16 ? 192 HOH A O   1 
HETATM 1285 O  O   . HOH D 4 .   ? 7.886   -13.835 0.063   1.00 38.65 ? 193 HOH A O   1 
HETATM 1286 O  O   . HOH D 4 .   ? 9.506   9.796   9.984   1.00 45.20 ? 194 HOH A O   1 
HETATM 1287 O  O   . HOH D 4 .   ? -10.965 3.366   7.222   1.00 35.31 ? 195 HOH A O   1 
HETATM 1288 O  O   . HOH D 4 .   ? -8.586  9.670   8.968   1.00 35.43 ? 196 HOH A O   1 
HETATM 1289 O  O   . HOH D 4 .   ? -16.890 -6.058  6.755   1.00 42.20 ? 197 HOH A O   1 
HETATM 1290 O  O   . HOH D 4 .   ? 0.623   7.021   8.079   1.00 42.59 ? 198 HOH A O   1 
HETATM 1291 O  O   . HOH D 4 .   ? -8.355  21.976  -6.319  0.33 28.07 ? 199 HOH A O   1 
HETATM 1292 O  O   . HOH D 4 .   ? 12.429  7.312   3.569   0.50 34.89 ? 200 HOH A O   1 
HETATM 1293 O  O   . HOH D 4 .   ? 13.079  -4.705  -7.863  1.00 39.57 ? 201 HOH A O   1 
HETATM 1294 O  O   . HOH D 4 .   ? 14.872  -8.966  4.584   1.00 36.11 ? 202 HOH A O   1 
HETATM 1295 O  O   . HOH D 4 .   ? -16.324 10.420  5.099   1.00 41.37 ? 203 HOH A O   1 
HETATM 1296 O  O   . HOH D 4 .   ? -14.249 6.845   4.607   1.00 44.17 ? 204 HOH A O   1 
HETATM 1297 O  O   . HOH D 4 .   ? -9.062  -12.045 -3.141  1.00 37.76 ? 205 HOH A O   1 
HETATM 1298 O  O   . HOH D 4 .   ? -5.782  -2.661  14.613  1.00 38.27 ? 206 HOH A O   1 
HETATM 1299 O  O   . HOH D 4 .   ? -0.967  11.970  -12.700 1.00 36.80 ? 207 HOH A O   1 
HETATM 1300 O  O   . HOH D 4 .   ? -0.128  5.853   10.412  1.00 35.19 ? 208 HOH A O   1 
HETATM 1301 O  O   . HOH D 4 .   ? 7.906   2.930   14.723  1.00 40.58 ? 209 HOH A O   1 
HETATM 1302 O  O   . HOH D 4 .   ? -12.734 -8.614  4.097   1.00 42.89 ? 210 HOH A O   1 
HETATM 1303 O  O   . HOH D 4 .   ? -4.569  20.053  -7.833  1.00 43.46 ? 211 HOH A O   1 
HETATM 1304 O  O   . HOH D 4 .   ? -1.851  -13.232 4.527   1.00 39.91 ? 212 HOH A O   1 
HETATM 1305 O  O   . HOH D 4 .   ? 11.162  -10.958 -4.827  1.00 36.26 ? 213 HOH A O   1 
HETATM 1306 O  O   . HOH D 4 .   ? -19.680 -0.841  -3.438  1.00 40.48 ? 214 HOH A O   1 
HETATM 1307 O  O   . HOH D 4 .   ? -14.974 -0.016  2.690   1.00 35.95 ? 215 HOH A O   1 
HETATM 1308 O  O   . HOH D 4 .   ? 11.091  -4.248  -10.144 1.00 41.62 ? 216 HOH A O   1 
HETATM 1309 O  O   . HOH D 4 .   ? 7.248   -0.244  17.371  1.00 30.71 ? 217 HOH A O   1 
HETATM 1310 O  O   . HOH D 4 .   ? -7.887  -10.808 1.328   1.00 38.60 ? 218 HOH A O   1 
HETATM 1311 O  O   . HOH D 4 .   ? -13.531 0.717   8.781   1.00 47.97 ? 219 HOH A O   1 
HETATM 1312 O  O   . HOH D 4 .   ? 7.475   7.633   -0.843  1.00 37.50 ? 220 HOH A O   1 
HETATM 1313 O  O   . HOH D 4 .   ? -21.124 -3.359  -0.578  1.00 49.24 ? 221 HOH A O   1 
HETATM 1314 O  O   . HOH D 4 .   ? 15.836  -1.870  9.867   1.00 42.92 ? 222 HOH A O   1 
HETATM 1315 O  O   . HOH D 4 .   ? 11.307  -13.348 -0.827  1.00 51.65 ? 223 HOH A O   1 
HETATM 1316 O  O   . HOH D 4 .   ? 11.983  -10.484 -2.310  1.00 34.36 ? 224 HOH A O   1 
HETATM 1317 O  O   . HOH D 4 .   ? 6.572   11.095  0.462   1.00 47.12 ? 225 HOH A O   1 
HETATM 1318 O  O   . HOH D 4 .   ? -17.124 -0.678  -6.270  1.00 35.80 ? 226 HOH A O   1 
HETATM 1319 O  O   . HOH D 4 .   ? -16.815 11.213  -9.861  0.33 37.61 ? 227 HOH A O   1 
HETATM 1320 O  O   . HOH D 4 .   ? -15.286 -4.268  -5.441  1.00 38.59 ? 228 HOH A O   1 
HETATM 1321 O  O   . HOH D 4 .   ? -3.525  -0.166  15.910  1.00 36.98 ? 229 HOH A O   1 
HETATM 1322 O  O   . HOH D 4 .   ? -16.763 -7.071  2.348   1.00 44.92 ? 230 HOH A O   1 
HETATM 1323 O  O   . HOH D 4 .   ? -3.192  4.970   -17.171 1.00 50.98 ? 231 HOH A O   1 
HETATM 1324 O  O   . HOH D 4 .   ? 14.952  2.310   16.823  1.00 50.05 ? 232 HOH A O   1 
HETATM 1325 O  O   . HOH D 4 .   ? -4.842  -11.219 -10.580 1.00 44.32 ? 233 HOH A O   1 
HETATM 1326 O  O   . HOH D 4 .   ? -1.862  16.062  -4.998  1.00 31.20 ? 234 HOH A O   1 
HETATM 1327 O  O   . HOH D 4 .   ? -18.157 12.234  3.686   1.00 44.41 ? 235 HOH A O   1 
HETATM 1328 O  O   . HOH D 4 .   ? -4.697  -12.160 1.590   1.00 40.54 ? 236 HOH A O   1 
HETATM 1329 O  O   . HOH D 4 .   ? 0.076   17.242  -6.897  1.00 39.47 ? 237 HOH A O   1 
HETATM 1330 O  O   . HOH D 4 .   ? 11.968  -6.030  -12.469 1.00 43.16 ? 238 HOH A O   1 
HETATM 1331 O  O   . HOH D 4 .   ? 3.350   -14.025 2.307   1.00 36.37 ? 239 HOH A O   1 
HETATM 1332 O  O   . HOH D 4 .   ? -20.953 11.664  -0.408  1.00 41.94 ? 240 HOH A O   1 
HETATM 1333 O  O   . HOH D 4 .   ? -10.675 8.160   9.115   1.00 43.93 ? 241 HOH A O   1 
HETATM 1334 O  O   . HOH D 4 .   ? -7.095  2.466   -15.667 1.00 44.52 ? 242 HOH A O   1 
HETATM 1335 O  O   . HOH D 4 .   ? -8.688  15.964  0.118   1.00 42.92 ? 243 HOH A O   1 
HETATM 1336 O  O   . HOH D 4 .   ? -4.009  9.368   -14.708 1.00 52.41 ? 244 HOH A O   1 
HETATM 1337 O  O   . HOH D 4 .   ? -13.554 6.855   -11.526 1.00 43.12 ? 245 HOH A O   1 
HETATM 1338 O  O   . HOH D 4 .   ? -5.064  -0.508  13.789  1.00 34.54 ? 246 HOH A O   1 
HETATM 1339 O  O   . HOH D 4 .   ? 8.507   -9.875  14.668  1.00 50.69 ? 247 HOH A O   1 
HETATM 1340 O  O   . HOH D 4 .   ? -3.245  11.877  4.191   1.00 42.42 ? 248 HOH A O   1 
HETATM 1341 O  O   . HOH D 4 .   ? -8.865  2.218   -13.604 1.00 38.24 ? 249 HOH A O   1 
HETATM 1342 O  O   . HOH D 4 .   ? -10.238 -11.365 2.415   1.00 50.18 ? 250 HOH A O   1 
HETATM 1343 O  O   . HOH D 4 .   ? -4.631  -12.703 -8.422  1.00 39.96 ? 251 HOH A O   1 
HETATM 1344 O  O   . HOH D 4 .   ? -10.748 3.259   9.853   1.00 52.28 ? 252 HOH A O   1 
HETATM 1345 O  O   . HOH D 4 .   ? -1.074  -2.196  -17.825 1.00 45.97 ? 253 HOH A O   1 
HETATM 1346 O  O   . HOH D 4 .   ? 14.694  -0.303  -15.181 1.00 36.98 ? 254 HOH A O   1 
HETATM 1347 O  O   . HOH D 4 .   ? -14.456 2.797   -8.470  1.00 43.58 ? 255 HOH A O   1 
HETATM 1348 O  O   . HOH D 4 .   ? 1.847   5.995   12.198  1.00 33.99 ? 256 HOH A O   1 
HETATM 1349 O  O   . HOH D 4 .   ? 0.349   5.741   14.540  1.00 42.64 ? 257 HOH A O   1 
HETATM 1350 O  O   . HOH D 4 .   ? 12.118  -1.443  15.829  1.00 38.65 ? 258 HOH A O   1 
HETATM 1351 O  O   . HOH D 4 .   ? 1.109   10.321  5.656   1.00 49.27 ? 259 HOH A O   1 
HETATM 1352 O  O   . HOH D 4 .   ? -1.016  -6.592  -18.145 1.00 39.85 ? 260 HOH A O   1 
HETATM 1353 O  O   . HOH D 4 .   ? -8.295  22.929  -4.107  1.00 45.01 ? 261 HOH A O   1 
HETATM 1354 O  O   . HOH D 4 .   ? -12.996 1.959   6.295   1.00 42.36 ? 262 HOH A O   1 
HETATM 1355 O  O   . HOH D 4 .   ? 8.017   3.820   -10.544 1.00 38.31 ? 263 HOH A O   1 
HETATM 1356 O  O   . HOH D 4 .   ? -9.980  25.533  -4.441  1.00 50.31 ? 264 HOH A O   1 
HETATM 1357 O  O   . HOH D 4 .   ? -14.042 0.202   -9.894  1.00 47.34 ? 265 HOH A O   1 
HETATM 1358 O  O   . HOH D 4 .   ? -11.698 -1.470  -10.548 1.00 42.98 ? 266 HOH A O   1 
HETATM 1359 O  O   . HOH D 4 .   ? -14.239 -7.652  -3.829  1.00 43.63 ? 267 HOH A O   1 
HETATM 1360 O  O   . HOH D 4 .   ? -5.359  18.095  1.660   1.00 43.07 ? 268 HOH A O   1 
HETATM 1361 O  O   . HOH D 4 .   ? -0.110  18.867  -1.787  0.50 23.68 ? 269 HOH A O   1 
HETATM 1362 O  O   . HOH D 4 .   ? 1.653   -14.906 -14.850 1.00 47.52 ? 270 HOH A O   1 
HETATM 1363 O  O   . HOH D 4 .   ? -11.576 6.351   7.450   1.00 48.00 ? 271 HOH A O   1 
HETATM 1364 O  O   . HOH D 4 .   ? -17.755 -4.621  -4.429  1.00 44.37 ? 272 HOH A O   1 
HETATM 1365 O  O   . HOH D 4 .   ? 4.618   5.991   14.911  1.00 46.58 ? 273 HOH A O   1 
HETATM 1366 O  O   . HOH D 4 .   ? 12.111  -10.706 -8.708  1.00 47.71 ? 274 HOH A O   1 
HETATM 1367 O  O   . HOH D 4 .   ? 11.309  -0.101  17.833  1.00 43.32 ? 275 HOH A O   1 
HETATM 1368 O  O   . HOH D 4 .   ? -14.686 -6.900  4.554   1.00 46.91 ? 276 HOH A O   1 
HETATM 1369 O  O   . HOH D 4 .   ? 11.115  -11.047 10.623  1.00 45.92 ? 277 HOH A O   1 
HETATM 1370 O  O   . HOH D 4 .   ? 1.493   15.453  2.493   1.00 50.75 ? 278 HOH A O   1 
HETATM 1371 O  O   . HOH D 4 .   ? -6.929  -12.756 -16.003 1.00 53.64 ? 279 HOH A O   1 
HETATM 1372 O  O   . HOH D 4 .   ? -18.742 6.286   -5.254  1.00 44.30 ? 280 HOH A O   1 
HETATM 1373 O  O   . HOH D 4 .   ? 6.122   8.255   -5.002  1.00 47.37 ? 281 HOH A O   1 
HETATM 1374 O  O   . HOH D 4 .   ? 6.132   -10.797 8.973   1.00 47.90 ? 282 HOH A O   1 
HETATM 1375 O  O   . HOH D 4 .   ? 8.232   4.497   12.758  1.00 48.67 ? 283 HOH A O   1 
HETATM 1376 O  O   . HOH D 4 .   ? -6.016  3.067   11.809  1.00 44.99 ? 284 HOH A O   1 
HETATM 1377 O  O   . HOH D 4 .   ? -0.058  -15.440 7.081   1.00 44.13 ? 285 HOH A O   1 
HETATM 1378 O  O   . HOH D 4 .   ? -13.931 -11.131 9.693   1.00 48.08 ? 286 HOH A O   1 
HETATM 1379 O  O   . HOH D 4 .   ? -2.557  4.789   11.038  1.00 41.52 ? 287 HOH A O   1 
HETATM 1380 O  O   . HOH D 4 .   ? 8.386   0.338   21.304  1.00 48.29 ? 288 HOH A O   1 
HETATM 1381 O  O   . HOH D 4 .   ? -6.125  -12.906 5.333   1.00 47.27 ? 289 HOH A O   1 
HETATM 1382 O  O   . HOH D 4 .   ? 6.401   -12.878 -11.719 1.00 42.73 ? 290 HOH A O   1 
HETATM 1383 O  O   . HOH D 4 .   ? 2.397   8.854   8.388   1.00 52.38 ? 291 HOH A O   1 
HETATM 1384 O  O   . HOH D 4 .   ? -7.410  8.870   11.367  1.00 45.75 ? 292 HOH A O   1 
HETATM 1385 O  O   . HOH D 4 .   ? -4.549  -13.311 -4.071  1.00 40.84 ? 293 HOH A O   1 
HETATM 1386 O  O   . HOH D 4 .   ? 0.860   -16.688 4.940   1.00 46.95 ? 294 HOH A O   1 
HETATM 1387 O  O   . HOH D 4 .   ? -4.270  -14.742 5.057   1.00 37.43 ? 295 HOH A O   1 
HETATM 1388 O  O   A HOH D 4 .   ? 2.946   11.577  -8.597  0.50 27.06 ? 296 HOH A O   1 
HETATM 1389 O  O   B HOH D 4 .   ? 3.289   13.422  -8.229  0.50 40.19 ? 296 HOH A O   1 
HETATM 1390 O  O   . HOH D 4 .   ? -18.508 4.340   -7.013  1.00 43.75 ? 297 HOH A O   1 
HETATM 1391 O  O   . HOH D 4 .   ? -6.872  1.506   13.643  1.00 42.93 ? 298 HOH A O   1 
HETATM 1392 O  O   . HOH D 4 .   ? -7.823  -14.452 7.322   1.00 42.09 ? 299 HOH A O   1 
HETATM 1393 O  O   . HOH D 4 .   ? -0.723  -14.929 2.804   1.00 42.80 ? 300 HOH A O   1 
HETATM 1394 O  O   . HOH D 4 .   ? -9.471  -13.785 9.916   1.00 43.22 ? 301 HOH A O   1 
HETATM 1395 O  O   . HOH D 4 .   ? -0.746  2.221   16.451  1.00 34.45 ? 302 HOH A O   1 
HETATM 1396 O  O   . HOH D 4 .   ? 9.997   0.432   -20.465 1.00 51.68 ? 303 HOH A O   1 
HETATM 1397 O  O   . HOH D 4 .   ? 15.785  0.709   -19.038 1.00 48.60 ? 304 HOH A O   1 
HETATM 1398 O  O   . HOH D 4 .   ? -21.237 -3.381  2.169   1.00 58.50 ? 305 HOH A O   1 
HETATM 1399 O  O   . HOH D 4 .   ? -12.626 -11.952 12.040  1.00 53.69 ? 306 HOH A O   1 
HETATM 1400 O  O   . HOH D 4 .   ? -18.823 -8.596  5.591   1.00 63.94 ? 307 HOH A O   1 
HETATM 1401 O  O   . HOH D 4 .   ? 7.289   9.452   -2.676  1.00 48.82 ? 308 HOH A O   1 
HETATM 1402 O  O   . HOH D 4 .   ? 2.656   9.084   -9.518  1.00 52.08 ? 309 HOH A O   1 
HETATM 1403 O  O   . HOH D 4 .   ? 0.993   8.672   -11.858 1.00 50.60 ? 310 HOH A O   1 
HETATM 1404 O  O   . HOH D 4 .   ? 13.591  5.386   5.965   1.00 41.89 ? 311 HOH A O   1 
HETATM 1405 O  O   . HOH D 4 .   ? 3.965   -3.528  -17.866 1.00 41.09 ? 312 HOH A O   1 
HETATM 1406 O  O   . HOH D 4 .   ? 15.556  -9.290  -4.799  1.00 43.70 ? 313 HOH A O   1 
HETATM 1407 O  O   . HOH D 4 .   ? 5.818   -10.462 14.209  0.50 25.24 ? 314 HOH A O   1 
HETATM 1408 O  O   . HOH D 4 .   ? 15.756  2.181   -15.483 1.00 47.43 ? 315 HOH A O   1 
HETATM 1409 O  O   . HOH D 4 .   ? -2.526  -13.917 -15.520 1.00 51.08 ? 316 HOH A O   1 
HETATM 1410 O  O   . HOH D 4 .   ? 9.875   -14.898 -4.216  1.00 52.51 ? 317 HOH A O   1 
HETATM 1411 O  O   . HOH D 4 .   ? -9.885  12.261  9.535   1.00 45.11 ? 318 HOH A O   1 
HETATM 1412 O  O   . HOH D 4 .   ? -6.990  -9.575  -9.761  1.00 47.47 ? 319 HOH A O   1 
HETATM 1413 O  O   . HOH D 4 .   ? -7.055  -12.498 -7.389  1.00 54.79 ? 320 HOH A O   1 
HETATM 1414 O  O   . HOH D 4 .   ? 2.817   -14.696 5.456   1.00 49.17 ? 321 HOH A O   1 
HETATM 1415 O  O   . HOH D 4 .   ? -3.989  -15.902 -17.442 1.00 58.60 ? 322 HOH A O   1 
HETATM 1416 O  O   . HOH D 4 .   ? -5.173  -13.551 -13.959 1.00 55.35 ? 323 HOH A O   1 
HETATM 1417 O  O   . HOH D 4 .   ? 13.989  -8.709  -10.865 0.50 29.57 ? 324 HOH A O   1 
HETATM 1418 O  O   . HOH D 4 .   ? 16.023  -0.950  -13.035 1.00 52.14 ? 325 HOH A O   1 
HETATM 1419 O  O   . HOH D 4 .   ? 18.019  1.410   -12.674 1.00 50.33 ? 326 HOH A O   1 
HETATM 1420 O  O   . HOH D 4 .   ? 12.663  -3.398  -12.163 1.00 46.58 ? 327 HOH A O   1 
HETATM 1421 O  O   . HOH D 4 .   ? -19.413 4.374   -0.126  1.00 43.49 ? 328 HOH A O   1 
HETATM 1422 O  O   . HOH D 4 .   ? -9.717  14.521  9.937   1.00 54.16 ? 329 HOH A O   1 
HETATM 1423 O  O   . HOH D 4 .   ? 13.554  -11.058 3.352   1.00 47.47 ? 330 HOH A O   1 
HETATM 1424 O  O   . HOH D 4 .   ? 13.268  -9.804  9.898   1.00 50.64 ? 331 HOH A O   1 
HETATM 1425 O  O   . HOH D 4 .   ? 2.525   -16.018 -4.694  1.00 49.97 ? 332 HOH A O   1 
HETATM 1426 O  O   . HOH D 4 .   ? 0.138   -16.147 -5.020  1.00 47.55 ? 333 HOH A O   1 
# 
